data_3DCL
#
_entry.id   3DCL
#
_cell.length_a   164.578
_cell.length_b   164.578
_cell.length_c   97.815
_cell.angle_alpha   90.00
_cell.angle_beta   90.00
_cell.angle_gamma   120.00
#
_symmetry.space_group_name_H-M   'P 32 2 1'
#
loop_
_entity.id
_entity.type
_entity.pdbx_description
1 polymer TM1086
2 non-polymer 'SULFATE ION'
3 non-polymer 'CHLORIDE ION'
4 non-polymer 'POTASSIUM ION'
5 water water
#
_entity_poly.entity_id   1
_entity_poly.type   'polypeptide(L)'
_entity_poly.pdbx_seq_one_letter_code
;GH(MSE)RTNKDRLVRISVVGEIAPAK(MSE)RSPYSVTTEGTVRVIPVLGGITYNVKVGDSAYGWAGDHVEPGVSV
(MSE)ARRKEEEIPL(MSE)TLSCIGNEVIV(MSE)SGDAKGSRGFVTGKHGGVNHVLVHFEEEVLGKL(MSE)VGDKIL
IKAWGQGLKLLDHPDVKV(MSE)NIDPDLFEKLGIQEKNGKIHVPVVAKIPAH(MSE)(MSE)GSGIGASSSASTDYDI
(MSE)ASNPEDLGVADLKLGDIVAIQDHDNSYGVGKYRKGAVSIGVVVHSACVSAGHGPGVVVI(MSE)TGDESKILPEE
VERANISDYLVR
;
_entity_poly.pdbx_strand_id   A,B,C,D,E
#
loop_
_chem_comp.id
_chem_comp.type
_chem_comp.name
_chem_comp.formula
CL non-polymer 'CHLORIDE ION' 'Cl -1'
K non-polymer 'POTASSIUM ION' 'K 1'
SO4 non-polymer 'SULFATE ION' 'O4 S -2'
#
# COMPACT_ATOMS: atom_id res chain seq x y z
N GLY A 1 11.16 38.12 36.62
CA GLY A 1 9.85 38.13 35.90
C GLY A 1 9.72 37.08 34.78
N HIS A 2 8.69 37.28 33.96
CA HIS A 2 8.33 36.30 32.92
C HIS A 2 8.52 36.99 31.54
N MSE A 3 9.29 36.43 30.56
CA MSE A 3 9.43 37.19 29.32
C MSE A 3 8.07 37.35 28.65
O MSE A 3 7.34 36.36 28.51
CB MSE A 3 10.34 36.43 28.35
CG MSE A 3 11.08 37.32 27.43
SE MSE A 3 12.93 37.31 27.91
CE MSE A 3 13.57 35.80 26.81
N ARG A 4 7.71 38.57 28.26
CA ARG A 4 6.46 38.78 27.49
C ARG A 4 6.61 38.19 26.10
N THR A 5 5.71 37.28 25.75
CA THR A 5 5.68 36.72 24.40
C THR A 5 4.29 36.80 23.77
N ASN A 6 4.23 36.49 22.48
CA ASN A 6 2.97 36.36 21.72
C ASN A 6 2.42 34.92 21.74
N LYS A 7 2.84 34.16 22.74
CA LYS A 7 2.48 32.75 22.91
C LYS A 7 1.03 32.40 22.57
N ASP A 8 0.12 33.27 22.97
CA ASP A 8 -1.31 33.00 22.78
C ASP A 8 -1.81 33.20 21.33
N ARG A 9 -1.01 33.84 20.47
CA ARG A 9 -1.34 33.95 19.06
C ARG A 9 -0.79 32.80 18.21
N LEU A 10 -0.03 31.90 18.85
CA LEU A 10 0.66 30.84 18.16
C LEU A 10 -0.28 29.73 17.77
N VAL A 11 -0.04 29.17 16.58
CA VAL A 11 -0.85 28.06 16.06
C VAL A 11 -0.17 26.75 16.34
N ARG A 12 -0.95 25.81 16.87
CA ARG A 12 -0.48 24.45 17.17
C ARG A 12 -1.14 23.47 16.21
N ILE A 13 -0.31 22.67 15.53
CA ILE A 13 -0.74 21.90 14.37
C ILE A 13 -0.07 20.54 14.31
N SER A 14 -0.79 19.57 13.77
CA SER A 14 -0.28 18.20 13.61
C SER A 14 0.74 18.11 12.49
N VAL A 15 1.95 17.70 12.85
CA VAL A 15 3.04 17.40 11.91
C VAL A 15 3.37 15.89 11.98
N VAL A 16 3.22 15.23 10.85
CA VAL A 16 3.32 13.79 10.75
C VAL A 16 4.61 13.35 10.06
N GLY A 17 5.08 12.19 10.50
CA GLY A 17 6.15 11.45 9.85
C GLY A 17 6.09 9.98 10.26
N GLU A 18 7.21 9.30 10.06
CA GLU A 18 7.35 7.90 10.38
C GLU A 18 8.80 7.67 10.77
N ILE A 19 9.04 6.64 11.55
CA ILE A 19 10.40 6.33 12.01
C ILE A 19 11.24 5.96 10.76
N ALA A 20 12.37 6.64 10.64
CA ALA A 20 13.23 6.50 9.46
C ALA A 20 14.11 5.28 9.61
N PRO A 21 14.45 4.63 8.49
CA PRO A 21 15.46 3.59 8.59
C PRO A 21 16.85 4.19 8.87
N ALA A 22 17.78 3.34 9.32
CA ALA A 22 19.20 3.67 9.28
C ALA A 22 19.52 3.91 7.82
N LYS A 23 20.23 4.99 7.53
CA LYS A 23 20.52 5.34 6.14
C LYS A 23 22.00 5.37 5.88
N MSE A 24 22.39 4.77 4.77
CA MSE A 24 23.76 4.81 4.30
C MSE A 24 23.78 4.78 2.78
O MSE A 24 23.22 3.85 2.17
CB MSE A 24 24.51 3.58 4.79
CG MSE A 24 24.59 3.44 6.28
SE MSE A 24 25.77 1.95 6.72
CE MSE A 24 27.55 2.76 6.37
N ARG A 25 24.46 5.75 2.17
CA ARG A 25 24.59 5.80 0.71
C ARG A 25 25.82 5.06 0.21
N SER A 26 26.69 4.73 1.14
CA SER A 26 27.88 3.91 0.86
C SER A 26 28.17 3.15 2.14
N PRO A 27 28.82 1.98 2.03
CA PRO A 27 29.36 1.39 3.28
C PRO A 27 30.42 2.26 3.97
N TYR A 28 31.16 3.02 3.16
CA TYR A 28 32.28 3.85 3.62
C TYR A 28 31.89 5.30 3.96
N SER A 29 32.48 5.80 5.02
CA SER A 29 32.50 7.24 5.33
C SER A 29 33.92 7.70 5.08
N VAL A 30 34.07 8.82 4.36
CA VAL A 30 35.39 9.39 4.05
C VAL A 30 35.82 10.39 5.11
N THR A 31 37.03 10.20 5.61
CA THR A 31 37.58 11.06 6.66
C THR A 31 38.22 12.35 6.10
N THR A 32 38.59 13.23 7.02
CA THR A 32 39.32 14.45 6.71
C THR A 32 40.74 14.14 6.19
N GLU A 33 41.25 12.96 6.54
CA GLU A 33 42.56 12.48 6.06
C GLU A 33 42.48 11.71 4.73
N GLY A 34 41.29 11.61 4.18
CA GLY A 34 41.10 10.94 2.89
C GLY A 34 41.20 9.43 2.97
N THR A 35 40.84 8.91 4.13
CA THR A 35 40.74 7.48 4.38
C THR A 35 39.26 7.11 4.52
N VAL A 36 38.99 5.83 4.43
CA VAL A 36 37.61 5.31 4.55
C VAL A 36 37.45 4.46 5.80
N ARG A 37 36.27 4.57 6.38
CA ARG A 37 35.88 3.78 7.57
C ARG A 37 34.50 3.23 7.34
N VAL A 38 34.27 2.04 7.88
CA VAL A 38 32.95 1.45 7.88
C VAL A 38 32.27 1.52 9.26
N ILE A 39 31.38 2.48 9.42
CA ILE A 39 30.76 2.78 10.72
C ILE A 39 29.27 3.15 10.54
N PRO A 40 28.46 2.99 11.60
CA PRO A 40 27.08 3.48 11.60
C PRO A 40 26.97 4.98 11.43
N VAL A 41 25.86 5.39 10.80
CA VAL A 41 25.63 6.77 10.44
C VAL A 41 24.27 7.25 11.03
N LEU A 42 23.48 7.95 10.23
CA LEU A 42 22.25 8.59 10.67
C LEU A 42 21.01 7.68 10.44
N GLY A 43 19.87 8.16 10.93
CA GLY A 43 18.60 7.48 10.80
C GLY A 43 18.32 6.50 11.92
N GLY A 44 17.21 5.78 11.76
CA GLY A 44 16.88 4.66 12.62
C GLY A 44 16.51 5.02 14.06
N ILE A 45 16.35 3.97 14.85
CA ILE A 45 16.26 3.98 16.29
C ILE A 45 17.66 3.62 16.78
N THR A 46 18.33 4.59 17.38
CA THR A 46 19.68 4.37 17.89
C THR A 46 19.51 4.07 19.35
N TYR A 47 19.86 2.87 19.76
CA TYR A 47 19.51 2.36 21.11
C TYR A 47 20.43 2.87 22.24
N ASN A 48 21.67 3.26 21.94
CA ASN A 48 22.63 3.51 23.00
C ASN A 48 23.25 4.89 22.92
N VAL A 49 22.60 5.77 22.17
CA VAL A 49 23.00 7.18 22.08
C VAL A 49 21.74 8.02 22.26
N LYS A 50 21.80 8.90 23.25
CA LYS A 50 20.62 9.67 23.65
C LYS A 50 20.99 11.10 23.98
N VAL A 51 20.01 11.98 23.91
CA VAL A 51 20.20 13.38 24.29
C VAL A 51 20.80 13.42 25.71
N GLY A 52 21.83 14.22 25.91
CA GLY A 52 22.56 14.29 27.19
C GLY A 52 23.91 13.57 27.12
N ASP A 53 24.03 12.61 26.20
CA ASP A 53 25.32 11.93 25.96
C ASP A 53 26.28 12.87 25.27
N SER A 54 27.57 12.55 25.37
CA SER A 54 28.59 13.24 24.60
C SER A 54 28.32 13.12 23.10
N ALA A 55 28.63 14.18 22.37
CA ALA A 55 28.54 14.19 20.93
C ALA A 55 29.74 13.48 20.32
N TYR A 56 30.77 13.32 21.14
CA TYR A 56 32.03 12.68 20.75
C TYR A 56 32.23 11.31 21.37
N GLY A 57 33.28 10.64 20.92
CA GLY A 57 33.61 9.30 21.43
C GLY A 57 32.72 8.13 20.96
N TRP A 58 32.05 8.30 19.84
CA TRP A 58 31.31 7.19 19.23
C TRP A 58 32.01 6.79 17.92
N ALA A 59 32.09 5.49 17.68
CA ALA A 59 32.56 4.97 16.40
C ALA A 59 31.37 5.07 15.42
N GLY A 60 31.18 6.28 14.93
CA GLY A 60 30.04 6.62 14.09
C GLY A 60 30.20 7.99 13.48
N ASP A 61 29.30 8.31 12.56
CA ASP A 61 29.29 9.60 11.86
C ASP A 61 27.85 10.10 11.80
N HIS A 62 27.62 11.36 12.12
CA HIS A 62 26.25 11.92 12.04
C HIS A 62 25.23 11.15 12.87
N VAL A 63 25.69 10.48 13.90
CA VAL A 63 24.80 9.61 14.65
C VAL A 63 23.72 10.50 15.29
N GLU A 64 22.46 10.14 15.08
CA GLU A 64 21.32 10.90 15.59
C GLU A 64 20.80 10.18 16.85
N PRO A 65 20.75 10.87 17.99
CA PRO A 65 20.27 10.23 19.20
C PRO A 65 18.80 9.87 19.10
N GLY A 66 18.44 8.78 19.79
CA GLY A 66 17.05 8.35 19.91
C GLY A 66 16.43 7.96 18.58
N VAL A 67 15.27 8.54 18.29
CA VAL A 67 14.46 8.15 17.14
C VAL A 67 14.49 9.24 16.08
N SER A 68 14.89 8.83 14.89
CA SER A 68 14.90 9.69 13.72
C SER A 68 13.56 9.53 12.98
N VAL A 69 12.93 10.67 12.71
CA VAL A 69 11.61 10.73 12.11
C VAL A 69 11.71 11.43 10.77
N MSE A 70 11.29 10.74 9.71
CA MSE A 70 11.29 11.29 8.38
C MSE A 70 9.85 11.49 7.86
O MSE A 70 8.88 11.03 8.45
CB MSE A 70 12.03 10.37 7.42
CG MSE A 70 11.32 9.06 7.10
SE MSE A 70 12.39 7.99 5.85
CE MSE A 70 12.07 9.13 4.24
N ALA A 71 9.74 12.16 6.74
CA ALA A 71 8.43 12.47 6.15
C ALA A 71 7.87 11.23 5.43
N ARG A 72 6.54 11.15 5.29
CA ARG A 72 5.90 10.07 4.51
C ARG A 72 6.21 10.18 3.03
N ARG A 73 6.52 11.38 2.59
CA ARG A 73 6.86 11.64 1.17
C ARG A 73 7.54 12.99 1.10
N LYS A 74 8.18 13.25 -0.04
CA LYS A 74 8.99 14.44 -0.21
C LYS A 74 8.23 15.75 0.04
N GLU A 75 7.01 15.80 -0.46
CA GLU A 75 6.15 16.98 -0.34
C GLU A 75 5.86 17.38 1.12
N GLU A 76 6.01 16.42 2.02
CA GLU A 76 5.76 16.63 3.46
C GLU A 76 7.01 16.95 4.27
N GLU A 77 8.16 17.05 3.61
CA GLU A 77 9.44 17.33 4.31
C GLU A 77 9.52 18.73 4.85
N ILE A 78 9.15 19.72 4.04
CA ILE A 78 9.25 21.15 4.44
C ILE A 78 8.46 21.45 5.75
N PRO A 79 7.19 21.03 5.82
CA PRO A 79 6.47 21.28 7.09
C PRO A 79 7.02 20.47 8.28
N LEU A 80 7.41 19.23 8.06
CA LEU A 80 8.04 18.45 9.10
C LEU A 80 9.22 19.21 9.70
N MSE A 81 10.12 19.64 8.84
CA MSE A 81 11.36 20.29 9.26
C MSE A 81 11.15 21.72 9.75
O MSE A 81 11.91 22.22 10.54
CB MSE A 81 12.33 20.31 8.08
CG MSE A 81 12.77 18.95 7.66
SE MSE A 81 13.70 17.97 9.14
CE MSE A 81 15.17 19.25 9.50
N THR A 82 10.14 22.40 9.23
CA THR A 82 9.93 23.82 9.55
C THR A 82 9.20 23.97 10.88
N LEU A 83 8.09 23.22 11.04
CA LEU A 83 7.16 23.47 12.14
C LEU A 83 7.56 22.77 13.43
N SER A 84 8.33 21.70 13.31
CA SER A 84 8.77 20.91 14.47
C SER A 84 9.81 21.68 15.30
N CYS A 85 9.46 21.91 16.57
CA CYS A 85 10.26 22.72 17.48
C CYS A 85 10.80 21.87 18.64
N ILE A 86 12.03 22.17 19.04
CA ILE A 86 12.69 21.47 20.15
C ILE A 86 11.81 21.58 21.41
N GLY A 87 11.53 20.42 21.99
CA GLY A 87 10.67 20.36 23.16
C GLY A 87 9.20 20.02 22.85
N ASN A 88 8.82 19.98 21.57
CA ASN A 88 7.44 19.67 21.22
C ASN A 88 7.13 18.24 21.59
N GLU A 89 5.85 18.05 21.95
CA GLU A 89 5.33 16.75 22.25
C GLU A 89 5.24 15.87 21.00
N VAL A 90 5.63 14.60 21.17
CA VAL A 90 5.59 13.59 20.09
C VAL A 90 4.84 12.35 20.57
N ILE A 91 3.90 11.87 19.75
CA ILE A 91 3.09 10.70 20.12
C ILE A 91 3.21 9.60 19.06
N VAL A 92 3.48 8.39 19.52
CA VAL A 92 3.55 7.23 18.64
C VAL A 92 2.11 6.79 18.31
N MSE A 93 1.83 6.71 17.02
CA MSE A 93 0.46 6.55 16.53
C MSE A 93 0.17 5.21 15.87
O MSE A 93 -0.96 4.96 15.48
CB MSE A 93 0.16 7.68 15.54
CG MSE A 93 0.16 9.07 16.18
SE MSE A 93 -1.11 9.25 17.71
CE MSE A 93 -2.84 8.92 16.89
N SER A 94 1.19 4.36 15.71
CA SER A 94 1.02 2.98 15.24
C SER A 94 2.12 2.11 15.85
N GLY A 95 1.95 0.78 15.74
CA GLY A 95 2.94 -0.21 16.21
C GLY A 95 2.77 -0.58 17.68
N ASP A 96 3.73 -1.31 18.20
CA ASP A 96 3.64 -1.83 19.58
C ASP A 96 3.75 -0.78 20.68
N ALA A 97 4.34 0.36 20.38
CA ALA A 97 4.49 1.43 21.40
C ALA A 97 3.45 2.52 21.19
N LYS A 98 2.38 2.20 20.47
CA LYS A 98 1.31 3.18 20.21
C LYS A 98 0.84 3.89 21.50
N GLY A 99 0.81 5.21 21.48
CA GLY A 99 0.34 5.97 22.65
C GLY A 99 1.50 6.49 23.52
N SER A 100 2.68 5.96 23.29
CA SER A 100 3.89 6.47 23.92
C SER A 100 4.20 7.92 23.53
N ARG A 101 4.70 8.67 24.50
CA ARG A 101 4.95 10.06 24.29
C ARG A 101 6.42 10.40 24.50
N GLY A 102 6.93 11.30 23.67
CA GLY A 102 8.28 11.79 23.82
C GLY A 102 8.37 13.27 23.53
N PHE A 103 9.61 13.72 23.30
CA PHE A 103 9.91 15.12 23.01
C PHE A 103 10.85 15.20 21.81
N VAL A 104 10.67 16.25 21.00
CA VAL A 104 11.64 16.63 19.96
C VAL A 104 12.94 17.18 20.63
N THR A 105 14.07 16.61 20.26
CA THR A 105 15.38 17.01 20.76
C THR A 105 16.14 17.86 19.72
N GLY A 106 15.72 17.76 18.48
CA GLY A 106 16.48 18.38 17.39
C GLY A 106 15.96 18.02 16.02
N LYS A 107 16.63 18.50 15.01
CA LYS A 107 16.30 18.15 13.64
C LYS A 107 17.54 18.37 12.83
N HIS A 108 17.61 17.63 11.73
CA HIS A 108 18.81 17.53 10.89
C HIS A 108 18.43 17.61 9.41
N GLY A 109 18.96 18.64 8.75
CA GLY A 109 18.66 18.92 7.37
C GLY A 109 19.40 18.02 6.39
N GLY A 110 18.95 18.01 5.16
CA GLY A 110 19.52 17.15 4.12
C GLY A 110 18.63 15.94 3.98
N VAL A 111 18.87 14.92 4.82
CA VAL A 111 17.97 13.76 4.94
C VAL A 111 16.63 14.17 5.52
N ASN A 112 16.65 15.27 6.28
CA ASN A 112 15.45 15.90 6.84
C ASN A 112 14.76 15.00 7.83
N HIS A 113 15.45 14.81 8.96
CA HIS A 113 14.95 14.03 10.09
C HIS A 113 14.68 14.93 11.28
N VAL A 114 13.58 14.67 11.95
CA VAL A 114 13.32 15.26 13.24
C VAL A 114 13.67 14.20 14.27
N LEU A 115 14.37 14.60 15.33
CA LEU A 115 14.94 13.65 16.30
C LEU A 115 14.16 13.73 17.58
N VAL A 116 13.88 12.55 18.14
CA VAL A 116 12.92 12.41 19.23
C VAL A 116 13.47 11.55 20.34
N HIS A 117 13.27 12.04 21.56
CA HIS A 117 13.52 11.29 22.75
C HIS A 117 12.25 10.63 23.32
N PHE A 118 12.34 9.31 23.46
CA PHE A 118 11.38 8.52 24.24
C PHE A 118 12.11 7.84 25.40
N GLU A 119 11.36 7.52 26.45
CA GLU A 119 11.90 6.72 27.55
C GLU A 119 12.42 5.40 27.02
N GLU A 120 13.47 4.93 27.65
CA GLU A 120 14.22 3.81 27.14
C GLU A 120 13.36 2.56 26.89
N GLU A 121 12.40 2.31 27.77
CA GLU A 121 11.44 1.18 27.63
C GLU A 121 10.72 1.18 26.29
N VAL A 122 10.37 2.39 25.83
CA VAL A 122 9.63 2.54 24.58
C VAL A 122 10.45 2.11 23.34
N LEU A 123 11.77 2.30 23.39
CA LEU A 123 12.59 2.12 22.17
C LEU A 123 12.61 0.70 21.67
N GLY A 124 12.55 -0.24 22.60
CA GLY A 124 12.58 -1.70 22.31
C GLY A 124 11.29 -2.20 21.69
N LYS A 125 10.26 -1.36 21.68
CA LYS A 125 8.96 -1.71 21.10
C LYS A 125 8.74 -1.03 19.73
N LEU A 126 9.61 -0.12 19.39
CA LEU A 126 9.46 0.64 18.16
C LEU A 126 9.98 -0.09 16.94
N MSE A 127 9.42 0.29 15.83
CA MSE A 127 9.77 -0.30 14.55
C MSE A 127 9.88 0.80 13.53
O MSE A 127 9.10 1.76 13.56
CB MSE A 127 8.71 -1.35 14.15
CG MSE A 127 9.01 -2.07 12.84
SE MSE A 127 10.87 -2.81 12.72
CE MSE A 127 10.66 -3.88 11.07
N VAL A 128 10.89 0.69 12.66
CA VAL A 128 11.01 1.56 11.49
C VAL A 128 9.70 1.55 10.71
N GLY A 129 9.21 2.74 10.36
CA GLY A 129 7.94 2.82 9.63
C GLY A 129 6.77 3.17 10.56
N ASP A 130 6.97 3.05 11.87
CA ASP A 130 5.88 3.36 12.82
C ASP A 130 5.53 4.84 12.65
N LYS A 131 4.23 5.12 12.71
CA LYS A 131 3.73 6.48 12.53
C LYS A 131 3.95 7.38 13.74
N ILE A 132 4.30 8.63 13.46
CA ILE A 132 4.70 9.60 14.48
C ILE A 132 3.93 10.95 14.28
N LEU A 133 3.37 11.42 15.37
CA LEU A 133 2.68 12.68 15.39
C LEU A 133 3.50 13.64 16.23
N ILE A 134 3.91 14.75 15.62
CA ILE A 134 4.49 15.87 16.34
C ILE A 134 3.39 16.95 16.48
N LYS A 135 3.13 17.37 17.70
CA LYS A 135 2.24 18.46 17.95
C LYS A 135 3.10 19.75 17.87
N ALA A 136 3.24 20.25 16.64
CA ALA A 136 4.16 21.31 16.35
C ALA A 136 3.64 22.66 16.89
N TRP A 137 4.57 23.38 17.53
CA TRP A 137 4.23 24.59 18.21
C TRP A 137 5.52 25.37 18.52
N GLY A 138 5.57 26.60 18.06
CA GLY A 138 6.68 27.47 18.42
C GLY A 138 7.09 28.48 17.38
N GLN A 139 6.91 28.13 16.11
CA GLN A 139 7.26 29.04 15.03
C GLN A 139 6.24 30.19 15.00
N GLY A 140 6.79 31.39 14.97
CA GLY A 140 6.03 32.64 15.11
C GLY A 140 6.26 33.33 16.45
N LEU A 141 6.90 32.60 17.36
CA LEU A 141 7.16 33.10 18.70
C LEU A 141 7.97 34.37 18.62
N LYS A 142 7.50 35.39 19.35
CA LYS A 142 8.18 36.67 19.50
C LYS A 142 8.34 37.11 20.96
N LEU A 143 9.45 37.77 21.25
CA LEU A 143 9.68 38.42 22.53
C LEU A 143 9.22 39.89 22.41
N LEU A 144 8.10 40.19 23.03
CA LEU A 144 7.38 41.43 22.75
C LEU A 144 8.14 42.68 23.27
N ASP A 145 9.00 42.48 24.26
CA ASP A 145 9.85 43.55 24.80
C ASP A 145 11.26 43.58 24.15
N HIS A 146 11.55 42.66 23.23
CA HIS A 146 12.86 42.54 22.60
C HIS A 146 12.68 42.23 21.13
N PRO A 147 12.08 43.18 20.38
CA PRO A 147 11.73 42.95 18.98
C PRO A 147 12.92 42.60 18.08
N ASP A 148 14.11 43.03 18.46
CA ASP A 148 15.30 42.77 17.65
C ASP A 148 16.03 41.48 18.01
N VAL A 149 15.50 40.78 19.00
CA VAL A 149 15.95 39.43 19.35
C VAL A 149 14.96 38.43 18.76
N LYS A 150 15.40 37.69 17.74
CA LYS A 150 14.55 36.72 17.08
C LYS A 150 14.69 35.37 17.79
N VAL A 151 13.57 34.68 17.92
CA VAL A 151 13.58 33.31 18.43
C VAL A 151 12.85 32.41 17.46
N MSE A 152 13.14 31.11 17.58
CA MSE A 152 12.65 30.13 16.63
C MSE A 152 12.97 28.74 17.10
O MSE A 152 13.78 28.58 18.00
CB MSE A 152 13.35 30.38 15.29
CG MSE A 152 14.87 30.33 15.46
SE MSE A 152 15.85 30.54 13.78
CE MSE A 152 15.91 32.51 13.85
N ASN A 153 12.35 27.75 16.45
CA ASN A 153 12.72 26.35 16.61
C ASN A 153 12.59 25.79 18.04
N ILE A 154 11.81 26.48 18.88
CA ILE A 154 11.80 26.18 20.30
C ILE A 154 10.38 26.22 20.87
N ASP A 155 10.00 25.11 21.48
CA ASP A 155 8.73 25.01 22.19
C ASP A 155 8.71 26.13 23.25
N PRO A 156 7.65 26.94 23.24
CA PRO A 156 7.59 28.04 24.19
C PRO A 156 7.73 27.64 25.65
N ASP A 157 7.17 26.49 26.04
CA ASP A 157 7.31 26.03 27.44
C ASP A 157 8.77 25.62 27.75
N LEU A 158 9.41 24.94 26.81
CA LEU A 158 10.81 24.58 26.99
C LEU A 158 11.70 25.85 27.05
N PHE A 159 11.35 26.85 26.24
CA PHE A 159 12.09 28.11 26.21
C PHE A 159 12.16 28.74 27.60
N GLU A 160 11.06 28.66 28.34
CA GLU A 160 10.99 29.21 29.70
C GLU A 160 11.89 28.50 30.74
N LYS A 161 12.39 27.32 30.40
CA LYS A 161 13.20 26.54 31.34
C LYS A 161 14.71 26.65 31.09
N LEU A 162 15.12 27.48 30.14
CA LEU A 162 16.52 27.54 29.70
C LEU A 162 17.39 28.47 30.54
N GLY A 163 16.83 29.03 31.60
CA GLY A 163 17.60 29.92 32.50
C GLY A 163 17.88 31.30 31.93
N ILE A 164 17.13 31.66 30.90
CA ILE A 164 17.30 32.95 30.23
C ILE A 164 16.69 34.09 31.06
N GLN A 165 17.38 35.23 31.10
CA GLN A 165 16.94 36.37 31.88
C GLN A 165 17.05 37.74 31.19
N GLU A 166 16.00 38.55 31.43
CA GLU A 166 15.94 39.96 31.07
C GLU A 166 16.66 40.80 32.10
N LYS A 167 17.50 41.72 31.64
CA LYS A 167 18.07 42.74 32.52
C LYS A 167 18.63 43.89 31.71
N ASN A 168 18.25 45.11 32.09
CA ASN A 168 18.82 46.32 31.50
C ASN A 168 18.56 46.39 29.99
N GLY A 169 17.44 45.81 29.58
CA GLY A 169 17.06 45.72 28.18
C GLY A 169 17.89 44.69 27.45
N LYS A 170 18.57 43.80 28.19
CA LYS A 170 19.41 42.74 27.58
C LYS A 170 18.97 41.36 28.03
N ILE A 171 19.23 40.38 27.19
CA ILE A 171 18.90 38.98 27.46
C ILE A 171 20.19 38.21 27.75
N HIS A 172 20.28 37.64 28.96
CA HIS A 172 21.39 36.76 29.42
C HIS A 172 21.00 35.29 29.19
N VAL A 173 21.91 34.54 28.59
CA VAL A 173 21.65 33.16 28.18
C VAL A 173 22.76 32.21 28.65
N PRO A 174 22.44 31.24 29.52
CA PRO A 174 23.44 30.25 29.89
C PRO A 174 23.83 29.38 28.69
N VAL A 175 25.13 29.19 28.49
CA VAL A 175 25.69 28.32 27.44
C VAL A 175 26.90 27.53 27.95
N VAL A 176 27.14 26.37 27.35
CA VAL A 176 28.34 25.60 27.72
C VAL A 176 29.58 26.09 26.99
N ALA A 177 29.37 26.73 25.85
CA ALA A 177 30.47 27.13 24.97
C ALA A 177 30.06 28.26 24.07
N LYS A 178 31.05 29.07 23.69
CA LYS A 178 30.88 30.14 22.70
C LYS A 178 31.79 29.77 21.54
N ILE A 179 31.19 29.59 20.37
CA ILE A 179 31.84 28.99 19.20
C ILE A 179 32.12 30.07 18.16
N PRO A 180 33.39 30.20 17.74
CA PRO A 180 33.73 31.17 16.72
C PRO A 180 33.10 30.88 15.39
N ALA A 181 32.76 31.94 14.66
CA ALA A 181 32.18 31.86 13.32
C ALA A 181 32.90 30.85 12.41
N HIS A 182 34.23 30.90 12.43
CA HIS A 182 35.03 30.03 11.53
C HIS A 182 34.91 28.53 11.85
N MSE A 183 34.34 28.18 12.99
CA MSE A 183 34.14 26.77 13.36
C MSE A 183 32.84 26.20 12.80
O MSE A 183 32.59 25.01 12.92
CB MSE A 183 34.18 26.58 14.89
CG MSE A 183 35.62 26.75 15.47
SE MSE A 183 36.92 25.40 14.76
CE MSE A 183 36.36 23.90 15.86
N MSE A 184 32.03 27.03 12.17
CA MSE A 184 30.79 26.58 11.52
C MSE A 184 31.04 26.21 10.04
O MSE A 184 31.75 26.92 9.32
CB MSE A 184 29.72 27.66 11.62
CG MSE A 184 29.50 28.14 13.02
SE MSE A 184 29.13 26.65 14.30
CE MSE A 184 27.47 25.90 13.49
N GLY A 185 30.47 25.09 9.63
CA GLY A 185 30.66 24.55 8.30
C GLY A 185 29.35 24.19 7.63
N SER A 186 29.21 22.91 7.34
CA SER A 186 28.12 22.37 6.55
C SER A 186 26.75 22.86 7.01
N GLY A 187 25.99 23.39 6.04
CA GLY A 187 24.64 23.92 6.30
C GLY A 187 24.54 25.42 6.22
N ILE A 188 25.66 26.14 6.26
CA ILE A 188 25.64 27.61 6.00
C ILE A 188 25.03 27.79 4.61
N GLY A 189 24.12 28.74 4.50
CA GLY A 189 23.51 29.07 3.26
C GLY A 189 22.18 28.40 2.98
N ALA A 190 21.77 27.49 3.85
CA ALA A 190 20.43 26.93 3.75
C ALA A 190 19.41 28.10 3.75
N SER A 191 18.29 27.91 3.06
CA SER A 191 17.28 28.95 2.90
C SER A 191 16.79 29.57 4.16
N SER A 192 16.53 28.71 5.13
CA SER A 192 15.87 29.10 6.38
C SER A 192 16.46 28.39 7.58
N SER A 193 16.89 29.16 8.57
CA SER A 193 17.32 28.63 9.87
C SER A 193 16.20 27.90 10.61
N ALA A 194 14.96 28.10 10.17
CA ALA A 194 13.78 27.43 10.78
C ALA A 194 13.69 25.96 10.37
N SER A 195 14.46 25.55 9.37
CA SER A 195 14.19 24.24 8.79
C SER A 195 15.40 23.31 8.68
N THR A 196 16.48 23.70 9.35
CA THR A 196 17.70 22.90 9.36
C THR A 196 18.62 23.19 10.52
N ASP A 197 19.59 22.31 10.69
CA ASP A 197 20.74 22.54 11.56
C ASP A 197 21.95 22.93 10.71
N TYR A 198 22.99 23.41 11.38
CA TYR A 198 24.31 23.48 10.72
C TYR A 198 25.39 23.02 11.65
N ASP A 199 26.52 22.60 11.05
CA ASP A 199 27.57 21.81 11.77
C ASP A 199 28.70 22.67 12.37
N ILE A 200 29.04 22.34 13.61
CA ILE A 200 30.28 22.80 14.22
C ILE A 200 31.38 21.87 13.78
N MSE A 201 32.35 22.36 13.03
CA MSE A 201 33.34 21.43 12.47
C MSE A 201 34.59 21.31 13.36
O MSE A 201 35.72 21.50 12.95
CB MSE A 201 33.67 21.75 11.02
CG MSE A 201 34.04 23.15 10.74
SE MSE A 201 34.74 23.32 8.89
CE MSE A 201 34.45 25.26 8.76
N ALA A 202 34.33 20.98 14.60
CA ALA A 202 35.37 20.68 15.57
C ALA A 202 35.56 19.16 15.60
N SER A 203 36.76 18.71 15.32
CA SER A 203 37.08 17.27 15.36
C SER A 203 37.11 16.70 16.77
N ASN A 204 37.50 17.56 17.71
CA ASN A 204 37.60 17.25 19.13
C ASN A 204 36.98 18.38 19.96
N PRO A 205 36.36 18.07 21.10
CA PRO A 205 35.74 19.16 21.86
C PRO A 205 36.77 20.19 22.38
N GLU A 206 38.00 19.75 22.62
CA GLU A 206 39.09 20.62 23.04
C GLU A 206 39.35 21.75 22.00
N ASP A 207 39.05 21.47 20.73
CA ASP A 207 39.11 22.50 19.69
C ASP A 207 38.14 23.66 19.96
N LEU A 208 37.16 23.43 20.83
CA LEU A 208 36.22 24.49 21.23
C LEU A 208 36.51 25.06 22.60
N GLY A 209 37.62 24.63 23.20
CA GLY A 209 37.97 25.08 24.55
C GLY A 209 37.17 24.43 25.68
N VAL A 210 36.54 23.29 25.41
CA VAL A 210 35.82 22.52 26.42
C VAL A 210 36.25 21.04 26.48
N ALA A 211 36.09 20.44 27.64
CA ALA A 211 36.43 19.02 27.84
C ALA A 211 35.43 18.08 27.12
N ASP A 212 34.22 18.54 26.95
CA ASP A 212 33.16 17.78 26.29
C ASP A 212 32.08 18.71 25.69
N LEU A 213 31.44 18.24 24.64
CA LEU A 213 30.24 18.86 24.11
C LEU A 213 29.24 17.73 24.01
N LYS A 214 28.07 17.96 24.59
CA LYS A 214 27.03 16.94 24.68
C LYS A 214 25.84 17.24 23.77
N LEU A 215 25.20 16.17 23.32
CA LEU A 215 23.92 16.27 22.63
C LEU A 215 22.95 16.93 23.61
N GLY A 216 22.26 17.96 23.13
CA GLY A 216 21.33 18.74 23.94
C GLY A 216 21.93 20.00 24.55
N ASP A 217 23.24 20.22 24.37
CA ASP A 217 23.90 21.40 24.96
C ASP A 217 23.42 22.69 24.28
N ILE A 218 23.29 23.72 25.10
CA ILE A 218 23.04 25.07 24.59
C ILE A 218 24.39 25.77 24.38
N VAL A 219 24.58 26.29 23.18
CA VAL A 219 25.80 26.96 22.79
C VAL A 219 25.51 28.32 22.17
N ALA A 220 26.53 29.16 22.15
CA ALA A 220 26.50 30.43 21.41
C ALA A 220 27.36 30.28 20.18
N ILE A 221 26.91 30.88 19.09
CA ILE A 221 27.72 31.04 17.87
C ILE A 221 28.02 32.50 17.69
N GLN A 222 29.30 32.83 17.76
CA GLN A 222 29.75 34.22 17.64
C GLN A 222 29.80 34.67 16.18
N ASP A 223 29.30 35.88 15.94
CA ASP A 223 29.42 36.58 14.67
C ASP A 223 28.64 35.94 13.52
N HIS A 224 27.59 35.22 13.86
CA HIS A 224 26.67 34.66 12.87
C HIS A 224 25.25 35.15 13.13
N ASP A 225 24.66 35.69 12.09
CA ASP A 225 23.25 36.04 12.08
C ASP A 225 22.42 34.93 11.39
N ASN A 226 21.39 34.48 12.08
CA ASN A 226 20.51 33.40 11.61
C ASN A 226 19.02 33.80 11.50
N SER A 227 18.77 35.08 11.26
CA SER A 227 17.42 35.63 11.21
C SER A 227 16.54 35.07 10.07
N TYR A 228 17.17 34.85 8.92
CA TYR A 228 16.52 34.32 7.72
C TYR A 228 17.27 33.06 7.24
N GLY A 229 18.16 33.17 6.26
CA GLY A 229 19.02 32.04 5.89
C GLY A 229 20.04 31.72 6.95
N VAL A 230 20.73 30.60 6.76
CA VAL A 230 21.67 30.10 7.77
C VAL A 230 23.08 30.65 7.62
N GLY A 231 23.62 31.18 8.70
CA GLY A 231 25.07 31.35 8.86
C GLY A 231 25.69 32.57 8.21
N LYS A 232 24.95 33.67 8.19
CA LYS A 232 25.52 34.90 7.67
C LYS A 232 26.57 35.37 8.68
N TYR A 233 27.81 35.49 8.22
CA TYR A 233 28.85 36.10 9.03
C TYR A 233 28.59 37.58 9.14
N ARG A 234 28.47 38.06 10.37
CA ARG A 234 28.40 39.48 10.62
C ARG A 234 29.02 39.77 11.98
N LYS A 235 30.05 40.61 11.97
CA LYS A 235 30.78 40.97 13.20
C LYS A 235 29.83 41.65 14.19
N GLY A 236 29.68 41.04 15.35
CA GLY A 236 28.81 41.58 16.41
C GLY A 236 27.47 40.89 16.53
N ALA A 237 27.12 40.07 15.54
CA ALA A 237 25.93 39.23 15.64
C ALA A 237 26.23 38.05 16.59
N VAL A 238 25.17 37.52 17.19
CA VAL A 238 25.30 36.34 18.05
C VAL A 238 24.07 35.44 17.85
N SER A 239 24.31 34.14 17.83
CA SER A 239 23.21 33.16 17.75
C SER A 239 23.35 32.22 18.92
N ILE A 240 22.22 31.72 19.39
CA ILE A 240 22.13 30.66 20.40
C ILE A 240 21.54 29.45 19.72
N GLY A 241 22.08 28.27 20.01
CA GLY A 241 21.54 27.04 19.46
C GLY A 241 21.65 25.83 20.37
N VAL A 242 21.14 24.72 19.89
CA VAL A 242 21.13 23.46 20.61
C VAL A 242 21.87 22.40 19.81
N VAL A 243 22.72 21.63 20.49
CA VAL A 243 23.47 20.57 19.79
C VAL A 243 22.52 19.39 19.57
N VAL A 244 22.43 18.90 18.34
CA VAL A 244 21.41 17.94 17.95
C VAL A 244 21.92 16.61 17.36
N HIS A 245 23.15 16.55 16.88
CA HIS A 245 23.70 15.27 16.45
C HIS A 245 25.20 15.11 16.74
N SER A 246 25.71 13.91 16.51
CA SER A 246 27.03 13.52 16.96
C SER A 246 28.12 14.04 16.04
N ALA A 247 29.35 13.94 16.52
CA ALA A 247 30.56 14.27 15.75
C ALA A 247 30.62 13.49 14.44
N CYS A 248 31.40 14.02 13.50
CA CYS A 248 31.41 13.56 12.13
C CYS A 248 32.85 13.42 11.66
N VAL A 249 33.08 12.58 10.67
CA VAL A 249 34.45 12.27 10.23
C VAL A 249 34.92 13.03 8.96
N SER A 250 33.99 13.58 8.21
CA SER A 250 34.30 14.23 6.93
C SER A 250 34.55 15.72 7.08
N ALA A 251 35.37 16.23 6.17
CA ALA A 251 35.72 17.66 6.12
C ALA A 251 34.46 18.53 6.09
N GLY A 252 34.39 19.51 7.00
CA GLY A 252 33.28 20.47 7.01
C GLY A 252 32.09 20.07 7.89
N HIS A 253 32.20 18.91 8.51
CA HIS A 253 31.12 18.39 9.32
C HIS A 253 31.51 18.24 10.78
N GLY A 254 30.50 18.13 11.63
CA GLY A 254 30.68 18.00 13.06
C GLY A 254 29.34 18.07 13.75
N PRO A 255 29.34 18.11 15.09
CA PRO A 255 28.05 18.16 15.76
C PRO A 255 27.15 19.26 15.24
N GLY A 256 25.89 18.89 15.01
CA GLY A 256 24.89 19.80 14.46
C GLY A 256 24.32 20.73 15.50
N VAL A 257 23.96 21.93 15.04
CA VAL A 257 23.33 22.94 15.88
C VAL A 257 22.05 23.47 15.24
N VAL A 258 20.96 23.45 15.98
CA VAL A 258 19.71 24.12 15.58
C VAL A 258 19.63 25.44 16.34
N VAL A 259 19.48 26.54 15.59
CA VAL A 259 19.42 27.87 16.19
C VAL A 259 18.06 28.06 16.85
N ILE A 260 18.07 28.60 18.06
CA ILE A 260 16.83 28.96 18.77
C ILE A 260 16.68 30.49 19.01
N MSE A 261 17.77 31.23 18.88
CA MSE A 261 17.77 32.69 19.06
C MSE A 261 18.89 33.36 18.25
O MSE A 261 19.96 32.78 18.03
CB MSE A 261 17.90 33.04 20.55
CG MSE A 261 18.00 34.49 20.87
SE MSE A 261 18.20 34.82 22.82
CE MSE A 261 16.69 33.75 23.47
N THR A 262 18.61 34.56 17.76
CA THR A 262 19.58 35.32 17.02
C THR A 262 19.32 36.80 17.11
N GLY A 263 20.41 37.55 17.18
CA GLY A 263 20.35 39.04 17.17
C GLY A 263 21.73 39.62 17.38
N ASP A 264 21.78 40.77 18.04
CA ASP A 264 23.01 41.53 18.23
C ASP A 264 23.67 41.29 19.62
N GLU A 265 25.01 41.36 19.65
CA GLU A 265 25.80 41.25 20.90
C GLU A 265 25.44 42.29 21.95
N SER A 266 24.90 43.43 21.52
CA SER A 266 24.40 44.45 22.44
C SER A 266 23.15 44.05 23.20
N LYS A 267 22.49 42.99 22.75
CA LYS A 267 21.21 42.56 23.31
C LYS A 267 21.23 41.16 23.90
N ILE A 268 22.07 40.29 23.35
CA ILE A 268 22.18 38.89 23.79
C ILE A 268 23.55 38.69 24.43
N LEU A 269 23.57 38.28 25.69
CA LEU A 269 24.80 38.09 26.45
C LEU A 269 24.91 36.65 26.85
N PRO A 270 25.61 35.85 26.03
CA PRO A 270 25.84 34.46 26.41
C PRO A 270 26.80 34.40 27.61
N GLU A 271 26.47 33.55 28.58
CA GLU A 271 27.25 33.41 29.77
C GLU A 271 27.56 31.95 30.03
N GLU A 272 28.85 31.68 30.08
CA GLU A 272 29.41 30.33 30.07
C GLU A 272 29.18 29.69 31.41
N VAL A 273 28.51 28.55 31.41
CA VAL A 273 28.29 27.77 32.62
C VAL A 273 28.82 26.36 32.42
N GLU A 274 28.85 25.62 33.52
CA GLU A 274 29.29 24.23 33.52
C GLU A 274 28.34 23.32 32.76
N ARG A 275 27.05 23.54 32.97
CA ARG A 275 26.03 22.70 32.39
C ARG A 275 24.83 23.53 31.88
N ALA A 276 24.47 23.29 30.64
CA ALA A 276 23.24 23.86 30.05
C ALA A 276 22.80 22.90 28.93
N ASN A 277 21.90 22.01 29.30
CA ASN A 277 21.52 20.88 28.45
C ASN A 277 20.04 20.59 28.57
N ILE A 278 19.39 20.45 27.43
CA ILE A 278 17.92 20.33 27.41
C ILE A 278 17.43 19.03 28.03
N SER A 279 18.31 18.03 28.11
CA SER A 279 17.95 16.75 28.70
C SER A 279 17.53 16.93 30.17
N ASP A 280 18.04 17.97 30.81
CA ASP A 280 17.60 18.29 32.18
C ASP A 280 16.14 18.62 32.28
N TYR A 281 15.51 19.04 31.20
CA TYR A 281 14.09 19.47 31.25
C TYR A 281 13.20 18.60 30.38
N LEU A 282 13.63 17.33 30.14
CA LEU A 282 13.16 16.40 29.02
C LEU A 282 13.40 14.83 29.14
N VAL A 283 14.37 14.38 29.96
CA VAL A 283 14.62 12.93 30.15
C VAL A 283 14.18 12.43 31.55
N HIS B 2 -39.86 28.48 7.57
CA HIS B 2 -39.77 27.28 6.67
C HIS B 2 -40.07 27.58 5.21
N MSE B 3 -39.05 27.91 4.47
CA MSE B 3 -39.18 28.10 3.02
C MSE B 3 -39.48 26.78 2.28
O MSE B 3 -39.02 25.73 2.69
CB MSE B 3 -37.96 28.79 2.40
CG MSE B 3 -37.86 30.25 2.80
SE MSE B 3 -36.61 31.41 1.79
CE MSE B 3 -36.79 32.99 2.94
N ARG B 4 -40.28 26.84 1.22
CA ARG B 4 -40.53 25.68 0.36
C ARG B 4 -39.28 25.33 -0.42
N THR B 5 -38.80 24.12 -0.27
CA THR B 5 -37.62 23.66 -1.06
C THR B 5 -37.90 22.33 -1.73
N ASN B 6 -36.95 21.91 -2.56
CA ASN B 6 -36.98 20.55 -3.19
C ASN B 6 -36.19 19.52 -2.39
N LYS B 7 -36.03 19.79 -1.10
CA LYS B 7 -35.26 18.95 -0.19
C LYS B 7 -35.45 17.45 -0.38
N ASP B 8 -36.68 17.02 -0.66
CA ASP B 8 -36.97 15.59 -0.82
C ASP B 8 -36.42 14.98 -2.13
N ARG B 9 -36.10 15.84 -3.11
N ARG B 9 -36.06 15.82 -3.09
CA ARG B 9 -35.51 15.43 -4.39
CA ARG B 9 -35.53 15.32 -4.35
C ARG B 9 -34.00 15.19 -4.29
C ARG B 9 -33.99 15.27 -4.33
N LEU B 10 -33.41 15.67 -3.21
CA LEU B 10 -31.98 15.75 -3.08
C LEU B 10 -31.34 14.37 -2.82
N VAL B 11 -30.17 14.16 -3.39
CA VAL B 11 -29.44 12.88 -3.29
C VAL B 11 -28.37 13.02 -2.23
N ARG B 12 -28.34 12.04 -1.31
CA ARG B 12 -27.35 11.98 -0.23
C ARG B 12 -26.36 10.86 -0.56
N ILE B 13 -25.08 11.18 -0.54
CA ILE B 13 -24.08 10.27 -1.05
C ILE B 13 -22.76 10.31 -0.22
N SER B 14 -22.06 9.18 -0.20
CA SER B 14 -20.78 9.08 0.52
C SER B 14 -19.64 9.82 -0.18
N VAL B 15 -19.06 10.77 0.51
CA VAL B 15 -17.89 11.48 0.01
C VAL B 15 -16.76 11.21 0.95
N VAL B 16 -15.69 10.60 0.41
CA VAL B 16 -14.56 10.22 1.24
C VAL B 16 -13.28 11.04 1.06
N GLY B 17 -12.54 11.08 2.15
CA GLY B 17 -11.25 11.67 2.18
C GLY B 17 -10.43 11.12 3.32
N GLU B 18 -9.36 11.82 3.65
CA GLU B 18 -8.51 11.46 4.76
C GLU B 18 -7.99 12.71 5.41
N ILE B 19 -7.55 12.61 6.64
CA ILE B 19 -7.02 13.78 7.31
C ILE B 19 -5.72 14.18 6.60
N ALA B 20 -5.68 15.45 6.21
CA ALA B 20 -4.60 16.01 5.45
C ALA B 20 -3.45 16.40 6.39
N PRO B 21 -2.21 16.30 5.90
CA PRO B 21 -1.11 16.78 6.71
C PRO B 21 -1.09 18.29 6.67
N ALA B 22 -0.39 18.90 7.62
CA ALA B 22 -0.01 20.30 7.52
C ALA B 22 0.79 20.41 6.24
N LYS B 23 0.52 21.45 5.45
CA LYS B 23 1.20 21.61 4.15
C LYS B 23 1.88 22.96 4.04
N MSE B 24 3.12 22.91 3.56
CA MSE B 24 3.91 24.09 3.28
C MSE B 24 4.78 23.80 2.08
O MSE B 24 5.53 22.83 2.07
CB MSE B 24 4.83 24.41 4.44
CG MSE B 24 4.12 24.59 5.76
SE MSE B 24 5.45 25.20 7.08
CE MSE B 24 5.72 27.02 6.41
N ARG B 25 4.72 24.67 1.09
CA ARG B 25 5.64 24.55 -0.07
C ARG B 25 6.94 25.31 0.11
N SER B 26 7.04 26.10 1.17
CA SER B 26 8.24 26.83 1.52
C SER B 26 8.16 27.07 2.99
N PRO B 27 9.31 27.20 3.68
CA PRO B 27 9.24 27.61 5.08
C PRO B 27 8.65 29.01 5.21
N TYR B 28 8.86 29.82 4.19
CA TYR B 28 8.50 31.25 4.23
C TYR B 28 7.13 31.53 3.64
N SER B 29 6.41 32.44 4.29
CA SER B 29 5.24 33.11 3.72
C SER B 29 5.64 34.57 3.38
N VAL B 30 5.33 35.02 2.18
CA VAL B 30 5.63 36.35 1.68
C VAL B 30 4.50 37.31 2.00
N THR B 31 4.84 38.42 2.63
CA THR B 31 3.83 39.40 3.04
C THR B 31 3.54 40.39 1.92
N THR B 32 2.54 41.23 2.17
CA THR B 32 2.16 42.32 1.27
C THR B 32 3.26 43.40 1.19
N GLU B 33 4.09 43.46 2.22
CA GLU B 33 5.25 44.35 2.27
C GLU B 33 6.53 43.75 1.63
N GLY B 34 6.44 42.56 1.08
CA GLY B 34 7.59 41.90 0.43
C GLY B 34 8.64 41.38 1.40
N THR B 35 8.19 41.01 2.59
CA THR B 35 9.04 40.43 3.60
C THR B 35 8.62 38.99 3.82
N VAL B 36 9.45 38.22 4.51
CA VAL B 36 9.19 36.83 4.72
C VAL B 36 9.00 36.53 6.20
N ARG B 37 8.10 35.60 6.46
CA ARG B 37 7.78 35.13 7.82
C ARG B 37 7.74 33.64 7.79
N VAL B 38 8.20 33.01 8.88
CA VAL B 38 8.10 31.59 9.08
C VAL B 38 7.00 31.30 10.08
N ILE B 39 5.87 30.85 9.57
CA ILE B 39 4.67 30.65 10.37
C ILE B 39 3.89 29.45 9.86
N PRO B 40 3.08 28.83 10.73
CA PRO B 40 2.23 27.71 10.29
C PRO B 40 1.18 28.19 9.26
N VAL B 41 0.75 27.25 8.40
CA VAL B 41 -0.17 27.54 7.30
C VAL B 41 -1.38 26.57 7.37
N LEU B 42 -1.74 25.97 6.25
CA LEU B 42 -2.96 25.18 6.15
C LEU B 42 -2.72 23.69 6.38
N GLY B 43 -3.81 22.95 6.36
CA GLY B 43 -3.80 21.50 6.51
C GLY B 43 -3.89 21.06 7.96
N GLY B 44 -3.72 19.75 8.12
CA GLY B 44 -3.55 19.15 9.44
C GLY B 44 -4.76 19.17 10.36
N ILE B 45 -4.49 18.71 11.58
CA ILE B 45 -5.36 18.90 12.71
C ILE B 45 -4.79 20.13 13.41
N THR B 46 -5.57 21.21 13.39
CA THR B 46 -5.18 22.44 14.06
C THR B 46 -5.85 22.43 15.44
N TYR B 47 -5.02 22.31 16.48
CA TYR B 47 -5.50 22.01 17.83
C TYR B 47 -6.15 23.19 18.53
N ASN B 48 -5.80 24.41 18.15
CA ASN B 48 -6.19 25.56 18.99
C ASN B 48 -6.82 26.69 18.17
N VAL B 49 -7.33 26.33 17.01
CA VAL B 49 -8.11 27.25 16.20
C VAL B 49 -9.34 26.48 15.75
N LYS B 50 -10.51 27.02 16.04
CA LYS B 50 -11.75 26.36 15.77
C LYS B 50 -12.80 27.31 15.25
N VAL B 51 -13.82 26.74 14.60
CA VAL B 51 -14.93 27.54 14.12
C VAL B 51 -15.48 28.31 15.34
N GLY B 52 -15.77 29.58 15.14
CA GLY B 52 -16.23 30.44 16.24
C GLY B 52 -15.13 31.38 16.72
N ASP B 53 -13.88 30.98 16.54
CA ASP B 53 -12.73 31.86 16.84
C ASP B 53 -12.58 33.00 15.80
N SER B 54 -11.89 34.04 16.22
CA SER B 54 -11.50 35.10 15.33
C SER B 54 -10.70 34.55 14.17
N ALA B 55 -10.94 35.11 12.99
CA ALA B 55 -10.17 34.81 11.76
C ALA B 55 -8.83 35.55 11.82
N TYR B 56 -8.78 36.57 12.68
CA TYR B 56 -7.58 37.42 12.85
C TYR B 56 -6.86 37.12 14.14
N GLY B 57 -5.67 37.71 14.30
CA GLY B 57 -4.87 37.57 15.52
C GLY B 57 -4.12 36.25 15.74
N TRP B 58 -3.90 35.50 14.67
CA TRP B 58 -3.06 34.30 14.73
C TRP B 58 -1.75 34.57 14.00
N ALA B 59 -0.65 34.08 14.58
CA ALA B 59 0.63 34.07 13.91
C ALA B 59 0.62 32.87 12.95
N GLY B 60 -0.06 33.06 11.83
CA GLY B 60 -0.28 32.01 10.85
C GLY B 60 -0.88 32.57 9.57
N ASP B 61 -0.94 31.74 8.53
CA ASP B 61 -1.44 32.17 7.23
C ASP B 61 -2.35 31.06 6.72
N HIS B 62 -3.53 31.40 6.22
CA HIS B 62 -4.45 30.39 5.63
C HIS B 62 -4.79 29.29 6.64
N VAL B 63 -4.78 29.61 7.92
CA VAL B 63 -4.94 28.57 8.91
C VAL B 63 -6.37 28.05 8.82
N GLU B 64 -6.49 26.73 8.74
CA GLU B 64 -7.76 26.06 8.61
C GLU B 64 -8.16 25.53 9.98
N PRO B 65 -9.31 25.96 10.48
CA PRO B 65 -9.74 25.50 11.81
C PRO B 65 -10.06 24.03 11.83
N GLY B 66 -9.84 23.41 12.98
CA GLY B 66 -10.20 22.00 13.20
C GLY B 66 -9.40 21.08 12.30
N VAL B 67 -10.13 20.19 11.61
CA VAL B 67 -9.52 19.09 10.87
C VAL B 67 -9.69 19.35 9.40
N SER B 68 -8.57 19.35 8.67
CA SER B 68 -8.53 19.46 7.22
C SER B 68 -8.56 18.09 6.57
N VAL B 69 -9.45 17.93 5.60
CA VAL B 69 -9.69 16.66 4.94
C VAL B 69 -9.41 16.82 3.47
N MSE B 70 -8.52 15.99 2.98
CA MSE B 70 -8.16 15.97 1.58
C MSE B 70 -8.62 14.68 0.92
O MSE B 70 -9.08 13.73 1.58
CB MSE B 70 -6.66 16.12 1.43
CG MSE B 70 -5.83 14.92 1.91
SE MSE B 70 -3.91 15.22 1.59
CE MSE B 70 -3.93 14.74 -0.35
N ALA B 71 -8.46 14.63 -0.42
CA ALA B 71 -8.89 13.50 -1.19
C ALA B 71 -7.83 12.40 -1.08
N ARG B 72 -8.25 11.15 -1.31
CA ARG B 72 -7.32 10.01 -1.39
C ARG B 72 -6.40 10.09 -2.60
N ARG B 73 -6.87 10.77 -3.64
CA ARG B 73 -6.10 10.94 -4.88
C ARG B 73 -6.75 12.07 -5.72
N LYS B 74 -6.01 12.57 -6.70
CA LYS B 74 -6.43 13.76 -7.46
C LYS B 74 -7.83 13.61 -8.06
N GLU B 75 -8.09 12.44 -8.63
CA GLU B 75 -9.36 12.14 -9.30
C GLU B 75 -10.61 12.33 -8.40
N GLU B 76 -10.38 12.18 -7.11
CA GLU B 76 -11.45 12.26 -6.13
C GLU B 76 -11.60 13.64 -5.48
N GLU B 77 -10.79 14.62 -5.95
CA GLU B 77 -10.86 16.00 -5.43
C GLU B 77 -12.16 16.73 -5.81
N ILE B 78 -12.55 16.63 -7.09
CA ILE B 78 -13.74 17.36 -7.57
C ILE B 78 -15.05 16.97 -6.78
N PRO B 79 -15.37 15.67 -6.66
CA PRO B 79 -16.55 15.35 -5.84
C PRO B 79 -16.43 15.73 -4.35
N LEU B 80 -15.25 15.56 -3.78
CA LEU B 80 -15.02 15.98 -2.40
C LEU B 80 -15.40 17.42 -2.24
N MSE B 81 -14.85 18.24 -3.14
CA MSE B 81 -15.01 19.69 -3.06
C MSE B 81 -16.37 20.18 -3.48
O MSE B 81 -16.82 21.22 -2.99
CB MSE B 81 -13.92 20.36 -3.90
CG MSE B 81 -12.50 20.14 -3.32
SE MSE B 81 -12.37 20.93 -1.49
CE MSE B 81 -12.76 22.77 -1.90
N THR B 82 -16.98 19.46 -4.41
CA THR B 82 -18.27 19.86 -4.98
C THR B 82 -19.44 19.44 -4.07
N LEU B 83 -19.42 18.20 -3.58
CA LEU B 83 -20.62 17.67 -2.92
C LEU B 83 -20.69 17.99 -1.45
N SER B 84 -19.55 18.24 -0.83
CA SER B 84 -19.50 18.53 0.59
C SER B 84 -20.15 19.91 0.88
N CYS B 85 -21.12 19.89 1.79
CA CYS B 85 -21.84 21.08 2.15
C CYS B 85 -21.66 21.42 3.61
N ILE B 86 -21.58 22.72 3.88
CA ILE B 86 -21.41 23.21 5.23
C ILE B 86 -22.57 22.68 6.07
N GLY B 87 -22.23 22.08 7.20
CA GLY B 87 -23.19 21.46 8.10
C GLY B 87 -23.39 19.97 7.87
N ASN B 88 -22.84 19.41 6.78
CA ASN B 88 -23.00 17.98 6.56
C ASN B 88 -22.34 17.19 7.70
N GLU B 89 -22.92 16.04 8.00
CA GLU B 89 -22.34 15.12 8.98
C GLU B 89 -21.05 14.45 8.44
N VAL B 90 -20.07 14.29 9.34
CA VAL B 90 -18.77 13.70 9.05
C VAL B 90 -18.49 12.62 10.09
N ILE B 91 -18.07 11.46 9.61
CA ILE B 91 -17.75 10.35 10.50
C ILE B 91 -16.31 9.89 10.27
N VAL B 92 -15.62 9.69 11.39
CA VAL B 92 -14.27 9.14 11.41
C VAL B 92 -14.38 7.63 11.20
N MSE B 93 -13.68 7.12 10.19
CA MSE B 93 -13.87 5.72 9.77
C MSE B 93 -12.68 4.81 10.04
O MSE B 93 -12.77 3.61 9.77
CB MSE B 93 -14.25 5.70 8.30
CG MSE B 93 -15.59 6.35 8.02
SE MSE B 93 -17.10 5.57 9.04
CE MSE B 93 -16.99 3.70 8.51
N SER B 94 -11.58 5.38 10.52
CA SER B 94 -10.42 4.58 10.97
C SER B 94 -9.69 5.32 12.08
N GLY B 95 -8.74 4.62 12.71
CA GLY B 95 -7.85 5.21 13.71
C GLY B 95 -8.49 5.18 15.08
N ASP B 96 -7.89 5.87 16.03
CA ASP B 96 -8.34 5.81 17.44
C ASP B 96 -9.67 6.52 17.74
N ALA B 97 -10.08 7.42 16.85
CA ALA B 97 -11.33 8.17 17.01
C ALA B 97 -12.43 7.62 16.13
N LYS B 98 -12.23 6.39 15.65
CA LYS B 98 -13.20 5.76 14.79
C LYS B 98 -14.60 5.84 15.40
N GLY B 99 -15.57 6.32 14.62
CA GLY B 99 -16.96 6.40 15.06
C GLY B 99 -17.37 7.78 15.53
N SER B 100 -16.39 8.63 15.80
CA SER B 100 -16.62 10.04 16.17
C SER B 100 -17.29 10.84 15.03
N ARG B 101 -18.20 11.73 15.42
CA ARG B 101 -18.96 12.51 14.46
C ARG B 101 -18.72 14.00 14.59
N GLY B 102 -18.63 14.63 13.43
CA GLY B 102 -18.45 16.07 13.35
C GLY B 102 -19.29 16.65 12.23
N PHE B 103 -19.03 17.91 11.90
CA PHE B 103 -19.74 18.57 10.82
C PHE B 103 -18.81 19.45 10.01
N VAL B 104 -19.11 19.55 8.73
CA VAL B 104 -18.35 20.40 7.78
C VAL B 104 -18.58 21.88 8.11
N THR B 105 -17.47 22.58 8.30
CA THR B 105 -17.51 24.01 8.58
C THR B 105 -17.20 24.88 7.35
N GLY B 106 -16.59 24.26 6.35
CA GLY B 106 -16.09 24.99 5.23
C GLY B 106 -15.31 24.10 4.28
N LYS B 107 -14.82 24.73 3.23
CA LYS B 107 -13.94 24.10 2.27
C LYS B 107 -13.10 25.17 1.65
N HIS B 108 -11.92 24.75 1.20
CA HIS B 108 -10.88 25.63 0.72
C HIS B 108 -10.30 25.05 -0.58
N GLY B 109 -10.40 25.83 -1.65
CA GLY B 109 -9.93 25.40 -2.94
C GLY B 109 -8.45 25.62 -3.11
N GLY B 110 -7.89 25.02 -4.15
CA GLY B 110 -6.44 25.05 -4.36
C GLY B 110 -5.90 23.73 -3.91
N VAL B 111 -5.58 23.67 -2.62
CA VAL B 111 -5.19 22.41 -1.97
C VAL B 111 -6.38 21.44 -1.90
N ASN B 112 -7.57 22.02 -1.93
CA ASN B 112 -8.84 21.28 -1.97
C ASN B 112 -9.04 20.48 -0.69
N HIS B 113 -9.27 21.24 0.38
CA HIS B 113 -9.55 20.69 1.71
C HIS B 113 -10.97 20.96 2.10
N VAL B 114 -11.60 19.96 2.71
CA VAL B 114 -12.87 20.16 3.39
C VAL B 114 -12.54 20.25 4.89
N LEU B 115 -13.16 21.18 5.58
CA LEU B 115 -12.80 21.53 6.96
C LEU B 115 -13.89 21.08 7.88
N VAL B 116 -13.51 20.46 9.00
CA VAL B 116 -14.45 19.75 9.81
C VAL B 116 -14.26 20.04 11.30
N HIS B 117 -15.38 20.28 11.95
CA HIS B 117 -15.39 20.42 13.40
C HIS B 117 -15.78 19.15 14.10
N PHE B 118 -14.90 18.67 14.96
CA PHE B 118 -15.19 17.63 15.95
C PHE B 118 -15.09 18.23 17.34
N GLU B 119 -15.72 17.55 18.30
CA GLU B 119 -15.59 17.95 19.71
C GLU B 119 -14.14 17.80 20.14
N GLU B 120 -13.74 18.67 21.05
CA GLU B 120 -12.34 18.85 21.43
C GLU B 120 -11.64 17.56 21.81
N GLU B 121 -12.36 16.73 22.57
CA GLU B 121 -11.84 15.44 23.09
C GLU B 121 -11.42 14.51 21.95
N VAL B 122 -12.09 14.61 20.82
CA VAL B 122 -11.76 13.79 19.64
C VAL B 122 -10.37 14.11 19.06
N LEU B 123 -10.03 15.40 19.06
CA LEU B 123 -8.88 15.92 18.27
C LEU B 123 -7.55 15.30 18.64
N GLY B 124 -7.42 15.01 19.92
CA GLY B 124 -6.22 14.38 20.44
C GLY B 124 -6.08 12.91 20.10
N LYS B 125 -7.12 12.30 19.57
CA LYS B 125 -7.06 10.90 19.15
C LYS B 125 -6.81 10.73 17.65
N LEU B 126 -6.94 11.83 16.92
CA LEU B 126 -6.83 11.80 15.48
C LEU B 126 -5.40 11.78 15.00
N MSE B 127 -5.27 11.27 13.79
CA MSE B 127 -4.01 11.14 13.15
C MSE B 127 -4.18 11.50 11.66
O MSE B 127 -5.20 11.19 11.03
CB MSE B 127 -3.48 9.73 13.35
CG MSE B 127 -2.12 9.43 12.72
SE MSE B 127 -0.63 10.73 13.07
CE MSE B 127 0.47 10.01 11.62
N VAL B 128 -3.17 12.19 11.14
CA VAL B 128 -3.06 12.44 9.72
C VAL B 128 -3.17 11.11 8.98
N GLY B 129 -4.02 11.05 7.96
CA GLY B 129 -4.20 9.83 7.18
C GLY B 129 -5.43 9.08 7.58
N ASP B 130 -6.04 9.44 8.72
CA ASP B 130 -7.25 8.72 9.20
C ASP B 130 -8.38 8.92 8.17
N LYS B 131 -9.16 7.89 7.93
CA LYS B 131 -10.20 7.91 6.94
C LYS B 131 -11.44 8.70 7.37
N ILE B 132 -12.01 9.43 6.43
CA ILE B 132 -13.11 10.34 6.75
C ILE B 132 -14.24 10.15 5.75
N LEU B 133 -15.44 10.01 6.30
CA LEU B 133 -16.69 9.94 5.53
C LEU B 133 -17.49 11.18 5.76
N ILE B 134 -17.73 11.91 4.67
CA ILE B 134 -18.71 12.99 4.65
C ILE B 134 -19.99 12.46 3.97
N LYS B 135 -21.11 12.60 4.67
CA LYS B 135 -22.41 12.26 4.16
C LYS B 135 -22.95 13.49 3.46
N ALA B 136 -22.57 13.59 2.20
CA ALA B 136 -22.75 14.80 1.40
C ALA B 136 -24.20 15.00 0.96
N TRP B 137 -24.69 16.22 1.18
CA TRP B 137 -26.12 16.50 1.03
C TRP B 137 -26.35 18.00 0.96
N GLY B 138 -26.92 18.47 -0.14
CA GLY B 138 -27.30 19.87 -0.28
C GLY B 138 -27.19 20.46 -1.67
N GLN B 139 -26.30 19.94 -2.50
CA GLN B 139 -26.19 20.45 -3.86
C GLN B 139 -27.39 19.96 -4.67
N GLY B 140 -28.04 20.89 -5.35
CA GLY B 140 -29.30 20.65 -6.00
C GLY B 140 -30.44 21.38 -5.31
N LEU B 141 -30.18 21.85 -4.09
CA LEU B 141 -31.18 22.59 -3.29
C LEU B 141 -31.73 23.77 -4.06
N LYS B 142 -33.06 23.85 -4.10
CA LYS B 142 -33.79 24.99 -4.68
C LYS B 142 -34.86 25.56 -3.78
N LEU B 143 -35.03 26.88 -3.85
CA LEU B 143 -36.10 27.61 -3.16
C LEU B 143 -37.24 27.73 -4.15
N LEU B 144 -38.29 26.94 -3.94
CA LEU B 144 -39.31 26.79 -5.00
C LEU B 144 -40.11 28.08 -5.24
N ASP B 145 -40.20 28.92 -4.20
CA ASP B 145 -40.87 30.22 -4.33
C ASP B 145 -39.95 31.34 -4.72
N HIS B 146 -38.66 31.06 -4.82
CA HIS B 146 -37.70 32.09 -5.15
C HIS B 146 -36.73 31.55 -6.20
N PRO B 147 -37.28 31.17 -7.38
CA PRO B 147 -36.38 30.50 -8.33
C PRO B 147 -35.19 31.34 -8.78
N ASP B 148 -35.24 32.66 -8.66
CA ASP B 148 -34.11 33.52 -9.04
C ASP B 148 -33.03 33.65 -7.95
N VAL B 149 -33.31 33.12 -6.77
CA VAL B 149 -32.34 33.09 -5.70
C VAL B 149 -31.74 31.67 -5.69
N LYS B 150 -30.44 31.60 -5.97
CA LYS B 150 -29.73 30.34 -5.97
C LYS B 150 -29.07 30.07 -4.62
N VAL B 151 -29.16 28.83 -4.18
CA VAL B 151 -28.54 28.40 -2.94
C VAL B 151 -27.66 27.24 -3.25
N MSE B 152 -26.67 27.05 -2.39
CA MSE B 152 -25.62 26.04 -2.64
C MSE B 152 -24.77 25.85 -1.42
O MSE B 152 -24.78 26.66 -0.50
CB MSE B 152 -24.71 26.50 -3.78
CG MSE B 152 -23.87 27.69 -3.39
SE MSE B 152 -22.98 28.64 -4.83
CE MSE B 152 -24.54 29.49 -5.72
N ASN B 153 -23.98 24.78 -1.44
CA ASN B 153 -22.92 24.54 -0.46
C ASN B 153 -23.35 24.43 0.98
N ILE B 154 -24.64 24.19 1.18
CA ILE B 154 -25.23 24.27 2.52
C ILE B 154 -26.17 23.11 2.78
N ASP B 155 -25.92 22.45 3.90
CA ASP B 155 -26.78 21.37 4.36
C ASP B 155 -28.18 21.97 4.58
N PRO B 156 -29.21 21.34 3.99
CA PRO B 156 -30.56 21.89 4.12
C PRO B 156 -31.10 22.04 5.55
N ASP B 157 -30.69 21.18 6.47
CA ASP B 157 -31.09 21.35 7.87
C ASP B 157 -30.37 22.55 8.51
N LEU B 158 -29.09 22.72 8.21
CA LEU B 158 -28.36 23.90 8.70
C LEU B 158 -28.94 25.19 8.08
N PHE B 159 -29.32 25.10 6.81
CA PHE B 159 -29.91 26.25 6.13
C PHE B 159 -31.10 26.83 6.88
N GLU B 160 -31.92 25.97 7.45
CA GLU B 160 -33.10 26.39 8.22
C GLU B 160 -32.84 27.00 9.59
N LYS B 161 -31.59 26.98 10.04
CA LYS B 161 -31.24 27.55 11.36
C LYS B 161 -30.50 28.90 11.28
N LEU B 162 -30.37 29.43 10.06
CA LEU B 162 -29.61 30.67 9.81
C LEU B 162 -30.37 31.97 10.08
N GLY B 163 -31.61 31.85 10.55
CA GLY B 163 -32.45 33.00 10.88
C GLY B 163 -33.01 33.70 9.65
N ILE B 164 -32.97 33.04 8.52
CA ILE B 164 -33.40 33.61 7.25
C ILE B 164 -34.92 33.66 7.28
N GLN B 165 -35.47 34.83 7.05
CA GLN B 165 -36.91 35.00 7.01
C GLN B 165 -37.40 35.47 5.64
N GLU B 166 -38.50 34.87 5.21
CA GLU B 166 -39.23 35.28 4.01
C GLU B 166 -40.21 36.33 4.50
N LYS B 167 -40.06 37.56 4.05
CA LYS B 167 -41.07 38.57 4.37
C LYS B 167 -41.30 39.40 3.13
N ASN B 168 -42.49 39.25 2.56
CA ASN B 168 -42.95 40.04 1.42
C ASN B 168 -42.25 39.72 0.11
N GLY B 169 -42.05 38.44 -0.14
CA GLY B 169 -41.31 37.97 -1.32
C GLY B 169 -39.83 38.32 -1.30
N LYS B 170 -39.35 38.87 -0.18
CA LYS B 170 -37.96 39.24 -0.01
C LYS B 170 -37.34 38.38 1.07
N ILE B 171 -36.08 38.00 0.87
CA ILE B 171 -35.39 37.08 1.73
C ILE B 171 -34.44 37.84 2.62
N HIS B 172 -34.78 37.91 3.89
CA HIS B 172 -34.00 38.62 4.89
C HIS B 172 -32.96 37.69 5.49
N VAL B 173 -31.71 38.11 5.50
CA VAL B 173 -30.60 37.23 5.92
C VAL B 173 -29.75 37.93 6.97
N PRO B 174 -29.69 37.39 8.21
CA PRO B 174 -28.73 37.95 9.19
C PRO B 174 -27.28 37.76 8.81
N VAL B 175 -26.50 38.85 8.85
CA VAL B 175 -25.07 38.86 8.55
C VAL B 175 -24.28 39.69 9.55
N VAL B 176 -22.99 39.41 9.69
CA VAL B 176 -22.14 40.22 10.59
C VAL B 176 -21.54 41.44 9.89
N ALA B 177 -21.41 41.33 8.57
CA ALA B 177 -20.82 42.37 7.77
C ALA B 177 -21.26 42.25 6.33
N LYS B 178 -21.23 43.39 5.65
CA LYS B 178 -21.50 43.51 4.23
C LYS B 178 -20.18 43.98 3.62
N ILE B 179 -19.69 43.21 2.67
CA ILE B 179 -18.34 43.40 2.10
C ILE B 179 -18.43 43.92 0.65
N PRO B 180 -17.77 45.04 0.35
CA PRO B 180 -17.73 45.51 -1.01
C PRO B 180 -17.03 44.57 -1.98
N ALA B 181 -17.51 44.59 -3.21
CA ALA B 181 -16.95 43.75 -4.29
C ALA B 181 -15.42 43.88 -4.33
N HIS B 182 -14.91 45.10 -4.24
CA HIS B 182 -13.46 45.36 -4.34
C HIS B 182 -12.57 44.76 -3.24
N MSE B 183 -13.19 44.25 -2.17
CA MSE B 183 -12.49 43.57 -1.07
C MSE B 183 -12.32 42.07 -1.34
O MSE B 183 -11.67 41.37 -0.57
CB MSE B 183 -13.26 43.74 0.23
CG MSE B 183 -13.23 45.15 0.82
SE MSE B 183 -11.36 45.68 1.21
CE MSE B 183 -10.84 44.24 2.43
N MSE B 184 -12.90 41.57 -2.43
CA MSE B 184 -12.76 40.15 -2.81
C MSE B 184 -11.57 39.96 -3.74
O MSE B 184 -11.42 40.69 -4.69
CB MSE B 184 -14.00 39.57 -3.47
CG MSE B 184 -15.27 39.76 -2.66
SE MSE B 184 -15.17 39.13 -0.77
CE MSE B 184 -14.73 37.26 -1.14
N GLY B 185 -10.77 38.95 -3.45
CA GLY B 185 -9.54 38.68 -4.18
C GLY B 185 -9.43 37.23 -4.64
N SER B 186 -8.40 36.55 -4.15
CA SER B 186 -8.03 35.23 -4.63
C SER B 186 -9.24 34.31 -4.72
N GLY B 187 -9.41 33.68 -5.87
CA GLY B 187 -10.47 32.69 -6.09
C GLY B 187 -11.54 33.18 -7.08
N ILE B 188 -11.60 34.49 -7.30
CA ILE B 188 -12.46 35.00 -8.38
C ILE B 188 -12.06 34.31 -9.69
N GLY B 189 -13.08 33.88 -10.44
CA GLY B 189 -12.85 33.17 -11.68
C GLY B 189 -12.74 31.67 -11.63
N ALA B 190 -12.79 31.08 -10.45
CA ALA B 190 -12.85 29.63 -10.36
C ALA B 190 -14.12 29.15 -11.12
N SER B 191 -14.03 27.97 -11.70
CA SER B 191 -15.05 27.44 -12.59
C SER B 191 -16.44 27.39 -12.00
N SER B 192 -16.49 27.06 -10.71
CA SER B 192 -17.74 26.86 -9.99
C SER B 192 -17.69 27.28 -8.52
N SER B 193 -18.63 28.13 -8.14
CA SER B 193 -18.83 28.51 -6.75
C SER B 193 -19.19 27.36 -5.80
N ALA B 194 -19.56 26.22 -6.39
CA ALA B 194 -19.91 25.02 -5.66
C ALA B 194 -18.68 24.30 -5.15
N SER B 195 -17.50 24.63 -5.64
CA SER B 195 -16.37 23.79 -5.35
C SER B 195 -15.15 24.51 -4.78
N THR B 196 -15.34 25.75 -4.34
CA THR B 196 -14.27 26.49 -3.72
C THR B 196 -14.75 27.65 -2.87
N ASP B 197 -13.81 28.22 -2.13
CA ASP B 197 -14.01 29.48 -1.44
C ASP B 197 -13.32 30.59 -2.27
N TYR B 198 -13.56 31.84 -1.90
CA TYR B 198 -12.70 32.93 -2.33
C TYR B 198 -12.48 33.94 -1.20
N ASP B 199 -11.41 34.70 -1.33
CA ASP B 199 -10.83 35.44 -0.20
C ASP B 199 -11.31 36.87 -0.06
N ILE B 200 -11.61 37.25 1.16
CA ILE B 200 -11.79 38.66 1.55
C ILE B 200 -10.39 39.17 1.83
N MSE B 201 -9.90 40.14 1.05
CA MSE B 201 -8.53 40.61 1.24
C MSE B 201 -8.43 41.79 2.21
O MSE B 201 -7.84 42.78 1.93
CB MSE B 201 -7.82 40.91 -0.07
CG MSE B 201 -8.47 41.79 -1.01
SE MSE B 201 -7.36 42.03 -2.64
CE MSE B 201 -8.82 42.70 -3.83
N ALA B 202 -9.03 41.65 3.37
CA ALA B 202 -8.94 42.65 4.40
C ALA B 202 -7.82 42.22 5.35
N SER B 203 -6.81 43.07 5.50
CA SER B 203 -5.67 42.77 6.38
C SER B 203 -6.06 42.88 7.86
N ASN B 204 -7.06 43.71 8.14
CA ASN B 204 -7.57 43.92 9.50
C ASN B 204 -9.09 43.94 9.43
N PRO B 205 -9.79 43.49 10.50
CA PRO B 205 -11.26 43.46 10.40
C PRO B 205 -11.87 44.86 10.37
N GLU B 206 -11.16 45.83 10.91
CA GLU B 206 -11.61 47.23 10.86
C GLU B 206 -11.69 47.76 9.41
N ASP B 207 -10.90 47.18 8.50
CA ASP B 207 -11.05 47.49 7.06
C ASP B 207 -12.44 47.11 6.54
N LEU B 208 -13.15 46.22 7.24
CA LEU B 208 -14.51 45.82 6.83
C LEU B 208 -15.58 46.49 7.67
N GLY B 209 -15.18 47.44 8.51
CA GLY B 209 -16.12 48.17 9.32
C GLY B 209 -16.63 47.42 10.54
N VAL B 210 -15.89 46.41 10.98
CA VAL B 210 -16.27 45.62 12.17
C VAL B 210 -15.07 45.40 13.09
N ALA B 211 -15.35 45.22 14.37
CA ALA B 211 -14.30 45.00 15.37
C ALA B 211 -13.62 43.63 15.20
N ASP B 212 -14.39 42.65 14.74
CA ASP B 212 -13.89 41.28 14.54
C ASP B 212 -14.66 40.57 13.45
N LEU B 213 -13.97 39.63 12.80
CA LEU B 213 -14.60 38.71 11.87
C LEU B 213 -14.17 37.34 12.34
N LYS B 214 -15.14 36.47 12.57
CA LYS B 214 -14.91 35.11 13.10
C LYS B 214 -15.12 34.02 12.06
N LEU B 215 -14.35 32.97 12.22
CA LEU B 215 -14.51 31.77 11.43
C LEU B 215 -15.90 31.26 11.72
N GLY B 216 -16.64 30.95 10.66
CA GLY B 216 -18.05 30.58 10.77
C GLY B 216 -19.06 31.70 10.62
N ASP B 217 -18.59 32.93 10.52
CA ASP B 217 -19.47 34.11 10.40
C ASP B 217 -20.16 34.13 9.04
N ILE B 218 -21.41 34.57 9.06
CA ILE B 218 -22.19 34.77 7.87
C ILE B 218 -22.04 36.23 7.46
N VAL B 219 -21.64 36.39 6.19
CA VAL B 219 -21.39 37.70 5.55
C VAL B 219 -22.16 37.82 4.25
N ALA B 220 -22.32 39.07 3.83
CA ALA B 220 -22.85 39.44 2.54
C ALA B 220 -21.68 39.97 1.70
N ILE B 221 -21.69 39.63 0.42
CA ILE B 221 -20.74 40.19 -0.57
C ILE B 221 -21.58 41.00 -1.54
N GLN B 222 -21.34 42.31 -1.56
CA GLN B 222 -22.07 43.25 -2.39
C GLN B 222 -21.57 43.21 -3.84
N ASP B 223 -22.52 43.16 -4.76
CA ASP B 223 -22.25 43.34 -6.22
C ASP B 223 -21.45 42.20 -6.83
N HIS B 224 -21.53 41.03 -6.19
CA HIS B 224 -20.98 39.79 -6.78
C HIS B 224 -22.04 38.75 -7.02
N ASP B 225 -22.06 38.26 -8.25
CA ASP B 225 -22.92 37.17 -8.70
C ASP B 225 -22.09 35.87 -8.72
N ASN B 226 -22.55 34.86 -7.97
CA ASN B 226 -21.83 33.56 -7.84
C ASN B 226 -22.68 32.37 -8.31
N SER B 227 -23.52 32.63 -9.29
CA SER B 227 -24.49 31.65 -9.74
C SER B 227 -23.80 30.48 -10.45
N TYR B 228 -22.70 30.79 -11.13
CA TYR B 228 -21.93 29.76 -11.84
C TYR B 228 -20.44 29.82 -11.42
N GLY B 229 -19.62 30.50 -12.18
CA GLY B 229 -18.27 30.77 -11.72
C GLY B 229 -18.19 31.76 -10.59
N VAL B 230 -17.01 31.85 -9.99
CA VAL B 230 -16.86 32.69 -8.78
C VAL B 230 -16.54 34.17 -9.09
N GLY B 231 -17.28 35.05 -8.43
CA GLY B 231 -16.89 36.46 -8.26
C GLY B 231 -17.19 37.42 -9.40
N LYS B 232 -18.27 37.17 -10.14
CA LYS B 232 -18.65 38.06 -11.24
C LYS B 232 -19.18 39.38 -10.70
N TYR B 233 -18.46 40.46 -10.99
CA TYR B 233 -18.94 41.76 -10.58
C TYR B 233 -20.22 42.09 -11.35
N ARG B 234 -21.31 42.38 -10.64
CA ARG B 234 -22.56 42.78 -11.28
C ARG B 234 -23.29 43.76 -10.35
N LYS B 235 -23.41 45.01 -10.76
CA LYS B 235 -24.01 46.00 -9.92
C LYS B 235 -25.40 45.56 -9.49
N GLY B 236 -25.63 45.45 -8.18
CA GLY B 236 -26.97 45.08 -7.71
C GLY B 236 -27.16 43.60 -7.41
N ALA B 237 -26.16 42.80 -7.77
CA ALA B 237 -26.11 41.41 -7.33
C ALA B 237 -25.76 41.43 -5.84
N VAL B 238 -26.11 40.37 -5.13
CA VAL B 238 -25.61 40.15 -3.76
C VAL B 238 -25.37 38.64 -3.55
N SER B 239 -24.33 38.31 -2.81
CA SER B 239 -24.05 36.93 -2.39
C SER B 239 -23.98 36.88 -0.87
N ILE B 240 -24.41 35.74 -0.33
CA ILE B 240 -24.28 35.40 1.11
C ILE B 240 -23.27 34.25 1.25
N GLY B 241 -22.37 34.36 2.21
CA GLY B 241 -21.41 33.30 2.43
C GLY B 241 -21.01 33.09 3.86
N VAL B 242 -20.17 32.07 4.05
CA VAL B 242 -19.64 31.69 5.37
C VAL B 242 -18.11 31.84 5.40
N VAL B 243 -17.59 32.42 6.48
CA VAL B 243 -16.13 32.58 6.62
C VAL B 243 -15.50 31.24 7.04
N VAL B 244 -14.51 30.77 6.28
CA VAL B 244 -14.02 29.38 6.41
C VAL B 244 -12.57 29.18 6.82
N HIS B 245 -11.73 30.19 6.58
CA HIS B 245 -10.34 30.12 7.02
C HIS B 245 -9.79 31.47 7.47
N SER B 246 -8.62 31.42 8.08
CA SER B 246 -8.05 32.57 8.79
C SER B 246 -7.49 33.63 7.83
N ALA B 247 -7.12 34.76 8.43
CA ALA B 247 -6.41 35.86 7.78
C ALA B 247 -5.12 35.38 7.13
N CYS B 248 -4.66 36.13 6.15
CA CYS B 248 -3.54 35.73 5.31
C CYS B 248 -2.60 36.89 5.13
N VAL B 249 -1.32 36.60 4.85
CA VAL B 249 -0.26 37.62 4.88
C VAL B 249 0.12 38.19 3.48
N SER B 250 -0.22 37.43 2.44
CA SER B 250 0.16 37.76 1.06
C SER B 250 -0.91 38.59 0.35
N ALA B 251 -0.45 39.38 -0.61
CA ALA B 251 -1.33 40.22 -1.42
C ALA B 251 -2.44 39.41 -2.07
N GLY B 252 -3.66 39.92 -1.94
CA GLY B 252 -4.81 39.34 -2.59
C GLY B 252 -5.48 38.21 -1.82
N HIS B 253 -5.00 37.93 -0.61
CA HIS B 253 -5.55 36.86 0.21
C HIS B 253 -6.12 37.38 1.53
N GLY B 254 -6.87 36.52 2.19
CA GLY B 254 -7.46 36.86 3.48
C GLY B 254 -8.50 35.82 3.82
N PRO B 255 -9.34 36.09 4.83
CA PRO B 255 -10.26 35.06 5.26
C PRO B 255 -11.13 34.55 4.12
N GLY B 256 -11.25 33.23 3.98
CA GLY B 256 -11.99 32.61 2.90
C GLY B 256 -13.49 32.66 3.13
N VAL B 257 -14.23 32.77 2.05
CA VAL B 257 -15.68 32.72 2.09
C VAL B 257 -16.21 31.62 1.14
N VAL B 258 -17.06 30.75 1.65
CA VAL B 258 -17.83 29.84 0.83
C VAL B 258 -19.26 30.43 0.63
N VAL B 259 -19.66 30.60 -0.63
CA VAL B 259 -20.99 31.13 -0.96
C VAL B 259 -22.10 30.09 -0.73
N ILE B 260 -23.16 30.55 -0.06
CA ILE B 260 -24.34 29.69 0.20
C ILE B 260 -25.61 30.18 -0.50
N MSE B 261 -25.61 31.43 -0.93
CA MSE B 261 -26.73 32.04 -1.62
C MSE B 261 -26.30 33.19 -2.52
O MSE B 261 -25.42 33.97 -2.17
CB MSE B 261 -27.74 32.61 -0.61
CG MSE B 261 -29.04 33.07 -1.22
SE MSE B 261 -30.28 33.78 0.14
CE MSE B 261 -30.13 32.44 1.53
N THR B 262 -26.95 33.31 -3.65
CA THR B 262 -26.65 34.38 -4.60
C THR B 262 -27.90 34.76 -5.40
N GLY B 263 -28.04 36.06 -5.63
CA GLY B 263 -29.14 36.63 -6.42
C GLY B 263 -29.10 38.14 -6.42
N ASP B 264 -30.25 38.75 -6.67
CA ASP B 264 -30.39 40.20 -6.82
C ASP B 264 -30.64 40.89 -5.48
N GLU B 265 -30.19 42.11 -5.36
CA GLU B 265 -30.46 42.93 -4.16
C GLU B 265 -31.92 43.29 -3.96
N SER B 266 -32.75 43.17 -5.01
CA SER B 266 -34.20 43.32 -4.91
C SER B 266 -34.87 42.17 -4.16
N LYS B 267 -34.16 41.04 -4.02
CA LYS B 267 -34.71 39.78 -3.48
C LYS B 267 -34.05 39.32 -2.19
N ILE B 268 -32.77 39.62 -2.04
CA ILE B 268 -32.00 39.21 -0.89
C ILE B 268 -31.58 40.47 -0.10
N LEU B 269 -32.04 40.57 1.15
CA LEU B 269 -31.77 41.74 1.99
C LEU B 269 -30.92 41.32 3.15
N PRO B 270 -29.60 41.56 3.07
CA PRO B 270 -28.79 41.24 4.22
C PRO B 270 -29.04 42.28 5.31
N GLU B 271 -29.12 41.79 6.53
CA GLU B 271 -29.36 42.61 7.67
C GLU B 271 -28.30 42.39 8.72
N GLU B 272 -27.66 43.49 9.06
CA GLU B 272 -26.47 43.49 9.88
C GLU B 272 -26.84 43.26 11.32
N VAL B 273 -26.29 42.23 11.91
CA VAL B 273 -26.55 41.90 13.31
C VAL B 273 -25.21 41.76 14.03
N GLU B 274 -25.29 41.69 15.35
CA GLU B 274 -24.10 41.55 16.21
C GLU B 274 -23.44 40.17 16.05
N ARG B 275 -24.26 39.15 15.91
CA ARG B 275 -23.78 37.79 15.81
C ARG B 275 -24.57 36.92 14.83
N ALA B 276 -23.87 36.29 13.92
CA ALA B 276 -24.44 35.36 12.95
C ALA B 276 -23.31 34.38 12.55
N ASN B 277 -23.26 33.25 13.24
CA ASN B 277 -22.14 32.31 13.18
C ASN B 277 -22.63 30.88 13.21
N ILE B 278 -22.14 30.08 12.28
CA ILE B 278 -22.61 28.71 12.20
C ILE B 278 -22.22 27.85 13.43
N SER B 279 -21.19 28.24 14.18
CA SER B 279 -20.82 27.50 15.40
C SER B 279 -21.99 27.50 16.41
N ASP B 280 -22.84 28.51 16.36
CA ASP B 280 -24.03 28.56 17.23
C ASP B 280 -25.06 27.44 16.93
N TYR B 281 -24.95 26.78 15.78
CA TYR B 281 -25.97 25.76 15.41
C TYR B 281 -25.44 24.38 15.07
N LEU B 282 -24.53 23.83 15.86
CA LEU B 282 -23.87 22.60 15.43
C LEU B 282 -22.93 22.11 16.52
N HIS C 2 -39.23 -23.57 -13.55
CA HIS C 2 -40.32 -23.71 -14.59
C HIS C 2 -39.74 -24.22 -15.90
N MSE C 3 -38.96 -23.36 -16.55
CA MSE C 3 -38.33 -23.66 -17.86
C MSE C 3 -37.06 -24.51 -17.73
O MSE C 3 -36.32 -24.37 -16.77
CB MSE C 3 -38.05 -22.36 -18.61
CG MSE C 3 -39.32 -21.55 -18.95
SE MSE C 3 -39.15 -20.14 -20.32
CE MSE C 3 -39.11 -21.27 -21.86
N ARG C 4 -36.86 -25.41 -18.70
CA ARG C 4 -35.66 -26.25 -18.73
C ARG C 4 -34.41 -25.40 -19.03
N THR C 5 -33.42 -25.43 -18.14
CA THR C 5 -32.15 -24.72 -18.35
C THR C 5 -30.93 -25.61 -18.15
N ASN C 6 -29.78 -25.08 -18.56
CA ASN C 6 -28.48 -25.70 -18.32
C ASN C 6 -27.85 -25.26 -17.00
N LYS C 7 -28.68 -24.80 -16.09
CA LYS C 7 -28.23 -24.25 -14.81
C LYS C 7 -27.16 -25.12 -14.09
N ASP C 8 -27.25 -26.44 -14.16
CA ASP C 8 -26.27 -27.30 -13.48
C ASP C 8 -24.86 -27.32 -14.14
N ARG C 9 -24.74 -26.75 -15.33
CA ARG C 9 -23.45 -26.71 -16.04
C ARG C 9 -22.79 -25.38 -15.82
N LEU C 10 -23.46 -24.52 -15.09
CA LEU C 10 -22.96 -23.16 -14.88
C LEU C 10 -21.87 -23.09 -13.80
N VAL C 11 -20.89 -22.25 -14.07
CA VAL C 11 -19.74 -22.06 -13.18
C VAL C 11 -19.98 -20.86 -12.28
N ARG C 12 -19.78 -21.07 -10.98
CA ARG C 12 -19.94 -20.07 -9.93
C ARG C 12 -18.54 -19.66 -9.42
N ILE C 13 -18.26 -18.37 -9.45
CA ILE C 13 -16.90 -17.91 -9.23
C ILE C 13 -16.85 -16.56 -8.48
N SER C 14 -15.76 -16.37 -7.74
CA SER C 14 -15.53 -15.16 -6.94
C SER C 14 -15.17 -13.98 -7.81
N VAL C 15 -16.05 -12.95 -7.81
CA VAL C 15 -15.76 -11.71 -8.49
C VAL C 15 -15.60 -10.62 -7.44
N VAL C 16 -14.40 -10.02 -7.39
CA VAL C 16 -14.10 -9.02 -6.37
C VAL C 16 -14.08 -7.60 -6.86
N GLY C 17 -14.41 -6.72 -5.92
CA GLY C 17 -14.26 -5.30 -6.09
C GLY C 17 -14.18 -4.61 -4.76
N GLU C 18 -14.51 -3.32 -4.77
CA GLU C 18 -14.47 -2.49 -3.59
C GLU C 18 -15.47 -1.35 -3.76
N ILE C 19 -15.95 -0.79 -2.66
CA ILE C 19 -16.96 0.24 -2.76
C ILE C 19 -16.30 1.45 -3.43
N ALA C 20 -16.98 2.00 -4.43
CA ALA C 20 -16.46 3.06 -5.27
C ALA C 20 -16.78 4.34 -4.61
N PRO C 21 -15.92 5.37 -4.83
CA PRO C 21 -16.23 6.71 -4.36
C PRO C 21 -17.33 7.30 -5.23
N ALA C 22 -17.99 8.33 -4.71
CA ALA C 22 -18.78 9.18 -5.58
C ALA C 22 -17.79 9.76 -6.62
N LYS C 23 -18.19 9.79 -7.89
CA LYS C 23 -17.29 10.26 -8.97
C LYS C 23 -17.86 11.42 -9.71
N MSE C 24 -17.02 12.41 -9.96
CA MSE C 24 -17.37 13.58 -10.81
C MSE C 24 -16.13 14.05 -11.52
O MSE C 24 -15.15 14.36 -10.88
CB MSE C 24 -17.91 14.77 -10.00
CG MSE C 24 -19.16 14.44 -9.30
SE MSE C 24 -19.71 15.93 -8.23
CE MSE C 24 -20.84 16.86 -9.56
N ARG C 25 -16.23 14.16 -12.83
CA ARG C 25 -15.14 14.71 -13.67
C ARG C 25 -15.21 16.21 -13.81
N SER C 26 -16.33 16.78 -13.42
CA SER C 26 -16.54 18.22 -13.42
C SER C 26 -17.55 18.51 -12.33
N PRO C 27 -17.52 19.73 -11.76
CA PRO C 27 -18.65 20.10 -10.86
C PRO C 27 -19.95 20.15 -11.63
N TYR C 28 -19.87 20.51 -12.90
CA TYR C 28 -21.05 20.75 -13.76
C TYR C 28 -21.49 19.53 -14.58
N SER C 29 -22.80 19.33 -14.66
CA SER C 29 -23.44 18.42 -15.60
C SER C 29 -24.15 19.29 -16.67
N VAL C 30 -23.88 18.97 -17.93
CA VAL C 30 -24.44 19.70 -19.06
C VAL C 30 -25.77 19.12 -19.50
N THR C 31 -26.78 19.96 -19.55
CA THR C 31 -28.10 19.51 -19.90
C THR C 31 -28.35 19.48 -21.42
N THR C 32 -29.51 18.98 -21.79
CA THR C 32 -29.91 18.90 -23.21
C THR C 32 -30.19 20.29 -23.77
N GLU C 33 -30.46 21.25 -22.88
CA GLU C 33 -30.66 22.64 -23.26
C GLU C 33 -29.37 23.45 -23.31
N GLY C 34 -28.23 22.81 -23.04
CA GLY C 34 -26.93 23.50 -23.10
C GLY C 34 -26.68 24.40 -21.90
N THR C 35 -27.25 24.04 -20.77
CA THR C 35 -27.03 24.75 -19.49
C THR C 35 -26.31 23.82 -18.54
N VAL C 36 -25.80 24.40 -17.45
CA VAL C 36 -25.05 23.64 -16.48
C VAL C 36 -25.77 23.59 -15.11
N ARG C 37 -25.67 22.43 -14.47
CA ARG C 37 -26.21 22.21 -13.15
C ARG C 37 -25.16 21.57 -12.27
N VAL C 38 -25.14 21.93 -11.00
CA VAL C 38 -24.27 21.29 -10.02
C VAL C 38 -25.13 20.33 -9.19
N ILE C 39 -24.98 19.04 -9.48
CA ILE C 39 -25.76 17.99 -8.86
C ILE C 39 -24.93 16.71 -8.62
N PRO C 40 -25.32 15.87 -7.63
CA PRO C 40 -24.67 14.60 -7.41
C PRO C 40 -24.85 13.65 -8.59
N VAL C 41 -23.88 12.77 -8.78
CA VAL C 41 -23.84 11.90 -9.99
C VAL C 41 -23.68 10.44 -9.51
N LEU C 42 -22.80 9.69 -10.13
CA LEU C 42 -22.71 8.27 -9.84
C LEU C 42 -21.66 7.93 -8.80
N GLY C 43 -21.63 6.67 -8.44
CA GLY C 43 -20.68 6.10 -7.50
C GLY C 43 -21.18 6.10 -6.07
N GLY C 44 -20.29 5.73 -5.17
CA GLY C 44 -20.55 5.90 -3.76
C GLY C 44 -21.56 4.94 -3.16
N ILE C 45 -21.81 5.19 -1.88
CA ILE C 45 -22.95 4.66 -1.15
C ILE C 45 -23.97 5.78 -1.19
N THR C 46 -25.09 5.55 -1.91
CA THR C 46 -26.18 6.54 -2.07
C THR C 46 -27.21 6.17 -1.01
N TYR C 47 -27.36 7.02 0.00
CA TYR C 47 -28.08 6.66 1.21
C TYR C 47 -29.59 6.69 1.05
N ASN C 48 -30.01 7.34 -0.03
N ASN C 48 -30.09 7.49 0.11
CA ASN C 48 -31.30 7.94 -0.18
CA ASN C 48 -31.53 7.75 0.01
C ASN C 48 -32.13 7.37 -1.31
C ASN C 48 -32.17 7.40 -1.35
N VAL C 49 -31.46 6.61 -2.17
CA VAL C 49 -32.01 6.13 -3.43
C VAL C 49 -31.74 4.64 -3.44
N LYS C 50 -32.79 3.88 -3.66
CA LYS C 50 -32.67 2.42 -3.60
C LYS C 50 -33.49 1.77 -4.72
N VAL C 51 -33.16 0.51 -5.01
CA VAL C 51 -33.90 -0.22 -6.03
C VAL C 51 -35.38 -0.19 -5.60
N GLY C 52 -36.26 0.09 -6.57
CA GLY C 52 -37.70 0.19 -6.29
C GLY C 52 -38.19 1.62 -6.22
N ASP C 53 -37.28 2.55 -5.97
CA ASP C 53 -37.59 3.98 -6.11
C ASP C 53 -37.74 4.37 -7.55
N SER C 54 -38.44 5.47 -7.76
CA SER C 54 -38.52 6.09 -9.08
C SER C 54 -37.13 6.40 -9.62
N ALA C 55 -36.95 6.24 -10.93
CA ALA C 55 -35.73 6.58 -11.65
C ALA C 55 -35.69 8.08 -11.91
N TYR C 56 -36.86 8.72 -11.77
CA TYR C 56 -37.05 10.15 -11.99
C TYR C 56 -37.33 10.94 -10.71
N GLY C 57 -37.30 12.25 -10.85
CA GLY C 57 -37.54 13.16 -9.72
C GLY C 57 -36.45 13.28 -8.66
N TRP C 58 -35.20 13.01 -9.03
CA TRP C 58 -34.04 13.29 -8.19
C TRP C 58 -33.25 14.46 -8.80
N ALA C 59 -32.77 15.35 -7.94
CA ALA C 59 -31.84 16.41 -8.34
C ALA C 59 -30.47 15.76 -8.44
N GLY C 60 -30.28 15.03 -9.54
CA GLY C 60 -29.08 14.25 -9.75
C GLY C 60 -28.96 13.76 -11.16
N ASP C 61 -27.81 13.17 -11.49
CA ASP C 61 -27.58 12.65 -12.84
C ASP C 61 -26.95 11.26 -12.70
N HIS C 62 -27.41 10.28 -13.46
CA HIS C 62 -26.75 8.96 -13.42
C HIS C 62 -26.67 8.35 -12.00
N VAL C 63 -27.58 8.74 -11.14
CA VAL C 63 -27.50 8.35 -9.75
C VAL C 63 -27.69 6.84 -9.67
N GLU C 64 -26.75 6.19 -8.98
CA GLU C 64 -26.76 4.73 -8.83
C GLU C 64 -27.30 4.38 -7.46
N PRO C 65 -28.38 3.57 -7.42
CA PRO C 65 -28.96 3.20 -6.16
C PRO C 65 -28.06 2.34 -5.32
N GLY C 66 -28.18 2.49 -4.01
CA GLY C 66 -27.41 1.70 -3.09
C GLY C 66 -25.90 1.86 -3.19
N VAL C 67 -25.21 0.73 -3.28
CA VAL C 67 -23.74 0.68 -3.19
C VAL C 67 -23.16 0.35 -4.57
N SER C 68 -22.32 1.27 -5.04
CA SER C 68 -21.56 1.14 -6.26
C SER C 68 -20.22 0.45 -5.98
N VAL C 69 -19.94 -0.58 -6.75
CA VAL C 69 -18.76 -1.43 -6.56
C VAL C 69 -17.90 -1.37 -7.83
N MSE C 70 -16.65 -0.97 -7.67
CA MSE C 70 -15.73 -0.87 -8.76
C MSE C 70 -14.63 -1.89 -8.61
O MSE C 70 -14.46 -2.49 -7.55
CB MSE C 70 -15.13 0.54 -8.83
CG MSE C 70 -14.28 0.92 -7.64
SE MSE C 70 -13.34 2.63 -7.84
CE MSE C 70 -12.02 1.97 -9.23
N ALA C 71 -13.80 -2.01 -9.64
CA ALA C 71 -12.70 -2.99 -9.62
C ALA C 71 -11.54 -2.44 -8.78
N ARG C 72 -10.71 -3.35 -8.27
CA ARG C 72 -9.45 -2.97 -7.59
C ARG C 72 -8.45 -2.35 -8.54
N ARG C 73 -8.57 -2.67 -9.82
CA ARG C 73 -7.66 -2.12 -10.85
C ARG C 73 -8.26 -2.37 -12.21
N LYS C 74 -7.74 -1.69 -13.22
CA LYS C 74 -8.34 -1.68 -14.56
C LYS C 74 -8.46 -3.06 -15.17
N GLU C 75 -7.45 -3.89 -14.98
CA GLU C 75 -7.40 -5.27 -15.49
C GLU C 75 -8.56 -6.16 -15.02
N GLU C 76 -9.11 -5.79 -13.87
CA GLU C 76 -10.17 -6.56 -13.20
C GLU C 76 -11.57 -6.06 -13.52
N GLU C 77 -11.68 -5.03 -14.35
CA GLU C 77 -12.98 -4.44 -14.71
C GLU C 77 -13.82 -5.37 -15.61
N ILE C 78 -13.19 -5.97 -16.61
CA ILE C 78 -13.91 -6.85 -17.54
C ILE C 78 -14.63 -7.97 -16.80
N PRO C 79 -13.92 -8.79 -15.98
CA PRO C 79 -14.62 -9.88 -15.29
C PRO C 79 -15.68 -9.38 -14.28
N LEU C 80 -15.38 -8.28 -13.59
CA LEU C 80 -16.38 -7.65 -12.70
C LEU C 80 -17.67 -7.37 -13.43
N MSE C 81 -17.56 -6.70 -14.55
CA MSE C 81 -18.72 -6.26 -15.34
C MSE C 81 -19.38 -7.37 -16.12
O MSE C 81 -20.55 -7.29 -16.39
CB MSE C 81 -18.29 -5.16 -16.32
CG MSE C 81 -17.86 -3.88 -15.59
SE MSE C 81 -19.35 -3.16 -14.51
CE MSE C 81 -20.55 -2.77 -16.03
N THR C 82 -18.61 -8.39 -16.52
CA THR C 82 -19.12 -9.48 -17.35
C THR C 82 -19.79 -10.58 -16.52
N LEU C 83 -19.16 -11.00 -15.43
CA LEU C 83 -19.66 -12.16 -14.70
C LEU C 83 -20.75 -11.85 -13.68
N SER C 84 -20.79 -10.61 -13.20
CA SER C 84 -21.80 -10.22 -12.22
C SER C 84 -23.19 -10.18 -12.86
N CYS C 85 -24.10 -10.92 -12.26
CA CYS C 85 -25.46 -11.02 -12.78
C CYS C 85 -26.40 -10.47 -11.75
N ILE C 86 -27.48 -9.88 -12.23
CA ILE C 86 -28.51 -9.31 -11.37
C ILE C 86 -29.10 -10.43 -10.51
N GLY C 87 -29.18 -10.14 -9.23
CA GLY C 87 -29.67 -11.06 -8.23
C GLY C 87 -28.58 -11.92 -7.56
N ASN C 88 -27.34 -11.83 -8.06
CA ASN C 88 -26.25 -12.58 -7.46
C ASN C 88 -26.02 -12.09 -6.03
N GLU C 89 -25.60 -13.00 -5.18
CA GLU C 89 -25.26 -12.69 -3.79
C GLU C 89 -23.96 -11.92 -3.66
N VAL C 90 -23.97 -10.95 -2.77
CA VAL C 90 -22.82 -10.10 -2.54
C VAL C 90 -22.54 -10.10 -1.03
N ILE C 91 -21.26 -10.23 -0.67
CA ILE C 91 -20.82 -10.24 0.72
C ILE C 91 -19.75 -9.19 0.97
N VAL C 92 -19.96 -8.43 2.04
CA VAL C 92 -19.02 -7.44 2.51
C VAL C 92 -17.87 -8.16 3.23
N MSE C 93 -16.63 -7.92 2.79
CA MSE C 93 -15.47 -8.71 3.22
C MSE C 93 -14.50 -7.94 4.10
O MSE C 93 -13.58 -8.52 4.62
CB MSE C 93 -14.71 -9.33 2.03
CG MSE C 93 -15.57 -10.28 1.19
SE MSE C 93 -16.33 -11.77 2.27
CE MSE C 93 -14.85 -13.11 2.26
N SER C 94 -14.72 -6.66 4.28
CA SER C 94 -13.92 -5.86 5.21
C SER C 94 -14.77 -4.72 5.77
N GLY C 95 -14.22 -4.02 6.73
CA GLY C 95 -14.85 -2.84 7.28
C GLY C 95 -15.86 -3.20 8.35
N ASP C 96 -16.63 -2.21 8.78
CA ASP C 96 -17.55 -2.40 9.91
C ASP C 96 -18.77 -3.26 9.63
N ALA C 97 -19.10 -3.44 8.36
CA ALA C 97 -20.28 -4.22 7.97
C ALA C 97 -19.85 -5.57 7.39
N LYS C 98 -18.63 -5.95 7.71
CA LYS C 98 -18.08 -7.24 7.32
C LYS C 98 -19.06 -8.37 7.61
N GLY C 99 -19.40 -9.15 6.59
CA GLY C 99 -20.28 -10.33 6.74
C GLY C 99 -21.71 -10.05 6.31
N SER C 100 -22.03 -8.78 6.11
CA SER C 100 -23.32 -8.38 5.57
C SER C 100 -23.53 -8.88 4.13
N ARG C 101 -24.76 -9.27 3.84
CA ARG C 101 -25.07 -9.81 2.52
C ARG C 101 -26.12 -9.00 1.79
N GLY C 102 -25.89 -8.85 0.50
CA GLY C 102 -26.78 -8.09 -0.38
C GLY C 102 -26.94 -8.80 -1.71
N PHE C 103 -27.54 -8.10 -2.66
N PHE C 103 -27.62 -8.14 -2.65
CA PHE C 103 -27.80 -8.61 -4.01
CA PHE C 103 -27.79 -8.65 -4.02
C PHE C 103 -27.48 -7.58 -5.09
C PHE C 103 -27.50 -7.59 -5.09
N VAL C 104 -26.94 -8.06 -6.20
CA VAL C 104 -26.68 -7.22 -7.37
C VAL C 104 -28.00 -6.78 -7.98
N THR C 105 -28.19 -5.47 -8.10
CA THR C 105 -29.39 -4.88 -8.70
C THR C 105 -29.15 -4.49 -10.14
N GLY C 106 -27.89 -4.36 -10.51
CA GLY C 106 -27.54 -3.86 -11.83
C GLY C 106 -26.06 -3.60 -12.02
N LYS C 107 -25.73 -3.05 -13.17
CA LYS C 107 -24.38 -2.67 -13.47
C LYS C 107 -24.41 -1.60 -14.55
N HIS C 108 -23.38 -0.75 -14.52
CA HIS C 108 -23.29 0.43 -15.32
C HIS C 108 -21.91 0.54 -15.98
N GLY C 109 -21.90 0.53 -17.29
CA GLY C 109 -20.66 0.56 -18.06
C GLY C 109 -20.07 1.96 -18.17
N GLY C 110 -18.83 2.04 -18.64
CA GLY C 110 -18.07 3.30 -18.68
C GLY C 110 -17.19 3.38 -17.44
N VAL C 111 -17.75 3.88 -16.35
CA VAL C 111 -17.07 3.84 -15.03
C VAL C 111 -16.95 2.42 -14.52
N ASN C 112 -17.83 1.54 -15.02
CA ASN C 112 -17.78 0.10 -14.74
C ASN C 112 -18.06 -0.22 -13.25
N HIS C 113 -19.29 0.06 -12.85
CA HIS C 113 -19.79 -0.22 -11.52
C HIS C 113 -20.81 -1.32 -11.51
N VAL C 114 -20.72 -2.19 -10.51
CA VAL C 114 -21.76 -3.15 -10.19
C VAL C 114 -22.49 -2.57 -8.98
N LEU C 115 -23.81 -2.61 -9.04
CA LEU C 115 -24.67 -1.92 -8.10
C LEU C 115 -25.33 -2.92 -7.18
N VAL C 116 -25.35 -2.62 -5.90
CA VAL C 116 -25.71 -3.57 -4.88
C VAL C 116 -26.72 -3.04 -3.85
N HIS C 117 -27.72 -3.88 -3.57
CA HIS C 117 -28.66 -3.63 -2.50
C HIS C 117 -28.29 -4.41 -1.24
N PHE C 118 -27.99 -3.66 -0.18
CA PHE C 118 -27.97 -4.19 1.18
C PHE C 118 -29.16 -3.63 1.92
N GLU C 119 -29.53 -4.28 3.01
CA GLU C 119 -30.55 -3.74 3.93
C GLU C 119 -30.09 -2.40 4.56
N GLU C 120 -31.07 -1.56 4.86
CA GLU C 120 -30.82 -0.16 5.19
C GLU C 120 -29.85 0.06 6.36
N GLU C 121 -29.95 -0.80 7.36
CA GLU C 121 -29.07 -0.73 8.54
C GLU C 121 -27.58 -0.91 8.22
N VAL C 122 -27.27 -1.68 7.18
CA VAL C 122 -25.89 -1.90 6.75
C VAL C 122 -25.23 -0.62 6.20
N LEU C 123 -26.01 0.19 5.48
CA LEU C 123 -25.46 1.28 4.68
C LEU C 123 -24.65 2.29 5.48
N GLY C 124 -25.11 2.52 6.70
CA GLY C 124 -24.47 3.46 7.61
C GLY C 124 -23.16 2.96 8.19
N LYS C 125 -22.86 1.67 8.01
CA LYS C 125 -21.61 1.07 8.53
C LYS C 125 -20.53 0.96 7.43
N LEU C 126 -20.93 1.21 6.21
CA LEU C 126 -20.07 1.02 5.06
C LEU C 126 -19.17 2.20 4.83
N MSE C 127 -18.07 1.90 4.14
CA MSE C 127 -17.06 2.88 3.85
C MSE C 127 -16.54 2.64 2.46
O MSE C 127 -16.31 1.52 2.06
CB MSE C 127 -15.94 2.80 4.91
CG MSE C 127 -14.79 3.80 4.68
SE MSE C 127 -15.44 5.69 4.51
CE MSE C 127 -13.65 6.59 4.32
N VAL C 128 -16.37 3.72 1.70
CA VAL C 128 -15.74 3.64 0.37
C VAL C 128 -14.40 2.93 0.53
N GLY C 129 -14.14 1.96 -0.33
CA GLY C 129 -12.92 1.18 -0.23
C GLY C 129 -13.08 -0.17 0.47
N ASP C 130 -14.25 -0.41 1.08
CA ASP C 130 -14.51 -1.67 1.74
C ASP C 130 -14.58 -2.76 0.65
N LYS C 131 -14.00 -3.91 0.95
CA LYS C 131 -13.90 -5.03 0.02
C LYS C 131 -15.22 -5.77 -0.16
N ILE C 132 -15.45 -6.18 -1.40
CA ILE C 132 -16.71 -6.73 -1.80
C ILE C 132 -16.50 -7.99 -2.61
N LEU C 133 -17.22 -9.03 -2.25
CA LEU C 133 -17.23 -10.28 -2.97
C LEU C 133 -18.62 -10.50 -3.62
N ILE C 134 -18.61 -10.63 -4.94
CA ILE C 134 -19.75 -11.05 -5.67
C ILE C 134 -19.58 -12.52 -6.01
N LYS C 135 -20.55 -13.35 -5.62
CA LYS C 135 -20.53 -14.74 -6.01
C LYS C 135 -21.25 -14.85 -7.36
N ALA C 136 -20.45 -14.70 -8.41
CA ALA C 136 -20.98 -14.53 -9.76
C ALA C 136 -21.48 -15.82 -10.35
N TRP C 137 -22.66 -15.76 -10.97
CA TRP C 137 -23.34 -16.95 -11.43
C TRP C 137 -24.48 -16.53 -12.35
N GLY C 138 -24.44 -17.04 -13.58
CA GLY C 138 -25.52 -16.86 -14.51
C GLY C 138 -25.11 -16.79 -15.97
N GLN C 139 -23.90 -16.31 -16.25
CA GLN C 139 -23.46 -16.23 -17.64
C GLN C 139 -23.20 -17.67 -18.13
N GLY C 140 -23.73 -17.94 -19.30
CA GLY C 140 -23.73 -19.29 -19.91
C GLY C 140 -25.12 -19.91 -19.85
N LEU C 141 -26.03 -19.28 -19.11
CA LEU C 141 -27.42 -19.74 -18.95
C LEU C 141 -28.08 -19.91 -20.30
N LYS C 142 -28.69 -21.07 -20.51
CA LYS C 142 -29.50 -21.34 -21.71
C LYS C 142 -30.90 -21.88 -21.37
N LEU C 143 -31.85 -21.53 -22.22
CA LEU C 143 -33.19 -22.13 -22.24
C LEU C 143 -33.10 -23.26 -23.22
N LEU C 144 -33.14 -24.48 -22.71
CA LEU C 144 -32.91 -25.68 -23.52
C LEU C 144 -34.02 -25.96 -24.54
N ASP C 145 -35.22 -25.50 -24.23
CA ASP C 145 -36.36 -25.63 -25.14
C ASP C 145 -36.54 -24.41 -26.03
N HIS C 146 -35.75 -23.38 -25.82
CA HIS C 146 -35.89 -22.14 -26.61
C HIS C 146 -34.53 -21.64 -27.08
N PRO C 147 -33.87 -22.43 -27.94
CA PRO C 147 -32.50 -22.18 -28.29
C PRO C 147 -32.26 -20.83 -28.95
N ASP C 148 -33.28 -20.24 -29.55
CA ASP C 148 -33.15 -18.94 -30.21
C ASP C 148 -33.50 -17.75 -29.30
N VAL C 149 -33.88 -18.03 -28.07
CA VAL C 149 -34.11 -16.98 -27.09
C VAL C 149 -32.89 -17.00 -26.19
N LYS C 150 -32.09 -15.92 -26.23
CA LYS C 150 -30.86 -15.84 -25.44
C LYS C 150 -31.14 -15.14 -24.12
N VAL C 151 -30.50 -15.63 -23.08
CA VAL C 151 -30.60 -15.01 -21.75
C VAL C 151 -29.22 -14.70 -21.24
N MSE C 152 -29.17 -13.75 -20.34
CA MSE C 152 -27.87 -13.24 -19.85
C MSE C 152 -28.08 -12.35 -18.64
O MSE C 152 -29.18 -11.91 -18.37
CB MSE C 152 -27.21 -12.39 -20.93
CG MSE C 152 -28.03 -11.17 -21.32
SE MSE C 152 -27.38 -10.22 -22.90
CE MSE C 152 -28.14 -11.47 -24.24
N ASN C 153 -26.98 -12.09 -17.94
CA ASN C 153 -26.92 -11.04 -16.89
C ASN C 153 -27.89 -11.23 -15.73
N ILE C 154 -28.36 -12.46 -15.56
CA ILE C 154 -29.43 -12.74 -14.61
C ILE C 154 -29.11 -14.01 -13.84
N ASP C 155 -29.14 -13.86 -12.52
CA ASP C 155 -29.05 -14.98 -11.59
C ASP C 155 -30.19 -15.97 -11.88
N PRO C 156 -29.85 -17.25 -12.14
CA PRO C 156 -30.91 -18.21 -12.50
C PRO C 156 -32.04 -18.37 -11.47
N ASP C 157 -31.75 -18.27 -10.19
CA ASP C 157 -32.82 -18.28 -9.19
C ASP C 157 -33.71 -17.02 -9.28
N LEU C 158 -33.12 -15.88 -9.51
CA LEU C 158 -33.89 -14.66 -9.71
C LEU C 158 -34.74 -14.74 -10.99
N PHE C 159 -34.15 -15.32 -12.04
CA PHE C 159 -34.82 -15.53 -13.33
C PHE C 159 -36.16 -16.24 -13.17
N GLU C 160 -36.19 -17.24 -12.30
CA GLU C 160 -37.39 -18.03 -12.03
C GLU C 160 -38.53 -17.25 -11.32
N LYS C 161 -38.23 -16.08 -10.77
CA LYS C 161 -39.25 -15.32 -10.02
C LYS C 161 -39.85 -14.14 -10.78
N LEU C 162 -39.50 -13.99 -12.06
CA LEU C 162 -39.95 -12.82 -12.84
C LEU C 162 -41.33 -13.00 -13.49
N GLY C 163 -42.01 -14.10 -13.17
CA GLY C 163 -43.36 -14.33 -13.71
C GLY C 163 -43.35 -14.69 -15.19
N ILE C 164 -42.22 -15.16 -15.69
CA ILE C 164 -42.07 -15.53 -17.08
C ILE C 164 -42.72 -16.87 -17.30
N GLN C 165 -43.48 -16.99 -18.38
CA GLN C 165 -44.21 -18.21 -18.65
C GLN C 165 -44.23 -18.54 -20.12
N GLU C 166 -44.13 -19.83 -20.41
CA GLU C 166 -44.46 -20.34 -21.74
C GLU C 166 -45.96 -20.39 -21.85
N LYS C 167 -46.50 -19.57 -22.76
CA LYS C 167 -47.93 -19.46 -22.90
C LYS C 167 -48.28 -19.13 -24.37
N ASN C 168 -49.27 -19.82 -24.91
CA ASN C 168 -49.67 -19.76 -26.33
C ASN C 168 -48.51 -19.65 -27.36
N GLY C 169 -47.50 -20.51 -27.17
CA GLY C 169 -46.36 -20.60 -28.08
C GLY C 169 -45.38 -19.43 -28.02
N LYS C 170 -45.29 -18.80 -26.86
CA LYS C 170 -44.41 -17.68 -26.71
C LYS C 170 -43.99 -17.60 -25.26
N ILE C 171 -42.81 -17.06 -25.05
CA ILE C 171 -42.35 -16.80 -23.72
C ILE C 171 -42.97 -15.49 -23.34
N HIS C 172 -43.92 -15.56 -22.43
CA HIS C 172 -44.59 -14.36 -21.97
C HIS C 172 -43.82 -13.74 -20.83
N VAL C 173 -43.61 -12.44 -20.92
CA VAL C 173 -42.77 -11.73 -19.94
C VAL C 173 -43.47 -10.47 -19.39
N PRO C 174 -43.75 -10.43 -18.06
CA PRO C 174 -44.35 -9.18 -17.55
C PRO C 174 -43.37 -8.02 -17.59
N VAL C 175 -43.82 -6.91 -18.14
CA VAL C 175 -43.04 -5.68 -18.21
C VAL C 175 -43.88 -4.50 -17.79
N VAL C 176 -43.22 -3.43 -17.33
CA VAL C 176 -43.95 -2.19 -17.00
C VAL C 176 -44.15 -1.30 -18.23
N ALA C 177 -43.25 -1.44 -19.21
CA ALA C 177 -43.26 -0.60 -20.42
C ALA C 177 -42.55 -1.32 -21.57
N LYS C 178 -43.02 -0.98 -22.76
CA LYS C 178 -42.42 -1.40 -24.03
C LYS C 178 -41.85 -0.15 -24.68
N ILE C 179 -40.53 -0.16 -24.87
CA ILE C 179 -39.78 1.04 -25.24
C ILE C 179 -39.35 0.92 -26.70
N PRO C 180 -39.67 1.94 -27.54
CA PRO C 180 -39.29 1.88 -28.95
C PRO C 180 -37.78 2.00 -29.12
N ALA C 181 -37.26 1.35 -30.15
CA ALA C 181 -35.84 1.37 -30.45
C ALA C 181 -35.26 2.80 -30.46
N HIS C 182 -36.01 3.75 -31.02
CA HIS C 182 -35.53 5.15 -31.11
C HIS C 182 -35.38 5.91 -29.78
N MSE C 183 -35.89 5.33 -28.69
CA MSE C 183 -35.69 5.88 -27.34
C MSE C 183 -34.39 5.42 -26.67
O MSE C 183 -34.06 5.89 -25.57
CB MSE C 183 -36.86 5.55 -26.41
CG MSE C 183 -38.19 6.25 -26.81
SE MSE C 183 -37.96 8.19 -26.81
CE MSE C 183 -37.68 8.52 -24.93
N MSE C 184 -33.68 4.49 -27.32
CA MSE C 184 -32.40 3.95 -26.79
C MSE C 184 -31.24 4.74 -27.34
O MSE C 184 -31.16 4.98 -28.54
CB MSE C 184 -32.20 2.49 -27.14
CG MSE C 184 -33.30 1.57 -26.66
SE MSE C 184 -33.76 1.77 -24.74
CE MSE C 184 -32.02 1.29 -23.94
N GLY C 185 -30.33 5.15 -26.43
CA GLY C 185 -29.22 6.05 -26.74
C GLY C 185 -27.89 5.49 -26.27
N SER C 186 -27.24 6.23 -25.37
CA SER C 186 -25.88 5.95 -24.91
C SER C 186 -25.70 4.46 -24.56
N GLY C 187 -24.64 3.86 -25.10
CA GLY C 187 -24.29 2.46 -24.84
C GLY C 187 -24.52 1.57 -26.06
N ILE C 188 -25.35 2.00 -27.02
CA ILE C 188 -25.47 1.26 -28.29
C ILE C 188 -24.07 1.10 -28.92
N GLY C 189 -23.75 -0.11 -29.36
CA GLY C 189 -22.48 -0.39 -30.00
C GLY C 189 -21.38 -0.87 -29.05
N ALA C 190 -21.69 -0.96 -27.75
CA ALA C 190 -20.77 -1.59 -26.78
C ALA C 190 -20.50 -3.00 -27.31
N SER C 191 -19.29 -3.49 -27.08
CA SER C 191 -18.83 -4.81 -27.56
C SER C 191 -19.74 -5.97 -27.19
N SER C 192 -20.21 -5.95 -25.95
CA SER C 192 -21.00 -7.04 -25.38
C SER C 192 -22.09 -6.53 -24.46
N SER C 193 -23.31 -7.00 -24.73
CA SER C 193 -24.47 -6.81 -23.84
C SER C 193 -24.30 -7.48 -22.47
N ALA C 194 -23.32 -8.37 -22.36
CA ALA C 194 -23.00 -9.04 -21.10
C ALA C 194 -22.27 -8.13 -20.13
N SER C 195 -21.75 -7.01 -20.59
CA SER C 195 -20.83 -6.24 -19.78
C SER C 195 -21.15 -4.77 -19.60
N THR C 196 -22.37 -4.38 -19.98
CA THR C 196 -22.80 -3.02 -19.79
C THR C 196 -24.30 -2.87 -19.83
N ASP C 197 -24.74 -1.67 -19.44
CA ASP C 197 -26.10 -1.23 -19.65
C ASP C 197 -26.12 -0.31 -20.87
N TYR C 198 -27.31 0.04 -21.31
CA TYR C 198 -27.50 1.19 -22.18
C TYR C 198 -28.75 1.99 -21.82
N ASP C 199 -28.79 3.23 -22.29
CA ASP C 199 -29.68 4.24 -21.73
C ASP C 199 -30.96 4.41 -22.53
N ILE C 200 -32.07 4.52 -21.80
CA ILE C 200 -33.35 5.01 -22.33
C ILE C 200 -33.33 6.52 -22.26
N MSE C 201 -33.33 7.18 -23.41
CA MSE C 201 -33.20 8.63 -23.40
C MSE C 201 -34.54 9.33 -23.34
O MSE C 201 -34.83 10.18 -24.13
CB MSE C 201 -32.32 9.14 -24.54
CG MSE C 201 -32.47 8.49 -25.86
SE MSE C 201 -31.56 9.56 -27.26
CE MSE C 201 -31.83 8.23 -28.69
N ALA C 202 -35.35 8.95 -22.37
CA ALA C 202 -36.61 9.64 -22.06
C ALA C 202 -36.34 10.62 -20.92
N SER C 203 -36.63 11.88 -21.17
CA SER C 203 -36.48 12.97 -20.18
C SER C 203 -37.48 12.90 -19.07
N ASN C 204 -38.65 12.36 -19.41
CA ASN C 204 -39.79 12.20 -18.48
C ASN C 204 -40.41 10.80 -18.68
N PRO C 205 -40.97 10.21 -17.62
CA PRO C 205 -41.57 8.88 -17.83
C PRO C 205 -42.75 8.85 -18.79
N GLU C 206 -43.48 9.96 -18.85
CA GLU C 206 -44.60 10.12 -19.75
C GLU C 206 -44.19 10.00 -21.23
N ASP C 207 -42.93 10.35 -21.53
CA ASP C 207 -42.34 10.11 -22.85
C ASP C 207 -42.36 8.63 -23.25
N LEU C 208 -42.48 7.76 -22.26
CA LEU C 208 -42.59 6.33 -22.49
C LEU C 208 -43.99 5.78 -22.32
N GLY C 209 -44.96 6.66 -22.15
CA GLY C 209 -46.36 6.25 -22.00
C GLY C 209 -46.71 5.69 -20.63
N VAL C 210 -45.89 6.00 -19.63
CA VAL C 210 -46.14 5.53 -18.25
C VAL C 210 -46.02 6.68 -17.25
N ALA C 211 -46.73 6.57 -16.13
CA ALA C 211 -46.71 7.60 -15.07
C ALA C 211 -45.36 7.63 -14.34
N ASP C 212 -44.72 6.48 -14.28
CA ASP C 212 -43.42 6.35 -13.61
C ASP C 212 -42.59 5.21 -14.17
N LEU C 213 -41.29 5.34 -14.03
CA LEU C 213 -40.39 4.23 -14.32
C LEU C 213 -39.45 4.12 -13.13
N LYS C 214 -39.39 2.93 -12.54
CA LYS C 214 -38.68 2.70 -11.31
C LYS C 214 -37.40 1.89 -11.50
N LEU C 215 -36.44 2.17 -10.63
CA LEU C 215 -35.20 1.39 -10.55
C LEU C 215 -35.58 -0.04 -10.21
N GLY C 216 -35.07 -0.98 -10.99
CA GLY C 216 -35.47 -2.39 -10.87
C GLY C 216 -36.64 -2.86 -11.72
N ASP C 217 -37.26 -1.95 -12.47
CA ASP C 217 -38.38 -2.29 -13.34
C ASP C 217 -37.91 -3.18 -14.49
N ILE C 218 -38.75 -4.14 -14.86
CA ILE C 218 -38.54 -4.94 -16.07
C ILE C 218 -39.23 -4.23 -17.23
N VAL C 219 -38.50 -4.05 -18.31
CA VAL C 219 -38.99 -3.37 -19.50
C VAL C 219 -38.69 -4.21 -20.74
N ALA C 220 -39.41 -3.93 -21.81
CA ALA C 220 -39.11 -4.50 -23.12
C ALA C 220 -38.57 -3.37 -24.02
N ILE C 221 -37.57 -3.70 -24.83
CA ILE C 221 -37.01 -2.81 -25.83
C ILE C 221 -37.41 -3.43 -27.16
N GLN C 222 -38.23 -2.69 -27.94
CA GLN C 222 -38.71 -3.13 -29.22
C GLN C 222 -37.69 -2.88 -30.34
N ASP C 223 -37.53 -3.89 -31.18
CA ASP C 223 -36.74 -3.83 -32.41
C ASP C 223 -35.24 -3.67 -32.18
N HIS C 224 -34.76 -4.10 -31.03
CA HIS C 224 -33.33 -4.19 -30.72
C HIS C 224 -32.92 -5.63 -30.41
N ASP C 225 -31.88 -6.09 -31.10
CA ASP C 225 -31.24 -7.37 -30.86
C ASP C 225 -29.98 -7.12 -30.04
N ASN C 226 -29.85 -7.82 -28.92
CA ASN C 226 -28.72 -7.68 -27.99
C ASN C 226 -27.93 -8.99 -27.76
N SER C 227 -27.93 -9.85 -28.78
CA SER C 227 -27.35 -11.19 -28.68
C SER C 227 -25.85 -11.13 -28.42
N TYR C 228 -25.20 -10.16 -29.09
CA TYR C 228 -23.74 -10.00 -29.03
C TYR C 228 -23.41 -8.58 -28.57
N GLY C 229 -23.14 -7.68 -29.51
CA GLY C 229 -23.03 -6.26 -29.22
C GLY C 229 -24.35 -5.60 -28.84
N VAL C 230 -24.27 -4.39 -28.26
CA VAL C 230 -25.47 -3.73 -27.73
C VAL C 230 -26.20 -2.93 -28.78
N GLY C 231 -27.51 -3.12 -28.81
CA GLY C 231 -28.45 -2.23 -29.50
C GLY C 231 -28.58 -2.30 -31.03
N LYS C 232 -28.46 -3.47 -31.61
CA LYS C 232 -28.61 -3.62 -33.07
C LYS C 232 -30.09 -3.42 -33.42
N TYR C 233 -30.37 -2.40 -34.18
CA TYR C 233 -31.74 -2.21 -34.63
C TYR C 233 -32.06 -3.38 -35.60
N ARG C 234 -33.11 -4.12 -35.31
N ARG C 234 -33.19 -4.04 -35.36
CA ARG C 234 -33.68 -5.07 -36.27
CA ARG C 234 -33.65 -5.11 -36.22
C ARG C 234 -35.16 -5.14 -36.06
C ARG C 234 -35.17 -5.24 -36.08
N LYS C 235 -35.89 -4.93 -37.14
CA LYS C 235 -37.35 -4.96 -37.10
C LYS C 235 -37.83 -6.35 -36.71
N GLY C 236 -38.55 -6.41 -35.61
CA GLY C 236 -39.08 -7.68 -35.12
C GLY C 236 -38.29 -8.32 -33.98
N ALA C 237 -37.08 -7.83 -33.73
CA ALA C 237 -36.33 -8.24 -32.54
C ALA C 237 -37.04 -7.66 -31.30
N VAL C 238 -36.82 -8.31 -30.16
CA VAL C 238 -37.24 -7.75 -28.89
C VAL C 238 -36.23 -8.14 -27.82
N SER C 239 -35.95 -7.20 -26.94
CA SER C 239 -35.07 -7.45 -25.79
C SER C 239 -35.84 -7.12 -24.51
N ILE C 240 -35.53 -7.87 -23.45
CA ILE C 240 -36.06 -7.61 -22.11
C ILE C 240 -34.88 -7.18 -21.23
N GLY C 241 -35.11 -6.17 -20.42
CA GLY C 241 -34.05 -5.69 -19.55
C GLY C 241 -34.55 -5.18 -18.22
N VAL C 242 -33.60 -4.80 -17.37
CA VAL C 242 -33.87 -4.29 -16.04
C VAL C 242 -33.32 -2.84 -15.93
N VAL C 243 -34.12 -1.95 -15.36
CA VAL C 243 -33.72 -0.55 -15.16
C VAL C 243 -32.77 -0.48 -13.98
N VAL C 244 -31.60 0.12 -14.18
CA VAL C 244 -30.49 0.01 -13.20
C VAL C 244 -29.93 1.32 -12.64
N HIS C 245 -30.18 2.44 -13.31
CA HIS C 245 -29.79 3.75 -12.78
C HIS C 245 -30.78 4.82 -13.11
N SER C 246 -30.61 5.98 -12.49
CA SER C 246 -31.60 7.03 -12.51
C SER C 246 -31.53 7.85 -13.84
N ALA C 247 -32.54 8.70 -14.00
CA ALA C 247 -32.64 9.69 -15.07
C ALA C 247 -31.37 10.54 -15.19
N CYS C 248 -31.18 11.12 -16.37
CA CYS C 248 -29.94 11.83 -16.70
C CYS C 248 -30.24 13.10 -17.42
N VAL C 249 -29.38 14.10 -17.33
CA VAL C 249 -29.70 15.44 -17.84
C VAL C 249 -29.14 15.74 -19.25
N SER C 250 -28.14 14.99 -19.66
CA SER C 250 -27.42 15.23 -20.91
C SER C 250 -28.07 14.51 -22.10
N ALA C 251 -27.88 15.08 -23.27
CA ALA C 251 -28.40 14.50 -24.52
C ALA C 251 -27.93 13.06 -24.69
N GLY C 252 -28.87 12.21 -25.02
CA GLY C 252 -28.61 10.81 -25.33
C GLY C 252 -28.50 9.88 -24.11
N HIS C 253 -28.73 10.43 -22.91
CA HIS C 253 -28.66 9.66 -21.69
C HIS C 253 -30.03 9.59 -21.01
N GLY C 254 -30.15 8.67 -20.04
CA GLY C 254 -31.36 8.51 -19.25
C GLY C 254 -31.29 7.19 -18.51
N PRO C 255 -32.41 6.74 -17.90
CA PRO C 255 -32.29 5.53 -17.09
C PRO C 255 -31.65 4.36 -17.84
N GLY C 256 -30.71 3.69 -17.18
CA GLY C 256 -29.95 2.59 -17.79
C GLY C 256 -30.70 1.29 -17.75
N VAL C 257 -30.47 0.47 -18.77
CA VAL C 257 -31.07 -0.85 -18.85
C VAL C 257 -29.98 -1.91 -19.05
N VAL C 258 -30.01 -2.94 -18.20
CA VAL C 258 -29.21 -4.14 -18.40
C VAL C 258 -30.11 -5.22 -19.05
N VAL C 259 -29.69 -5.73 -20.20
CA VAL C 259 -30.44 -6.74 -20.91
C VAL C 259 -30.33 -8.09 -20.21
N ILE C 260 -31.48 -8.75 -20.05
CA ILE C 260 -31.52 -10.13 -19.47
C ILE C 260 -32.04 -11.20 -20.46
N MSE C 261 -32.69 -10.77 -21.55
CA MSE C 261 -33.22 -11.67 -22.59
C MSE C 261 -33.35 -10.97 -23.93
O MSE C 261 -33.69 -9.78 -24.01
CB MSE C 261 -34.59 -12.19 -22.17
CG MSE C 261 -35.20 -13.19 -23.14
SE MSE C 261 -37.06 -13.77 -22.64
CE MSE C 261 -36.73 -14.82 -21.05
N THR C 262 -33.06 -11.73 -24.99
CA THR C 262 -33.16 -11.21 -26.34
C THR C 262 -33.52 -12.33 -27.32
N GLY C 263 -34.36 -11.97 -28.28
CA GLY C 263 -34.80 -12.89 -29.34
C GLY C 263 -35.78 -12.21 -30.27
N ASP C 264 -36.59 -13.03 -30.93
CA ASP C 264 -37.57 -12.59 -31.94
C ASP C 264 -38.96 -12.37 -31.34
N GLU C 265 -39.69 -11.41 -31.89
CA GLU C 265 -41.08 -11.16 -31.48
C GLU C 265 -42.03 -12.40 -31.64
N SER C 266 -41.70 -13.33 -32.55
CA SER C 266 -42.43 -14.58 -32.68
C SER C 266 -42.25 -15.55 -31.49
N LYS C 267 -41.27 -15.27 -30.64
CA LYS C 267 -40.94 -16.17 -29.51
C LYS C 267 -41.09 -15.54 -28.14
N ILE C 268 -40.99 -14.23 -28.07
CA ILE C 268 -41.04 -13.50 -26.81
C ILE C 268 -42.21 -12.52 -26.88
N LEU C 269 -43.13 -12.63 -25.94
CA LEU C 269 -44.28 -11.73 -25.89
C LEU C 269 -44.26 -10.93 -24.61
N PRO C 270 -43.76 -9.68 -24.69
CA PRO C 270 -43.85 -8.80 -23.54
C PRO C 270 -45.28 -8.43 -23.27
N GLU C 271 -45.68 -8.49 -22.01
CA GLU C 271 -47.02 -8.13 -21.61
C GLU C 271 -46.95 -7.09 -20.51
N GLU C 272 -47.66 -6.01 -20.78
CA GLU C 272 -47.59 -4.82 -19.98
C GLU C 272 -48.46 -5.01 -18.74
N VAL C 273 -47.82 -4.85 -17.59
CA VAL C 273 -48.50 -4.98 -16.30
C VAL C 273 -48.27 -3.71 -15.53
N GLU C 274 -48.98 -3.58 -14.44
CA GLU C 274 -48.82 -2.42 -13.58
C GLU C 274 -47.49 -2.41 -12.84
N ARG C 275 -47.05 -3.58 -12.40
CA ARG C 275 -45.85 -3.69 -11.59
C ARG C 275 -45.05 -4.92 -12.02
N ALA C 276 -43.78 -4.69 -12.32
CA ALA C 276 -42.79 -5.74 -12.56
C ALA C 276 -41.42 -5.18 -12.15
N ASN C 277 -41.02 -5.48 -10.92
CA ASN C 277 -39.84 -4.86 -10.31
C ASN C 277 -39.06 -5.89 -9.51
N ILE C 278 -37.75 -5.94 -9.72
CA ILE C 278 -36.95 -6.97 -9.03
C ILE C 278 -36.94 -6.80 -7.50
N SER C 279 -37.19 -5.60 -7.00
CA SER C 279 -37.12 -5.36 -5.55
C SER C 279 -38.16 -6.20 -4.85
N ASP C 280 -39.23 -6.53 -5.57
CA ASP C 280 -40.24 -7.43 -5.01
C ASP C 280 -39.71 -8.83 -4.68
N TYR C 281 -38.54 -9.19 -5.22
CA TYR C 281 -37.99 -10.53 -5.01
C TYR C 281 -36.53 -10.49 -4.55
N GLY D 1 38.63 -14.21 30.19
CA GLY D 1 39.83 -13.59 29.55
C GLY D 1 39.47 -13.02 28.19
N HIS D 2 39.15 -11.72 28.16
CA HIS D 2 38.81 -11.02 26.91
C HIS D 2 40.03 -10.26 26.35
N MSE D 3 40.02 -10.10 25.03
CA MSE D 3 40.81 -9.07 24.32
C MSE D 3 40.26 -7.67 24.59
O MSE D 3 39.06 -7.50 24.74
CB MSE D 3 40.83 -9.36 22.83
CG MSE D 3 41.59 -10.63 22.56
SE MSE D 3 42.22 -10.84 20.73
CE MSE D 3 40.75 -11.89 20.01
N ARG D 4 41.15 -6.69 24.69
CA ARG D 4 40.74 -5.29 24.85
C ARG D 4 40.13 -4.82 23.53
N THR D 5 38.88 -4.35 23.60
CA THR D 5 38.16 -3.76 22.44
C THR D 5 37.61 -2.38 22.75
N ASN D 6 37.17 -1.70 21.69
CA ASN D 6 36.43 -0.41 21.80
C ASN D 6 34.90 -0.64 21.87
N LYS D 7 34.51 -1.82 22.33
CA LYS D 7 33.11 -2.23 22.43
C LYS D 7 32.16 -1.13 22.95
N ASP D 8 32.61 -0.36 23.93
CA ASP D 8 31.78 0.67 24.55
C ASP D 8 31.56 1.92 23.66
N ARG D 9 32.38 2.06 22.62
CA ARG D 9 32.28 3.17 21.67
C ARG D 9 31.38 2.85 20.49
N LEU D 10 30.92 1.61 20.43
CA LEU D 10 30.15 1.13 19.27
C LEU D 10 28.68 1.52 19.34
N VAL D 11 28.11 1.79 18.19
CA VAL D 11 26.74 2.28 18.05
C VAL D 11 25.80 1.11 17.68
N ARG D 12 24.71 1.01 18.43
CA ARG D 12 23.70 -0.03 18.19
C ARG D 12 22.48 0.67 17.57
N ILE D 13 22.06 0.16 16.42
CA ILE D 13 21.03 0.80 15.62
C ILE D 13 20.06 -0.20 14.99
N SER D 14 18.82 0.23 14.79
CA SER D 14 17.80 -0.57 14.13
C SER D 14 18.07 -0.72 12.66
N VAL D 15 18.24 -1.95 12.21
CA VAL D 15 18.28 -2.29 10.79
C VAL D 15 17.07 -3.13 10.43
N VAL D 16 16.25 -2.63 9.50
CA VAL D 16 15.02 -3.31 9.08
C VAL D 16 15.06 -3.95 7.71
N GLY D 17 14.24 -4.99 7.63
CA GLY D 17 13.93 -5.64 6.39
C GLY D 17 12.63 -6.43 6.51
N GLU D 18 12.48 -7.42 5.66
CA GLU D 18 11.33 -8.28 5.62
C GLU D 18 11.74 -9.61 5.07
N ILE D 19 10.99 -10.65 5.40
CA ILE D 19 11.32 -11.99 4.93
C ILE D 19 11.20 -12.02 3.40
N ALA D 20 12.27 -12.45 2.76
CA ALA D 20 12.43 -12.47 1.30
C ALA D 20 11.71 -13.69 0.74
N PRO D 21 11.12 -13.54 -0.48
CA PRO D 21 10.62 -14.71 -1.14
C PRO D 21 11.77 -15.64 -1.60
N ALA D 22 11.44 -16.90 -1.91
CA ALA D 22 12.35 -17.71 -2.73
C ALA D 22 12.49 -16.97 -4.05
N LYS D 23 13.71 -16.86 -4.54
CA LYS D 23 13.98 -16.13 -5.77
C LYS D 23 14.61 -17.01 -6.83
N MSE D 24 14.15 -16.89 -8.05
CA MSE D 24 14.76 -17.59 -9.20
C MSE D 24 14.50 -16.76 -10.43
O MSE D 24 13.37 -16.37 -10.69
CB MSE D 24 14.16 -18.96 -9.46
CG MSE D 24 14.19 -19.93 -8.29
SE MSE D 24 13.16 -21.52 -8.82
CE MSE D 24 14.33 -22.24 -10.24
N ARG D 25 15.56 -16.48 -11.15
CA ARG D 25 15.50 -15.72 -12.42
C ARG D 25 15.24 -16.57 -13.63
N SER D 26 15.42 -17.87 -13.46
CA SER D 26 15.15 -18.85 -14.49
C SER D 26 14.78 -20.08 -13.76
N PRO D 27 14.02 -20.97 -14.39
CA PRO D 27 13.80 -22.28 -13.74
C PRO D 27 15.09 -23.08 -13.67
N TYR D 28 16.01 -22.84 -14.60
CA TYR D 28 17.24 -23.60 -14.72
C TYR D 28 18.44 -22.95 -14.01
N SER D 29 19.28 -23.79 -13.41
CA SER D 29 20.62 -23.43 -12.98
C SER D 29 21.59 -24.14 -13.95
N VAL D 30 22.59 -23.38 -14.41
CA VAL D 30 23.61 -23.85 -15.34
C VAL D 30 24.82 -24.38 -14.56
N THR D 31 25.19 -25.61 -14.83
CA THR D 31 26.29 -26.27 -14.11
C THR D 31 27.66 -25.90 -14.71
N THR D 32 28.72 -26.33 -14.04
CA THR D 32 30.08 -26.14 -14.56
C THR D 32 30.30 -26.96 -15.82
N GLU D 33 29.51 -28.00 -16.00
CA GLU D 33 29.57 -28.87 -17.19
C GLU D 33 28.69 -28.37 -18.35
N GLY D 34 28.06 -27.22 -18.17
CA GLY D 34 27.23 -26.65 -19.24
C GLY D 34 25.92 -27.40 -19.45
N THR D 35 25.42 -28.00 -18.39
CA THR D 35 24.10 -28.60 -18.41
C THR D 35 23.20 -27.79 -17.52
N VAL D 36 21.90 -28.08 -17.62
CA VAL D 36 20.89 -27.38 -16.81
C VAL D 36 20.18 -28.29 -15.83
N ARG D 37 19.89 -27.74 -14.64
CA ARG D 37 19.15 -28.48 -13.60
C ARG D 37 18.02 -27.59 -13.12
N VAL D 38 16.90 -28.21 -12.75
CA VAL D 38 15.83 -27.49 -12.08
C VAL D 38 15.82 -27.80 -10.58
N ILE D 39 16.32 -26.86 -9.79
CA ILE D 39 16.45 -27.06 -8.34
C ILE D 39 16.18 -25.74 -7.59
N PRO D 40 15.78 -25.85 -6.31
CA PRO D 40 15.61 -24.65 -5.48
C PRO D 40 16.89 -23.88 -5.29
N VAL D 41 16.76 -22.58 -5.09
CA VAL D 41 17.91 -21.67 -5.02
C VAL D 41 17.81 -20.87 -3.71
N LEU D 42 18.02 -19.57 -3.76
CA LEU D 42 18.14 -18.74 -2.54
C LEU D 42 16.82 -18.10 -2.18
N GLY D 43 16.83 -17.40 -1.06
CA GLY D 43 15.67 -16.68 -0.56
C GLY D 43 14.84 -17.53 0.40
N GLY D 44 13.73 -16.95 0.79
CA GLY D 44 12.69 -17.69 1.46
C GLY D 44 12.97 -18.02 2.89
N ILE D 45 12.01 -18.77 3.43
CA ILE D 45 12.13 -19.55 4.64
C ILE D 45 12.46 -20.96 4.14
N THR D 46 13.68 -21.40 4.40
CA THR D 46 14.14 -22.75 4.02
C THR D 46 13.97 -23.62 5.27
N TYR D 47 13.00 -24.53 5.20
CA TYR D 47 12.51 -25.29 6.35
C TYR D 47 13.44 -26.40 6.83
N ASN D 48 14.35 -26.75 5.93
N ASN D 48 14.22 -27.00 5.94
CA ASN D 48 14.99 -28.06 5.79
CA ASN D 48 15.05 -28.18 6.26
C ASN D 48 16.50 -27.97 5.99
C ASN D 48 16.56 -27.99 5.97
N VAL D 49 17.02 -26.74 5.96
CA VAL D 49 18.42 -26.44 5.93
C VAL D 49 18.69 -25.35 6.97
N LYS D 50 19.68 -25.60 7.82
CA LYS D 50 19.96 -24.67 8.93
C LYS D 50 21.41 -24.60 9.25
N VAL D 51 21.78 -23.53 9.95
CA VAL D 51 23.17 -23.33 10.40
C VAL D 51 23.62 -24.59 11.15
N GLY D 52 24.78 -25.09 10.81
CA GLY D 52 25.34 -26.29 11.41
C GLY D 52 25.25 -27.47 10.44
N ASP D 53 24.30 -27.43 9.51
CA ASP D 53 24.20 -28.48 8.48
C ASP D 53 25.36 -28.38 7.47
N SER D 54 25.63 -29.49 6.79
CA SER D 54 26.59 -29.49 5.69
C SER D 54 26.22 -28.43 4.68
N ALA D 55 27.23 -27.75 4.15
CA ALA D 55 27.03 -26.85 2.98
C ALA D 55 26.86 -27.66 1.65
N TYR D 56 27.21 -28.92 1.70
CA TYR D 56 27.11 -29.82 0.55
C TYR D 56 25.97 -30.85 0.71
N GLY D 57 25.75 -31.61 -0.35
CA GLY D 57 24.75 -32.68 -0.32
C GLY D 57 23.28 -32.28 -0.38
N TRP D 58 23.01 -31.10 -0.90
CA TRP D 58 21.64 -30.66 -1.18
C TRP D 58 21.42 -30.62 -2.66
N ALA D 59 20.22 -31.02 -3.10
CA ALA D 59 19.78 -30.78 -4.48
C ALA D 59 19.28 -29.31 -4.57
N GLY D 60 20.26 -28.42 -4.67
CA GLY D 60 19.99 -26.97 -4.63
C GLY D 60 21.22 -26.19 -4.95
N ASP D 61 21.06 -24.89 -5.13
CA ASP D 61 22.13 -23.98 -5.50
C ASP D 61 21.97 -22.72 -4.65
N HIS D 62 23.06 -22.25 -4.04
CA HIS D 62 23.01 -20.99 -3.25
C HIS D 62 21.96 -21.04 -2.13
N VAL D 63 21.70 -22.22 -1.60
CA VAL D 63 20.60 -22.35 -0.66
C VAL D 63 21.02 -21.64 0.60
N GLU D 64 20.13 -20.81 1.09
CA GLU D 64 20.40 -20.01 2.27
C GLU D 64 19.65 -20.66 3.45
N PRO D 65 20.39 -21.04 4.51
CA PRO D 65 19.74 -21.68 5.63
C PRO D 65 18.79 -20.70 6.36
N GLY D 66 17.74 -21.27 6.93
CA GLY D 66 16.84 -20.53 7.81
C GLY D 66 16.09 -19.47 7.01
N VAL D 67 16.06 -18.26 7.53
CA VAL D 67 15.21 -17.18 7.01
C VAL D 67 16.08 -16.14 6.33
N SER D 68 15.77 -15.90 5.06
CA SER D 68 16.41 -14.86 4.24
C SER D 68 15.63 -13.54 4.40
N VAL D 69 16.36 -12.48 4.73
CA VAL D 69 15.80 -11.16 5.01
C VAL D 69 16.36 -10.16 4.00
N MSE D 70 15.45 -9.51 3.28
CA MSE D 70 15.79 -8.51 2.28
C MSE D 70 15.33 -7.13 2.73
O MSE D 70 14.60 -7.00 3.70
CB MSE D 70 15.16 -8.84 0.93
CG MSE D 70 13.61 -8.76 0.91
SE MSE D 70 12.92 -9.06 -0.89
CE MSE D 70 13.38 -7.26 -1.66
N ALA D 71 15.71 -6.13 1.95
CA ALA D 71 15.36 -4.76 2.24
C ALA D 71 13.95 -4.45 1.76
N ARG D 72 13.32 -3.47 2.40
CA ARG D 72 12.01 -2.97 1.96
C ARG D 72 12.10 -2.34 0.58
N ARG D 73 13.24 -1.72 0.28
CA ARG D 73 13.49 -1.12 -1.03
C ARG D 73 14.97 -1.00 -1.24
N LYS D 74 15.35 -0.67 -2.47
CA LYS D 74 16.75 -0.68 -2.89
C LYS D 74 17.66 0.24 -2.05
N GLU D 75 17.15 1.40 -1.71
CA GLU D 75 17.88 2.42 -0.98
C GLU D 75 18.31 1.95 0.44
N GLU D 76 17.60 0.95 0.92
CA GLU D 76 17.82 0.38 2.27
C GLU D 76 18.69 -0.85 2.29
N GLU D 77 19.15 -1.27 1.11
CA GLU D 77 20.02 -2.47 0.98
C GLU D 77 21.43 -2.31 1.58
N ILE D 78 22.07 -1.18 1.31
CA ILE D 78 23.41 -0.90 1.82
C ILE D 78 23.47 -0.97 3.35
N PRO D 79 22.63 -0.20 4.06
CA PRO D 79 22.68 -0.32 5.53
C PRO D 79 22.30 -1.71 6.06
N LEU D 80 21.34 -2.37 5.42
CA LEU D 80 20.98 -3.74 5.78
C LEU D 80 22.22 -4.66 5.75
N MSE D 81 22.92 -4.63 4.62
CA MSE D 81 24.07 -5.49 4.35
C MSE D 81 25.33 -5.06 5.12
O MSE D 81 26.19 -5.86 5.43
CB MSE D 81 24.41 -5.46 2.87
CG MSE D 81 23.40 -6.19 1.98
SE MSE D 81 22.96 -8.00 2.68
CE MSE D 81 24.70 -8.80 2.18
N THR D 82 25.45 -3.78 5.37
CA THR D 82 26.67 -3.27 5.98
C THR D 82 26.64 -3.41 7.50
N LEU D 83 25.53 -3.06 8.11
CA LEU D 83 25.50 -2.92 9.57
C LEU D 83 25.21 -4.23 10.29
N SER D 84 24.56 -5.16 9.60
CA SER D 84 24.19 -6.45 10.17
C SER D 84 25.42 -7.33 10.36
N CYS D 85 25.59 -7.77 11.59
CA CYS D 85 26.73 -8.56 11.99
C CYS D 85 26.28 -9.93 12.46
N ILE D 86 27.11 -10.92 12.15
CA ILE D 86 26.87 -12.31 12.53
C ILE D 86 26.77 -12.38 14.05
N GLY D 87 25.67 -12.98 14.50
CA GLY D 87 25.39 -13.06 15.92
C GLY D 87 24.46 -11.98 16.44
N ASN D 88 24.15 -10.97 15.64
CA ASN D 88 23.24 -9.95 16.10
C ASN D 88 21.85 -10.49 16.39
N GLU D 89 21.18 -9.89 17.35
CA GLU D 89 19.80 -10.25 17.67
C GLU D 89 18.85 -9.79 16.57
N VAL D 90 17.87 -10.64 16.29
CA VAL D 90 16.84 -10.40 15.28
C VAL D 90 15.47 -10.66 15.87
N ILE D 91 14.52 -9.74 15.65
CA ILE D 91 13.19 -9.81 16.23
C ILE D 91 12.14 -9.72 15.15
N VAL D 92 11.20 -10.66 15.19
CA VAL D 92 10.06 -10.64 14.27
C VAL D 92 9.07 -9.60 14.74
N MSE D 93 8.75 -8.66 13.86
CA MSE D 93 7.92 -7.48 14.22
C MSE D 93 6.51 -7.46 13.64
O MSE D 93 5.74 -6.55 13.95
CB MSE D 93 8.65 -6.17 13.87
CG MSE D 93 10.02 -6.04 14.53
SE MSE D 93 9.88 -6.01 16.47
CE MSE D 93 8.93 -4.29 16.85
N SER D 94 6.17 -8.43 12.82
CA SER D 94 4.78 -8.59 12.35
C SER D 94 4.51 -10.06 12.06
N GLY D 95 3.24 -10.39 11.85
CA GLY D 95 2.81 -11.73 11.45
C GLY D 95 2.51 -12.61 12.65
N ASP D 96 2.42 -13.91 12.43
CA ASP D 96 2.08 -14.85 13.50
C ASP D 96 3.17 -15.11 14.53
N ALA D 97 4.42 -14.90 14.14
CA ALA D 97 5.60 -15.21 14.98
C ALA D 97 6.15 -13.92 15.57
N LYS D 98 5.33 -12.89 15.55
CA LYS D 98 5.63 -11.60 16.13
C LYS D 98 6.20 -11.75 17.56
N GLY D 99 7.38 -11.18 17.81
CA GLY D 99 8.01 -11.24 19.14
C GLY D 99 9.12 -12.29 19.23
N SER D 100 9.12 -13.24 18.30
CA SER D 100 10.15 -14.27 18.24
C SER D 100 11.52 -13.70 17.97
N ARG D 101 12.52 -14.31 18.57
CA ARG D 101 13.88 -13.83 18.45
C ARG D 101 14.81 -14.83 17.85
N GLY D 102 15.70 -14.32 17.04
CA GLY D 102 16.69 -15.15 16.37
C GLY D 102 18.01 -14.38 16.31
N PHE D 103 18.92 -14.92 15.50
N PHE D 103 18.81 -14.71 15.32
CA PHE D 103 20.30 -14.46 15.41
CA PHE D 103 20.27 -14.59 15.39
C PHE D 103 20.72 -14.52 13.96
C PHE D 103 20.79 -14.58 13.96
N VAL D 104 21.50 -13.52 13.57
CA VAL D 104 22.07 -13.44 12.25
C VAL D 104 23.16 -14.47 12.12
N THR D 105 23.06 -15.29 11.07
CA THR D 105 24.05 -16.33 10.78
C THR D 105 24.96 -15.97 9.65
N GLY D 106 24.58 -14.97 8.89
CA GLY D 106 25.32 -14.65 7.68
C GLY D 106 24.62 -13.60 6.84
N LYS D 107 25.22 -13.30 5.70
CA LYS D 107 24.65 -12.39 4.74
C LYS D 107 25.25 -12.72 3.38
N HIS D 108 24.48 -12.47 2.35
CA HIS D 108 24.82 -12.86 0.98
C HIS D 108 24.58 -11.65 0.08
N GLY D 109 25.65 -11.25 -0.60
CA GLY D 109 25.61 -10.12 -1.52
C GLY D 109 25.00 -10.44 -2.87
N GLY D 110 24.63 -9.42 -3.61
CA GLY D 110 23.98 -9.57 -4.91
C GLY D 110 22.50 -9.33 -4.70
N VAL D 111 21.79 -10.39 -4.35
CA VAL D 111 20.39 -10.26 -3.92
C VAL D 111 20.29 -9.51 -2.59
N ASN D 112 21.39 -9.51 -1.83
CA ASN D 112 21.51 -8.74 -0.57
C ASN D 112 20.53 -9.22 0.52
N HIS D 113 20.79 -10.41 0.97
CA HIS D 113 20.02 -11.03 2.02
C HIS D 113 20.85 -11.18 3.28
N VAL D 114 20.21 -10.89 4.40
CA VAL D 114 20.74 -11.27 5.68
C VAL D 114 20.04 -12.53 6.14
N LEU D 115 20.79 -13.49 6.64
CA LEU D 115 20.30 -14.83 6.92
C LEU D 115 20.20 -15.00 8.42
N VAL D 116 19.09 -15.60 8.85
CA VAL D 116 18.68 -15.58 10.27
C VAL D 116 18.24 -16.95 10.74
N HIS D 117 18.76 -17.33 11.90
CA HIS D 117 18.34 -18.52 12.57
C HIS D 117 17.31 -18.19 13.62
N PHE D 118 16.15 -18.83 13.47
CA PHE D 118 15.13 -18.90 14.54
C PHE D 118 14.97 -20.33 14.97
N GLU D 119 14.45 -20.54 16.19
CA GLU D 119 14.11 -21.89 16.65
C GLU D 119 13.07 -22.54 15.70
N GLU D 120 13.12 -23.86 15.60
CA GLU D 120 12.37 -24.57 14.56
C GLU D 120 10.86 -24.30 14.63
N GLU D 121 10.37 -24.17 15.85
CA GLU D 121 8.94 -23.94 16.12
C GLU D 121 8.44 -22.64 15.48
N VAL D 122 9.33 -21.67 15.41
CA VAL D 122 9.01 -20.37 14.82
C VAL D 122 8.77 -20.41 13.32
N LEU D 123 9.52 -21.26 12.63
CA LEU D 123 9.58 -21.22 11.15
C LEU D 123 8.24 -21.46 10.48
N GLY D 124 7.47 -22.35 11.10
CA GLY D 124 6.16 -22.73 10.61
C GLY D 124 5.10 -21.65 10.80
N LYS D 125 5.43 -20.59 11.54
CA LYS D 125 4.50 -19.46 11.73
C LYS D 125 4.84 -18.25 10.84
N LEU D 126 5.99 -18.33 10.20
CA LEU D 126 6.51 -17.24 9.42
C LEU D 126 5.90 -17.17 8.03
N MSE D 127 5.90 -15.97 7.52
CA MSE D 127 5.39 -15.69 6.21
C MSE D 127 6.33 -14.71 5.51
O MSE D 127 6.84 -13.76 6.14
CB MSE D 127 3.98 -15.10 6.33
CG MSE D 127 3.25 -14.77 5.02
SE MSE D 127 3.29 -16.23 3.65
CE MSE D 127 2.42 -15.22 2.21
N VAL D 128 6.55 -14.94 4.22
CA VAL D 128 7.26 -14.01 3.36
C VAL D 128 6.60 -12.62 3.47
N GLY D 129 7.43 -11.59 3.65
CA GLY D 129 6.94 -10.23 3.81
C GLY D 129 6.77 -9.85 5.29
N ASP D 130 6.95 -10.78 6.22
CA ASP D 130 6.84 -10.44 7.64
C ASP D 130 8.02 -9.51 7.93
N LYS D 131 7.76 -8.51 8.76
CA LYS D 131 8.74 -7.48 9.12
C LYS D 131 9.77 -7.96 10.14
N ILE D 132 11.00 -7.54 9.92
CA ILE D 132 12.17 -8.03 10.67
C ILE D 132 13.01 -6.88 11.12
N LEU D 133 13.35 -6.88 12.39
CA LEU D 133 14.24 -5.92 13.03
C LEU D 133 15.55 -6.62 13.43
N ILE D 134 16.64 -6.11 12.87
CA ILE D 134 17.96 -6.51 13.27
C ILE D 134 18.53 -5.41 14.18
N LYS D 135 18.93 -5.79 15.39
CA LYS D 135 19.59 -4.84 16.29
C LYS D 135 21.08 -4.89 15.95
N ALA D 136 21.43 -4.05 14.98
CA ALA D 136 22.76 -4.12 14.34
C ALA D 136 23.82 -3.56 15.29
N TRP D 137 24.93 -4.29 15.39
CA TRP D 137 25.96 -3.99 16.35
C TRP D 137 27.25 -4.76 16.03
N GLY D 138 28.34 -4.03 15.84
CA GLY D 138 29.67 -4.63 15.66
C GLY D 138 30.59 -3.92 14.69
N GLN D 139 30.02 -3.20 13.73
CA GLN D 139 30.86 -2.46 12.77
C GLN D 139 31.44 -1.26 13.53
N GLY D 140 32.76 -1.14 13.40
CA GLY D 140 33.56 -0.18 14.18
C GLY D 140 34.44 -0.87 15.21
N LEU D 141 34.19 -2.13 15.46
CA LEU D 141 34.95 -2.92 16.46
C LEU D 141 36.43 -2.93 16.10
N LYS D 142 37.23 -2.59 17.11
CA LYS D 142 38.70 -2.61 17.01
C LYS D 142 39.30 -3.39 18.16
N LEU D 143 40.39 -4.10 17.88
CA LEU D 143 41.20 -4.76 18.91
C LEU D 143 42.32 -3.79 19.31
N LEU D 144 42.17 -3.23 20.50
CA LEU D 144 42.98 -2.10 20.95
C LEU D 144 44.46 -2.45 21.13
N ASP D 145 44.77 -3.71 21.39
CA ASP D 145 46.17 -4.17 21.49
C ASP D 145 46.68 -4.82 20.19
N HIS D 146 45.85 -4.86 19.15
CA HIS D 146 46.22 -5.48 17.86
C HIS D 146 45.72 -4.61 16.72
N PRO D 147 46.24 -3.37 16.64
CA PRO D 147 45.74 -2.40 15.67
C PRO D 147 45.81 -2.84 14.20
N ASP D 148 46.71 -3.74 13.88
CA ASP D 148 46.92 -4.20 12.50
C ASP D 148 46.08 -5.43 12.14
N VAL D 149 45.35 -5.92 13.13
CA VAL D 149 44.37 -7.00 12.94
C VAL D 149 42.97 -6.40 12.90
N LYS D 150 42.37 -6.42 11.72
CA LYS D 150 41.07 -5.78 11.52
C LYS D 150 39.98 -6.80 11.75
N VAL D 151 38.91 -6.38 12.42
CA VAL D 151 37.74 -7.23 12.62
C VAL D 151 36.51 -6.50 12.09
N MSE D 152 35.49 -7.29 11.76
CA MSE D 152 34.29 -6.78 11.13
C MSE D 152 33.23 -7.85 11.10
O MSE D 152 33.52 -9.04 11.28
CB MSE D 152 34.59 -6.38 9.69
CG MSE D 152 34.84 -7.59 8.84
SE MSE D 152 35.69 -7.27 7.09
CE MSE D 152 37.53 -7.04 7.81
N ASN D 153 32.00 -7.42 10.81
CA ASN D 153 30.89 -8.33 10.47
C ASN D 153 30.48 -9.24 11.62
N ILE D 154 30.93 -8.94 12.85
CA ILE D 154 30.73 -9.86 13.97
C ILE D 154 30.26 -9.18 15.25
N ASP D 155 29.18 -9.70 15.78
CA ASP D 155 28.66 -9.25 17.04
C ASP D 155 29.78 -9.46 18.10
N PRO D 156 30.16 -8.40 18.83
CA PRO D 156 31.25 -8.52 19.79
C PRO D 156 31.07 -9.62 20.83
N ASP D 157 29.83 -9.86 21.26
CA ASP D 157 29.60 -10.93 22.24
C ASP D 157 29.84 -12.30 21.60
N LEU D 158 29.41 -12.47 20.34
CA LEU D 158 29.73 -13.71 19.62
C LEU D 158 31.24 -13.86 19.39
N PHE D 159 31.89 -12.75 19.09
CA PHE D 159 33.33 -12.70 18.87
C PHE D 159 34.11 -13.34 20.04
N GLU D 160 33.66 -13.06 21.27
CA GLU D 160 34.29 -13.57 22.48
C GLU D 160 34.14 -15.09 22.69
N LYS D 161 33.26 -15.72 21.92
CA LYS D 161 32.98 -17.18 22.07
C LYS D 161 33.69 -18.07 21.05
N LEU D 162 34.48 -17.47 20.18
CA LEU D 162 35.08 -18.22 19.06
C LEU D 162 36.35 -18.97 19.43
N GLY D 163 36.73 -18.93 20.69
CA GLY D 163 37.94 -19.62 21.16
C GLY D 163 39.24 -18.92 20.74
N ILE D 164 39.13 -17.64 20.42
CA ILE D 164 40.26 -16.88 19.95
C ILE D 164 41.11 -16.47 21.18
N GLN D 165 42.43 -16.55 21.04
CA GLN D 165 43.34 -16.31 22.15
C GLN D 165 44.53 -15.41 21.78
N GLU D 166 44.81 -14.44 22.65
CA GLU D 166 46.03 -13.65 22.57
C GLU D 166 47.18 -14.40 23.20
N LYS D 167 48.34 -14.35 22.55
CA LYS D 167 49.58 -14.83 23.14
C LYS D 167 50.77 -14.32 22.34
N ASN D 168 51.68 -13.64 23.01
CA ASN D 168 52.95 -13.20 22.39
C ASN D 168 52.77 -12.11 21.33
N GLY D 169 51.72 -11.31 21.48
CA GLY D 169 51.38 -10.23 20.53
C GLY D 169 50.81 -10.76 19.24
N LYS D 170 50.15 -11.92 19.32
CA LYS D 170 49.56 -12.63 18.18
C LYS D 170 48.24 -13.23 18.56
N ILE D 171 47.44 -13.54 17.54
CA ILE D 171 46.08 -14.05 17.70
C ILE D 171 45.95 -15.48 17.10
N HIS D 172 45.60 -16.43 17.96
CA HIS D 172 45.33 -17.81 17.57
C HIS D 172 43.82 -18.02 17.38
N VAL D 173 43.45 -18.56 16.22
CA VAL D 173 42.07 -18.67 15.84
C VAL D 173 41.77 -20.11 15.42
N PRO D 174 40.87 -20.80 16.15
CA PRO D 174 40.39 -22.11 15.70
C PRO D 174 39.61 -22.05 14.39
N VAL D 175 40.01 -22.90 13.44
CA VAL D 175 39.37 -23.02 12.11
C VAL D 175 39.19 -24.48 11.72
N VAL D 176 38.19 -24.81 10.91
CA VAL D 176 38.01 -26.19 10.42
C VAL D 176 38.89 -26.45 9.18
N ALA D 177 39.21 -25.40 8.45
CA ALA D 177 40.00 -25.55 7.23
C ALA D 177 40.68 -24.24 6.92
N LYS D 178 41.76 -24.35 6.18
CA LYS D 178 42.53 -23.23 5.65
C LYS D 178 42.45 -23.35 4.14
N ILE D 179 41.90 -22.32 3.51
CA ILE D 179 41.53 -22.32 2.10
C ILE D 179 42.52 -21.50 1.28
N PRO D 180 43.14 -22.10 0.25
CA PRO D 180 44.02 -21.32 -0.60
C PRO D 180 43.31 -20.20 -1.32
N ALA D 181 44.07 -19.14 -1.61
CA ALA D 181 43.59 -18.00 -2.36
C ALA D 181 42.89 -18.42 -3.64
N HIS D 182 43.50 -19.32 -4.39
CA HIS D 182 42.93 -19.74 -5.70
C HIS D 182 41.59 -20.51 -5.62
N MSE D 183 41.15 -20.85 -4.41
CA MSE D 183 39.86 -21.49 -4.21
C MSE D 183 38.73 -20.47 -4.02
O MSE D 183 37.56 -20.85 -3.96
CB MSE D 183 39.91 -22.49 -3.04
CG MSE D 183 40.67 -23.78 -3.40
SE MSE D 183 39.91 -24.74 -5.00
CE MSE D 183 38.13 -25.00 -4.33
N MSE D 184 39.06 -19.19 -3.92
CA MSE D 184 38.07 -18.12 -3.81
C MSE D 184 37.70 -17.57 -5.19
O MSE D 184 38.59 -17.25 -5.98
CB MSE D 184 38.61 -16.99 -2.96
CG MSE D 184 38.99 -17.35 -1.57
SE MSE D 184 37.72 -18.52 -0.60
CE MSE D 184 36.24 -17.24 -0.23
N GLY D 185 36.40 -17.40 -5.42
CA GLY D 185 35.84 -16.99 -6.70
C GLY D 185 34.89 -15.81 -6.56
N SER D 186 33.63 -16.02 -6.93
CA SER D 186 32.59 -14.99 -7.02
C SER D 186 32.55 -14.08 -5.79
N GLY D 187 32.64 -12.77 -6.05
CA GLY D 187 32.57 -11.74 -5.00
C GLY D 187 33.89 -11.03 -4.76
N ILE D 188 34.99 -11.60 -5.26
CA ILE D 188 36.25 -10.87 -5.26
C ILE D 188 36.00 -9.54 -5.99
N GLY D 189 36.46 -8.44 -5.39
CA GLY D 189 36.32 -7.14 -6.03
C GLY D 189 35.16 -6.31 -5.51
N ALA D 190 34.28 -6.91 -4.73
CA ALA D 190 33.18 -6.13 -4.11
C ALA D 190 33.79 -4.93 -3.34
N SER D 191 33.10 -3.79 -3.37
CA SER D 191 33.62 -2.56 -2.76
C SER D 191 34.10 -2.73 -1.36
N SER D 192 33.35 -3.46 -0.57
CA SER D 192 33.59 -3.57 0.86
C SER D 192 33.31 -4.97 1.35
N SER D 193 34.29 -5.51 2.06
CA SER D 193 34.13 -6.74 2.81
C SER D 193 33.10 -6.66 3.94
N ALA D 194 32.71 -5.46 4.32
CA ALA D 194 31.65 -5.25 5.33
C ALA D 194 30.25 -5.54 4.81
N SER D 195 30.11 -5.67 3.51
CA SER D 195 28.75 -5.64 2.96
C SER D 195 28.41 -6.81 2.07
N THR D 196 29.27 -7.82 2.07
CA THR D 196 29.02 -9.00 1.29
C THR D 196 29.83 -10.24 1.73
N ASP D 197 29.46 -11.36 1.15
CA ASP D 197 30.24 -12.58 1.23
C ASP D 197 30.99 -12.79 -0.10
N TYR D 198 31.92 -13.75 -0.11
CA TYR D 198 32.46 -14.29 -1.36
C TYR D 198 32.63 -15.78 -1.29
N ASP D 199 32.68 -16.39 -2.47
CA ASP D 199 32.50 -17.84 -2.60
C ASP D 199 33.79 -18.63 -2.59
N ILE D 200 33.75 -19.74 -1.87
CA ILE D 200 34.73 -20.82 -2.01
C ILE D 200 34.27 -21.69 -3.15
N MSE D 201 35.02 -21.73 -4.24
CA MSE D 201 34.55 -22.47 -5.41
C MSE D 201 35.06 -23.91 -5.44
O MSE D 201 35.54 -24.40 -6.45
CB MSE D 201 34.87 -21.75 -6.71
CG MSE D 201 36.32 -21.54 -7.00
SE MSE D 201 36.58 -20.71 -8.78
CE MSE D 201 38.28 -19.83 -8.33
N ALA D 202 34.87 -24.59 -4.32
CA ALA D 202 35.16 -26.01 -4.24
C ALA D 202 33.84 -26.75 -4.51
N SER D 203 33.88 -27.64 -5.51
CA SER D 203 32.74 -28.48 -5.90
C SER D 203 32.40 -29.55 -4.88
N ASN D 204 33.43 -30.02 -4.18
CA ASN D 204 33.36 -31.05 -3.13
C ASN D 204 34.20 -30.60 -1.94
N PRO D 205 33.79 -30.94 -0.71
CA PRO D 205 34.59 -30.56 0.45
C PRO D 205 36.01 -31.22 0.47
N GLU D 206 36.14 -32.37 -0.16
CA GLU D 206 37.43 -33.04 -0.30
C GLU D 206 38.43 -32.16 -1.10
N ASP D 207 37.93 -31.32 -2.00
CA ASP D 207 38.81 -30.36 -2.69
C ASP D 207 39.48 -29.38 -1.72
N LEU D 208 38.93 -29.27 -0.52
CA LEU D 208 39.50 -28.40 0.51
C LEU D 208 40.29 -29.21 1.56
N GLY D 209 40.45 -30.50 1.31
CA GLY D 209 41.18 -31.37 2.23
C GLY D 209 40.40 -31.74 3.50
N VAL D 210 39.08 -31.55 3.48
CA VAL D 210 38.21 -31.89 4.62
C VAL D 210 37.06 -32.81 4.18
N ALA D 211 36.58 -33.65 5.10
CA ALA D 211 35.49 -34.58 4.83
C ALA D 211 34.17 -33.83 4.61
N ASP D 212 34.03 -32.68 5.27
CA ASP D 212 32.83 -31.88 5.21
C ASP D 212 33.11 -30.40 5.48
N LEU D 213 32.25 -29.55 4.94
CA LEU D 213 32.24 -28.15 5.28
C LEU D 213 30.80 -27.82 5.60
N LYS D 214 30.60 -27.22 6.76
CA LYS D 214 29.28 -26.92 7.29
C LYS D 214 28.94 -25.41 7.29
N LEU D 215 27.68 -25.15 7.11
CA LEU D 215 27.13 -23.84 7.31
C LEU D 215 27.45 -23.45 8.75
N GLY D 216 28.07 -22.28 8.92
CA GLY D 216 28.48 -21.78 10.22
C GLY D 216 29.94 -21.98 10.54
N ASP D 217 30.61 -22.75 9.70
CA ASP D 217 32.00 -23.15 9.98
C ASP D 217 32.92 -21.92 9.92
N ILE D 218 33.90 -21.90 10.82
CA ILE D 218 34.94 -20.92 10.84
C ILE D 218 36.14 -21.43 10.03
N VAL D 219 36.54 -20.63 9.04
CA VAL D 219 37.61 -20.97 8.10
C VAL D 219 38.62 -19.85 7.99
N ALA D 220 39.82 -20.22 7.53
CA ALA D 220 40.85 -19.26 7.17
C ALA D 220 40.94 -19.27 5.63
N ILE D 221 41.18 -18.07 5.08
CA ILE D 221 41.49 -17.88 3.67
C ILE D 221 42.94 -17.40 3.65
N GLN D 222 43.79 -18.19 3.02
CA GLN D 222 45.20 -17.85 2.92
C GLN D 222 45.47 -16.88 1.76
N ASP D 223 46.32 -15.89 2.04
CA ASP D 223 46.87 -14.96 1.08
C ASP D 223 45.85 -14.00 0.49
N HIS D 224 44.79 -13.75 1.25
CA HIS D 224 43.80 -12.72 0.89
C HIS D 224 43.71 -11.69 2.00
N ASP D 225 43.79 -10.44 1.56
CA ASP D 225 43.56 -9.28 2.41
C ASP D 225 42.16 -8.74 2.11
N ASN D 226 41.37 -8.55 3.15
CA ASN D 226 39.97 -8.11 3.08
C ASN D 226 39.68 -6.85 3.94
N SER D 227 40.70 -6.00 4.08
CA SER D 227 40.63 -4.81 4.96
C SER D 227 39.62 -3.78 4.44
N TYR D 228 39.57 -3.67 3.11
CA TYR D 228 38.73 -2.70 2.42
C TYR D 228 37.83 -3.45 1.44
N GLY D 229 38.15 -3.45 0.17
CA GLY D 229 37.43 -4.30 -0.80
C GLY D 229 37.75 -5.80 -0.62
N VAL D 230 36.98 -6.63 -1.34
CA VAL D 230 37.04 -8.08 -1.15
C VAL D 230 38.10 -8.77 -2.00
N GLY D 231 38.87 -9.63 -1.34
CA GLY D 231 39.68 -10.63 -2.04
C GLY D 231 40.98 -10.21 -2.70
N LYS D 232 41.67 -9.25 -2.09
CA LYS D 232 42.97 -8.79 -2.61
C LYS D 232 43.99 -9.91 -2.35
N TYR D 233 44.52 -10.48 -3.42
CA TYR D 233 45.60 -11.45 -3.27
C TYR D 233 46.84 -10.74 -2.75
N ARG D 234 47.33 -11.20 -1.61
CA ARG D 234 48.62 -10.70 -1.13
C ARG D 234 49.27 -11.80 -0.33
N LYS D 235 50.43 -12.22 -0.78
CA LYS D 235 51.18 -13.31 -0.18
C LYS D 235 51.54 -12.95 1.28
N GLY D 236 51.08 -13.79 2.20
CA GLY D 236 51.27 -13.55 3.62
C GLY D 236 50.10 -12.93 4.36
N ALA D 237 49.11 -12.44 3.63
CA ALA D 237 47.86 -12.00 4.24
C ALA D 237 47.09 -13.24 4.70
N VAL D 238 46.24 -13.07 5.69
CA VAL D 238 45.31 -14.11 6.10
C VAL D 238 43.99 -13.46 6.52
N SER D 239 42.90 -14.10 6.13
CA SER D 239 41.56 -13.68 6.53
C SER D 239 40.88 -14.85 7.27
N ILE D 240 39.99 -14.49 8.19
CA ILE D 240 39.13 -15.46 8.89
C ILE D 240 37.69 -15.15 8.50
N GLY D 241 36.92 -16.18 8.18
CA GLY D 241 35.51 -15.96 7.88
C GLY D 241 34.60 -17.06 8.36
N VAL D 242 33.32 -16.85 8.10
CA VAL D 242 32.26 -17.80 8.45
C VAL D 242 31.53 -18.28 7.20
N VAL D 243 31.27 -19.56 7.11
CA VAL D 243 30.52 -20.09 5.98
C VAL D 243 29.01 -19.82 6.13
N VAL D 244 28.42 -19.20 5.11
CA VAL D 244 27.06 -18.62 5.24
C VAL D 244 25.99 -19.18 4.28
N HIS D 245 26.39 -19.82 3.20
CA HIS D 245 25.40 -20.44 2.29
C HIS D 245 25.93 -21.72 1.63
N SER D 246 25.02 -22.45 0.97
CA SER D 246 25.31 -23.80 0.50
C SER D 246 26.17 -23.82 -0.75
N ALA D 247 26.65 -25.01 -1.08
CA ALA D 247 27.38 -25.27 -2.33
C ALA D 247 26.55 -24.84 -3.52
N CYS D 248 27.23 -24.68 -4.64
CA CYS D 248 26.64 -24.08 -5.82
C CYS D 248 27.05 -24.87 -7.05
N VAL D 249 26.28 -24.78 -8.12
CA VAL D 249 26.48 -25.65 -9.29
C VAL D 249 27.23 -24.98 -10.46
N SER D 250 27.24 -23.63 -10.47
CA SER D 250 27.84 -22.86 -11.56
C SER D 250 29.32 -22.58 -11.34
N ALA D 251 30.03 -22.36 -12.45
CA ALA D 251 31.45 -21.99 -12.44
C ALA D 251 31.67 -20.77 -11.57
N GLY D 252 32.67 -20.87 -10.68
CA GLY D 252 33.12 -19.73 -9.90
C GLY D 252 32.33 -19.52 -8.65
N HIS D 253 31.37 -20.41 -8.37
CA HIS D 253 30.54 -20.33 -7.14
C HIS D 253 30.71 -21.50 -6.21
N GLY D 254 30.25 -21.30 -4.97
CA GLY D 254 30.34 -22.34 -3.95
C GLY D 254 30.01 -21.75 -2.61
N PRO D 255 30.23 -22.50 -1.53
CA PRO D 255 29.79 -21.94 -0.24
C PRO D 255 30.36 -20.55 0.04
N GLY D 256 29.50 -19.66 0.46
CA GLY D 256 29.87 -18.29 0.70
C GLY D 256 30.48 -18.06 2.06
N VAL D 257 31.38 -17.08 2.11
CA VAL D 257 32.13 -16.77 3.30
C VAL D 257 32.00 -15.29 3.58
N VAL D 258 31.58 -14.99 4.80
CA VAL D 258 31.66 -13.62 5.32
C VAL D 258 32.91 -13.48 6.21
N VAL D 259 33.75 -12.50 5.86
CA VAL D 259 34.97 -12.25 6.58
C VAL D 259 34.69 -11.56 7.92
N ILE D 260 35.34 -12.03 8.97
CA ILE D 260 35.23 -11.43 10.31
C ILE D 260 36.57 -10.86 10.82
N MSE D 261 37.67 -11.27 10.20
CA MSE D 261 39.01 -10.81 10.59
C MSE D 261 40.01 -10.87 9.43
O MSE D 261 39.95 -11.75 8.55
CB MSE D 261 39.52 -11.63 11.79
CG MSE D 261 40.85 -11.18 12.34
SE MSE D 261 41.50 -12.43 13.77
CE MSE D 261 40.11 -12.24 15.17
N THR D 262 40.91 -9.91 9.39
CA THR D 262 41.90 -9.85 8.34
C THR D 262 43.15 -9.13 8.82
N GLY D 263 44.31 -9.66 8.42
CA GLY D 263 45.60 -9.08 8.75
C GLY D 263 46.73 -9.90 8.17
N ASP D 264 47.89 -9.84 8.83
CA ASP D 264 49.10 -10.55 8.38
C ASP D 264 49.29 -11.91 9.09
N GLU D 265 49.92 -12.84 8.38
CA GLU D 265 50.27 -14.14 8.94
C GLU D 265 51.18 -14.06 10.16
N SER D 266 51.94 -13.00 10.29
CA SER D 266 52.76 -12.78 11.50
C SER D 266 51.95 -12.50 12.78
N LYS D 267 50.67 -12.17 12.62
CA LYS D 267 49.81 -11.75 13.73
C LYS D 267 48.62 -12.67 13.98
N ILE D 268 48.18 -13.36 12.93
CA ILE D 268 46.98 -14.22 12.95
C ILE D 268 47.42 -15.62 12.60
N LEU D 269 47.21 -16.56 13.53
CA LEU D 269 47.65 -17.95 13.39
C LEU D 269 46.39 -18.81 13.43
N PRO D 270 45.88 -19.20 12.24
CA PRO D 270 44.77 -20.14 12.19
C PRO D 270 45.24 -21.51 12.63
N GLU D 271 44.47 -22.13 13.50
CA GLU D 271 44.84 -23.48 14.01
C GLU D 271 43.66 -24.41 13.79
N GLU D 272 43.94 -25.46 13.02
CA GLU D 272 42.95 -26.38 12.48
C GLU D 272 42.42 -27.22 13.62
N VAL D 273 41.11 -27.26 13.75
CA VAL D 273 40.49 -28.10 14.75
C VAL D 273 39.43 -28.94 14.05
N GLU D 274 38.93 -29.93 14.77
CA GLU D 274 37.85 -30.76 14.28
C GLU D 274 36.54 -30.00 14.05
N ARG D 275 36.23 -29.12 15.00
CA ARG D 275 34.96 -28.41 14.97
C ARG D 275 35.13 -26.97 15.39
N ALA D 276 34.64 -26.06 14.55
CA ALA D 276 34.56 -24.63 14.88
C ALA D 276 33.37 -24.08 14.09
N ASN D 277 32.23 -24.00 14.76
CA ASN D 277 30.95 -23.71 14.10
C ASN D 277 30.11 -22.81 14.97
N ILE D 278 29.64 -21.70 14.39
CA ILE D 278 28.92 -20.72 15.19
C ILE D 278 27.61 -21.26 15.82
N SER D 279 27.03 -22.32 15.22
CA SER D 279 25.80 -22.91 15.77
C SER D 279 26.00 -23.37 17.19
N ASP D 280 27.23 -23.72 17.55
CA ASP D 280 27.54 -24.13 18.92
C ASP D 280 27.36 -22.98 19.93
N TYR D 281 27.28 -21.73 19.47
CA TYR D 281 27.22 -20.60 20.39
C TYR D 281 26.00 -19.72 20.18
N LEU D 282 24.92 -20.29 19.69
CA LEU D 282 23.69 -19.54 19.44
C LEU D 282 23.26 -18.57 20.56
N HIS E 2 8.20 -49.52 -2.50
CA HIS E 2 8.74 -48.11 -2.44
C HIS E 2 10.12 -47.95 -3.10
N MSE E 3 10.13 -47.12 -4.12
CA MSE E 3 11.31 -46.83 -4.96
C MSE E 3 12.39 -46.09 -4.20
O MSE E 3 12.08 -45.25 -3.38
CB MSE E 3 10.89 -45.92 -6.09
CG MSE E 3 11.41 -46.34 -7.43
SE MSE E 3 9.94 -46.50 -8.65
CE MSE E 3 8.69 -47.45 -7.44
N ARG E 4 13.65 -46.40 -4.50
CA ARG E 4 14.79 -45.63 -3.92
C ARG E 4 14.83 -44.24 -4.56
N THR E 5 14.79 -43.24 -3.70
CA THR E 5 14.92 -41.84 -4.13
C THR E 5 16.03 -41.09 -3.39
N ASN E 6 16.26 -39.87 -3.85
CA ASN E 6 17.14 -38.93 -3.16
C ASN E 6 16.37 -37.96 -2.27
N LYS E 7 15.21 -38.40 -1.79
CA LYS E 7 14.33 -37.53 -0.98
C LYS E 7 15.16 -36.76 0.09
N ASP E 8 16.17 -37.41 0.61
CA ASP E 8 17.02 -36.78 1.62
C ASP E 8 17.87 -35.52 1.26
N ARG E 9 18.25 -35.37 0.00
CA ARG E 9 18.95 -34.19 -0.52
C ARG E 9 18.00 -33.00 -0.84
N LEU E 10 16.70 -33.26 -0.75
CA LEU E 10 15.74 -32.31 -1.31
C LEU E 10 15.54 -31.13 -0.37
N VAL E 11 15.39 -29.97 -0.97
CA VAL E 11 15.20 -28.72 -0.22
C VAL E 11 13.72 -28.35 -0.20
N ARG E 12 13.24 -27.99 0.97
CA ARG E 12 11.86 -27.54 1.18
C ARG E 12 11.85 -26.06 1.55
N ILE E 13 11.07 -25.30 0.81
CA ILE E 13 11.21 -23.84 0.83
C ILE E 13 9.86 -23.11 0.66
N SER E 14 9.73 -21.95 1.30
CA SER E 14 8.48 -21.18 1.27
C SER E 14 8.29 -20.54 -0.10
N VAL E 15 7.20 -20.89 -0.76
CA VAL E 15 6.78 -20.25 -1.99
C VAL E 15 5.46 -19.54 -1.76
N VAL E 16 5.45 -18.24 -1.96
CA VAL E 16 4.27 -17.45 -1.67
C VAL E 16 3.55 -16.88 -2.88
N GLY E 17 2.28 -16.65 -2.63
CA GLY E 17 1.41 -15.97 -3.57
C GLY E 17 0.21 -15.37 -2.85
N GLU E 18 -0.84 -15.15 -3.63
CA GLU E 18 -2.12 -14.64 -3.11
C GLU E 18 -3.22 -15.18 -3.99
N ILE E 19 -4.44 -15.23 -3.46
CA ILE E 19 -5.55 -15.73 -4.25
C ILE E 19 -5.81 -14.74 -5.37
N ALA E 20 -5.88 -15.28 -6.59
CA ALA E 20 -5.97 -14.55 -7.83
C ALA E 20 -7.40 -14.20 -8.06
N PRO E 21 -7.67 -13.02 -8.70
CA PRO E 21 -9.02 -12.74 -9.11
C PRO E 21 -9.43 -13.62 -10.30
N ALA E 22 -10.72 -13.72 -10.56
CA ALA E 22 -11.17 -14.27 -11.86
C ALA E 22 -10.65 -13.30 -12.91
N LYS E 23 -10.10 -13.83 -13.99
CA LYS E 23 -9.46 -13.01 -15.03
C LYS E 23 -10.13 -13.25 -16.35
N MSE E 24 -10.39 -12.15 -17.05
CA MSE E 24 -10.86 -12.16 -18.44
C MSE E 24 -10.31 -10.94 -19.17
O MSE E 24 -10.44 -9.80 -18.70
CB MSE E 24 -12.38 -12.10 -18.56
CG MSE E 24 -13.15 -13.17 -17.82
SE MSE E 24 -15.08 -12.83 -17.95
CE MSE E 24 -15.44 -13.71 -19.68
N ARG E 25 -9.70 -11.19 -20.31
CA ARG E 25 -9.15 -10.10 -21.14
C ARG E 25 -10.18 -9.56 -22.11
N SER E 26 -11.29 -10.28 -22.25
CA SER E 26 -12.43 -9.90 -23.09
C SER E 26 -13.65 -10.56 -22.47
N PRO E 27 -14.85 -9.98 -22.66
CA PRO E 27 -16.03 -10.74 -22.26
C PRO E 27 -16.19 -12.02 -23.11
N TYR E 28 -15.68 -11.99 -24.34
CA TYR E 28 -15.87 -13.08 -25.28
C TYR E 28 -14.73 -14.09 -25.30
N SER E 29 -15.11 -15.35 -25.41
CA SER E 29 -14.18 -16.43 -25.71
C SER E 29 -14.48 -16.91 -27.12
N VAL E 30 -13.44 -17.01 -27.97
CA VAL E 30 -13.59 -17.40 -29.37
C VAL E 30 -13.50 -18.91 -29.49
N THR E 31 -14.48 -19.52 -30.14
CA THR E 31 -14.52 -20.95 -30.32
C THR E 31 -13.74 -21.41 -31.55
N THR E 32 -13.63 -22.71 -31.68
CA THR E 32 -12.96 -23.38 -32.82
C THR E 32 -13.75 -23.18 -34.10
N GLU E 33 -15.04 -22.86 -33.96
CA GLU E 33 -15.93 -22.50 -35.09
C GLU E 33 -15.93 -21.03 -35.45
N GLY E 34 -15.14 -20.23 -34.77
CA GLY E 34 -15.05 -18.79 -35.06
C GLY E 34 -16.25 -18.00 -34.56
N THR E 35 -16.90 -18.49 -33.52
CA THR E 35 -18.02 -17.80 -32.84
C THR E 35 -17.57 -17.36 -31.44
N VAL E 36 -18.38 -16.50 -30.82
CA VAL E 36 -18.04 -15.97 -29.51
C VAL E 36 -19.07 -16.41 -28.51
N ARG E 37 -18.58 -16.66 -27.31
CA ARG E 37 -19.43 -17.03 -26.19
C ARG E 37 -19.03 -16.17 -25.02
N VAL E 38 -19.97 -15.84 -24.15
CA VAL E 38 -19.67 -15.15 -22.89
C VAL E 38 -19.80 -16.12 -21.72
N ILE E 39 -18.66 -16.61 -21.24
CA ILE E 39 -18.62 -17.65 -20.22
C ILE E 39 -17.46 -17.38 -19.25
N PRO E 40 -17.59 -17.85 -18.00
CA PRO E 40 -16.52 -17.74 -17.01
C PRO E 40 -15.26 -18.46 -17.48
N VAL E 41 -14.11 -17.94 -17.05
CA VAL E 41 -12.78 -18.42 -17.47
C VAL E 41 -11.97 -18.81 -16.21
N LEU E 42 -10.72 -18.41 -16.16
CA LEU E 42 -9.76 -18.88 -15.15
C LEU E 42 -9.65 -17.89 -13.98
N GLY E 43 -8.91 -18.31 -12.96
CA GLY E 43 -8.66 -17.52 -11.79
C GLY E 43 -9.68 -17.77 -10.70
N GLY E 44 -9.58 -16.94 -9.69
CA GLY E 44 -10.59 -16.88 -8.66
C GLY E 44 -10.62 -18.08 -7.72
N ILE E 45 -11.60 -17.99 -6.83
CA ILE E 45 -12.12 -19.12 -6.08
C ILE E 45 -13.31 -19.63 -6.90
N THR E 46 -13.16 -20.81 -7.45
CA THR E 46 -14.25 -21.44 -8.18
C THR E 46 -15.02 -22.36 -7.24
N TYR E 47 -16.26 -21.99 -6.95
CA TYR E 47 -17.03 -22.64 -5.87
C TYR E 47 -17.59 -24.01 -6.17
N ASN E 48 -17.85 -24.32 -7.45
CA ASN E 48 -18.54 -25.56 -7.76
C ASN E 48 -17.79 -26.47 -8.73
N VAL E 49 -16.49 -26.22 -8.89
CA VAL E 49 -15.64 -27.07 -9.72
C VAL E 49 -14.41 -27.42 -8.88
N LYS E 50 -14.16 -28.70 -8.69
CA LYS E 50 -13.11 -29.15 -7.81
C LYS E 50 -12.35 -30.34 -8.40
N VAL E 51 -11.17 -30.59 -7.88
CA VAL E 51 -10.39 -31.74 -8.34
C VAL E 51 -11.26 -32.98 -8.15
N GLY E 52 -11.31 -33.85 -9.16
CA GLY E 52 -12.12 -35.04 -9.15
C GLY E 52 -13.35 -34.89 -10.03
N ASP E 53 -13.78 -33.65 -10.27
CA ASP E 53 -14.89 -33.38 -11.22
C ASP E 53 -14.45 -33.59 -12.66
N SER E 54 -15.43 -33.82 -13.52
CA SER E 54 -15.19 -33.87 -14.97
C SER E 54 -14.50 -32.58 -15.45
N ALA E 55 -13.55 -32.73 -16.37
CA ALA E 55 -12.92 -31.59 -17.05
C ALA E 55 -13.91 -30.97 -18.04
N TYR E 56 -14.89 -31.77 -18.44
CA TYR E 56 -15.87 -31.39 -19.45
C TYR E 56 -17.25 -31.08 -18.86
N GLY E 57 -18.13 -30.65 -19.72
CA GLY E 57 -19.51 -30.38 -19.35
C GLY E 57 -19.75 -29.15 -18.47
N TRP E 58 -18.82 -28.21 -18.45
CA TRP E 58 -19.07 -26.92 -17.77
C TRP E 58 -19.19 -25.87 -18.83
N ALA E 59 -20.12 -24.93 -18.63
CA ALA E 59 -20.22 -23.75 -19.51
C ALA E 59 -19.17 -22.71 -19.05
N GLY E 60 -17.95 -22.94 -19.54
CA GLY E 60 -16.76 -22.18 -19.15
C GLY E 60 -15.57 -22.56 -20.01
N ASP E 61 -14.47 -21.82 -19.86
CA ASP E 61 -13.24 -22.03 -20.62
C ASP E 61 -12.09 -21.99 -19.64
N HIS E 62 -11.13 -22.92 -19.72
CA HIS E 62 -9.92 -22.83 -18.87
C HIS E 62 -10.26 -22.75 -17.39
N VAL E 63 -11.39 -23.32 -17.01
CA VAL E 63 -11.86 -23.19 -15.62
C VAL E 63 -10.90 -23.92 -14.73
N GLU E 64 -10.43 -23.23 -13.68
CA GLU E 64 -9.45 -23.78 -12.74
C GLU E 64 -10.22 -24.21 -11.49
N PRO E 65 -10.12 -25.50 -11.12
CA PRO E 65 -10.81 -25.95 -9.91
C PRO E 65 -10.23 -25.32 -8.64
N GLY E 66 -11.10 -25.14 -7.67
CA GLY E 66 -10.69 -24.66 -6.37
C GLY E 66 -10.15 -23.27 -6.43
N VAL E 67 -9.00 -23.09 -5.79
CA VAL E 67 -8.40 -21.78 -5.54
C VAL E 67 -7.20 -21.59 -6.43
N SER E 68 -7.25 -20.53 -7.23
CA SER E 68 -6.17 -20.11 -8.10
C SER E 68 -5.28 -19.11 -7.34
N VAL E 69 -4.00 -19.40 -7.33
CA VAL E 69 -3.00 -18.64 -6.58
C VAL E 69 -2.01 -18.06 -7.59
N MSE E 70 -1.80 -16.75 -7.49
CA MSE E 70 -0.90 -16.03 -8.33
C MSE E 70 0.18 -15.39 -7.52
O MSE E 70 0.08 -15.31 -6.28
CB MSE E 70 -1.66 -14.97 -9.11
CG MSE E 70 -2.31 -13.87 -8.25
SE MSE E 70 -2.99 -12.44 -9.44
CE MSE E 70 -1.24 -11.60 -10.03
N ALA E 71 1.18 -14.89 -8.23
CA ALA E 71 2.35 -14.25 -7.61
C ALA E 71 1.99 -12.85 -7.13
N ARG E 72 2.69 -12.36 -6.10
CA ARG E 72 2.54 -10.98 -5.61
C ARG E 72 2.97 -9.95 -6.65
N ARG E 73 3.92 -10.35 -7.49
CA ARG E 73 4.50 -9.50 -8.51
C ARG E 73 5.23 -10.37 -9.54
N LYS E 74 5.54 -9.81 -10.70
CA LYS E 74 6.04 -10.59 -11.84
C LYS E 74 7.31 -11.38 -11.54
N GLU E 75 8.21 -10.75 -10.82
CA GLU E 75 9.53 -11.30 -10.43
C GLU E 75 9.42 -12.58 -9.60
N GLU E 76 8.29 -12.73 -8.95
CA GLU E 76 8.00 -13.91 -8.10
C GLU E 76 7.22 -15.05 -8.81
N GLU E 77 6.93 -14.86 -10.09
CA GLU E 77 6.17 -15.87 -10.85
C GLU E 77 6.97 -17.14 -11.13
N ILE E 78 8.22 -16.97 -11.56
CA ILE E 78 9.10 -18.12 -11.89
C ILE E 78 9.22 -19.11 -10.70
N PRO E 79 9.63 -18.64 -9.51
CA PRO E 79 9.70 -19.59 -8.38
C PRO E 79 8.35 -20.19 -7.96
N LEU E 80 7.29 -19.38 -7.97
CA LEU E 80 5.94 -19.91 -7.73
C LEU E 80 5.63 -21.11 -8.65
N MSE E 81 5.83 -20.90 -9.92
CA MSE E 81 5.47 -21.88 -10.92
C MSE E 81 6.45 -23.04 -10.99
O MSE E 81 6.05 -24.17 -11.34
CB MSE E 81 5.37 -21.23 -12.29
CG MSE E 81 4.22 -20.22 -12.42
SE MSE E 81 2.50 -21.10 -12.15
CE MSE E 81 2.61 -22.41 -13.63
N THR E 82 7.71 -22.79 -10.67
CA THR E 82 8.75 -23.82 -10.77
C THR E 82 8.76 -24.75 -9.56
N LEU E 83 8.71 -24.19 -8.36
CA LEU E 83 8.97 -24.99 -7.17
C LEU E 83 7.75 -25.69 -6.64
N SER E 84 6.56 -25.17 -6.96
CA SER E 84 5.30 -25.73 -6.50
C SER E 84 5.05 -27.08 -7.15
N CYS E 85 4.89 -28.09 -6.30
CA CYS E 85 4.66 -29.45 -6.77
C CYS E 85 3.28 -29.96 -6.35
N ILE E 86 2.69 -30.75 -7.24
CA ILE E 86 1.38 -31.32 -7.01
C ILE E 86 1.45 -32.14 -5.73
N GLY E 87 0.50 -31.89 -4.84
CA GLY E 87 0.47 -32.56 -3.55
C GLY E 87 1.11 -31.78 -2.43
N ASN E 88 1.82 -30.70 -2.75
CA ASN E 88 2.45 -29.91 -1.68
C ASN E 88 1.39 -29.27 -0.80
N GLU E 89 1.77 -29.11 0.45
CA GLU E 89 0.96 -28.47 1.44
C GLU E 89 0.84 -26.94 1.18
N VAL E 90 -0.38 -26.44 1.36
CA VAL E 90 -0.71 -25.01 1.19
C VAL E 90 -1.38 -24.47 2.46
N ILE E 91 -0.86 -23.36 2.98
CA ILE E 91 -1.42 -22.74 4.19
C ILE E 91 -1.94 -21.32 3.90
N VAL E 92 -3.17 -21.06 4.33
CA VAL E 92 -3.75 -19.75 4.23
C VAL E 92 -3.15 -18.92 5.35
N MSE E 93 -2.56 -17.78 4.99
CA MSE E 93 -1.80 -16.94 5.92
C MSE E 93 -2.44 -15.61 6.31
O MSE E 93 -1.89 -14.89 7.11
CB MSE E 93 -0.42 -16.65 5.31
CG MSE E 93 0.55 -17.83 5.30
SE MSE E 93 0.65 -18.86 7.00
CE MSE E 93 1.79 -17.74 8.14
N SER E 94 -3.55 -15.24 5.69
CA SER E 94 -4.32 -14.05 6.05
C SER E 94 -5.78 -14.27 5.75
N GLY E 95 -6.63 -13.37 6.24
CA GLY E 95 -8.04 -13.40 5.98
C GLY E 95 -8.79 -14.29 6.94
N ASP E 96 -10.06 -14.54 6.65
CA ASP E 96 -10.95 -15.27 7.56
C ASP E 96 -10.67 -16.75 7.69
N ALA E 97 -9.98 -17.32 6.71
CA ALA E 97 -9.65 -18.76 6.74
C ALA E 97 -8.17 -18.98 7.13
N LYS E 98 -7.58 -17.96 7.74
CA LYS E 98 -6.19 -18.03 8.19
C LYS E 98 -5.95 -19.29 9.00
N GLY E 99 -4.98 -20.09 8.58
CA GLY E 99 -4.60 -21.31 9.28
C GLY E 99 -5.10 -22.59 8.60
N SER E 100 -6.03 -22.43 7.66
CA SER E 100 -6.56 -23.54 6.89
C SER E 100 -5.50 -24.11 5.95
N ARG E 101 -5.51 -25.42 5.80
CA ARG E 101 -4.53 -26.09 4.96
C ARG E 101 -5.20 -26.80 3.80
N GLY E 102 -4.52 -26.76 2.67
CA GLY E 102 -4.93 -27.41 1.44
C GLY E 102 -3.74 -28.04 0.73
N PHE E 103 -3.96 -28.49 -0.50
CA PHE E 103 -2.96 -29.18 -1.29
C PHE E 103 -2.95 -28.72 -2.78
N VAL E 104 -1.75 -28.57 -3.32
CA VAL E 104 -1.61 -28.21 -4.71
C VAL E 104 -2.14 -29.31 -5.57
N THR E 105 -3.07 -28.95 -6.48
CA THR E 105 -3.66 -29.91 -7.42
C THR E 105 -3.05 -29.79 -8.79
N GLY E 106 -2.41 -28.65 -9.08
CA GLY E 106 -1.93 -28.38 -10.41
C GLY E 106 -1.38 -26.99 -10.54
N LYS E 107 -0.93 -26.67 -11.75
CA LYS E 107 -0.52 -25.29 -12.06
C LYS E 107 -0.70 -25.06 -13.52
N HIS E 108 -0.87 -23.78 -13.88
CA HIS E 108 -1.28 -23.36 -15.21
C HIS E 108 -0.41 -22.19 -15.65
N GLY E 109 0.37 -22.41 -16.71
CA GLY E 109 1.26 -21.42 -17.26
C GLY E 109 0.53 -20.34 -18.08
N GLY E 110 1.24 -19.24 -18.36
CA GLY E 110 0.66 -18.09 -19.06
C GLY E 110 0.25 -17.07 -18.02
N VAL E 111 -0.94 -17.23 -17.47
CA VAL E 111 -1.36 -16.44 -16.28
C VAL E 111 -0.56 -16.77 -15.02
N ASN E 112 0.00 -17.98 -15.00
CA ASN E 112 0.92 -18.46 -13.95
C ASN E 112 0.22 -18.59 -12.59
N HIS E 113 -0.71 -19.53 -12.56
CA HIS E 113 -1.49 -19.86 -11.37
C HIS E 113 -1.15 -21.22 -10.87
N VAL E 114 -1.05 -21.30 -9.56
CA VAL E 114 -0.95 -22.55 -8.88
C VAL E 114 -2.32 -22.86 -8.31
N LEU E 115 -2.78 -24.10 -8.50
CA LEU E 115 -4.18 -24.45 -8.19
C LEU E 115 -4.24 -25.25 -6.91
N VAL E 116 -5.21 -24.95 -6.05
CA VAL E 116 -5.23 -25.50 -4.71
C VAL E 116 -6.61 -26.03 -4.28
N HIS E 117 -6.58 -27.19 -3.65
CA HIS E 117 -7.76 -27.77 -3.06
C HIS E 117 -7.81 -27.58 -1.57
N PHE E 118 -8.85 -26.89 -1.12
CA PHE E 118 -9.21 -26.81 0.28
C PHE E 118 -10.52 -27.54 0.52
N GLU E 119 -10.76 -27.94 1.75
CA GLU E 119 -12.07 -28.46 2.13
C GLU E 119 -13.14 -27.40 1.85
N GLU E 120 -14.32 -27.89 1.50
CA GLU E 120 -15.40 -27.06 0.99
C GLU E 120 -15.75 -25.89 1.92
N GLU E 121 -15.83 -26.18 3.22
CA GLU E 121 -16.14 -25.17 4.25
C GLU E 121 -15.17 -23.97 4.25
N VAL E 122 -13.92 -24.22 3.88
CA VAL E 122 -12.89 -23.18 3.79
C VAL E 122 -13.19 -22.13 2.68
N LEU E 123 -13.76 -22.59 1.57
CA LEU E 123 -13.90 -21.75 0.36
C LEU E 123 -14.75 -20.52 0.58
N GLY E 124 -15.78 -20.69 1.41
CA GLY E 124 -16.72 -19.61 1.73
C GLY E 124 -16.13 -18.55 2.65
N LYS E 125 -14.95 -18.81 3.18
CA LYS E 125 -14.25 -17.85 4.05
C LYS E 125 -13.14 -17.09 3.33
N LEU E 126 -12.80 -17.59 2.14
CA LEU E 126 -11.68 -17.07 1.37
C LEU E 126 -12.08 -15.83 0.58
N MSE E 127 -11.04 -15.00 0.33
CA MSE E 127 -11.20 -13.78 -0.38
C MSE E 127 -10.01 -13.66 -1.30
O MSE E 127 -8.88 -13.98 -0.91
CB MSE E 127 -11.23 -12.62 0.61
CG MSE E 127 -11.57 -11.27 -0.02
SE MSE E 127 -13.09 -11.29 -1.33
CE MSE E 127 -13.16 -9.32 -1.59
N VAL E 128 -10.26 -13.16 -2.52
CA VAL E 128 -9.23 -12.79 -3.48
C VAL E 128 -8.29 -11.80 -2.80
N GLY E 129 -6.99 -12.03 -2.96
CA GLY E 129 -5.97 -11.22 -2.28
C GLY E 129 -5.44 -11.84 -0.99
N ASP E 130 -6.10 -12.86 -0.47
CA ASP E 130 -5.62 -13.52 0.75
C ASP E 130 -4.26 -14.18 0.49
N LYS E 131 -3.39 -14.06 1.48
CA LYS E 131 -2.03 -14.57 1.38
C LYS E 131 -1.93 -16.09 1.47
N ILE E 132 -1.08 -16.62 0.63
CA ILE E 132 -0.95 -18.07 0.47
C ILE E 132 0.51 -18.50 0.56
N LEU E 133 0.76 -19.49 1.39
CA LEU E 133 2.06 -20.10 1.51
C LEU E 133 1.99 -21.53 1.01
N ILE E 134 2.82 -21.80 0.02
CA ILE E 134 3.08 -23.14 -0.45
C ILE E 134 4.42 -23.62 0.13
N LYS E 135 4.38 -24.77 0.83
CA LYS E 135 5.60 -25.40 1.33
C LYS E 135 6.13 -26.28 0.18
N ALA E 136 6.91 -25.66 -0.69
CA ALA E 136 7.34 -26.24 -1.94
C ALA E 136 8.41 -27.32 -1.74
N TRP E 137 8.20 -28.46 -2.38
CA TRP E 137 9.02 -29.66 -2.13
C TRP E 137 8.78 -30.70 -3.21
N GLY E 138 9.86 -31.11 -3.88
CA GLY E 138 9.84 -32.12 -4.89
C GLY E 138 10.76 -31.93 -6.08
N GLN E 139 11.08 -30.70 -6.42
CA GLN E 139 11.98 -30.45 -7.56
C GLN E 139 13.36 -30.83 -7.11
N GLY E 140 14.00 -31.63 -7.95
CA GLY E 140 15.28 -32.25 -7.64
C GLY E 140 15.15 -33.76 -7.38
N LEU E 141 13.91 -34.22 -7.22
CA LEU E 141 13.60 -35.64 -6.95
C LEU E 141 14.14 -36.51 -8.09
N LYS E 142 14.90 -37.55 -7.68
CA LYS E 142 15.41 -38.58 -8.62
C LYS E 142 15.12 -40.01 -8.15
N LEU E 143 14.92 -40.89 -9.12
CA LEU E 143 14.78 -42.34 -8.86
C LEU E 143 16.15 -42.97 -9.01
N LEU E 144 16.72 -43.35 -7.88
CA LEU E 144 18.13 -43.73 -7.84
C LEU E 144 18.43 -45.02 -8.62
N ASP E 145 17.42 -45.86 -8.79
CA ASP E 145 17.56 -47.09 -9.56
C ASP E 145 17.07 -46.96 -11.00
N HIS E 146 16.56 -45.79 -11.36
CA HIS E 146 16.01 -45.56 -12.70
C HIS E 146 16.47 -44.19 -13.21
N PRO E 147 17.79 -44.06 -13.43
CA PRO E 147 18.39 -42.78 -13.75
C PRO E 147 17.85 -42.13 -15.01
N ASP E 148 17.39 -42.94 -15.97
CA ASP E 148 16.85 -42.43 -17.25
C ASP E 148 15.34 -42.16 -17.24
N VAL E 149 14.72 -42.35 -16.08
CA VAL E 149 13.32 -41.98 -15.85
C VAL E 149 13.30 -40.73 -14.99
N LYS E 150 12.91 -39.61 -15.59
CA LYS E 150 12.92 -38.34 -14.90
C LYS E 150 11.56 -38.09 -14.27
N VAL E 151 11.59 -37.52 -13.08
CA VAL E 151 10.38 -37.14 -12.36
C VAL E 151 10.45 -35.68 -11.97
N MSE E 152 9.29 -35.09 -11.77
CA MSE E 152 9.20 -33.65 -11.53
C MSE E 152 7.79 -33.28 -11.10
O MSE E 152 6.88 -34.05 -11.21
CB MSE E 152 9.50 -32.88 -12.80
CG MSE E 152 8.49 -33.14 -13.87
SE MSE E 152 8.97 -32.52 -15.69
CE MSE E 152 10.35 -33.84 -16.15
N ASN E 153 7.64 -32.08 -10.56
CA ASN E 153 6.34 -31.47 -10.33
C ASN E 153 5.46 -32.20 -9.34
N ILE E 154 6.04 -33.07 -8.56
CA ILE E 154 5.29 -33.98 -7.73
C ILE E 154 5.90 -34.07 -6.32
N ASP E 155 5.04 -33.84 -5.35
CA ASP E 155 5.35 -34.09 -3.95
C ASP E 155 5.80 -35.54 -3.74
N PRO E 156 6.96 -35.76 -3.13
CA PRO E 156 7.43 -37.13 -3.04
C PRO E 156 6.51 -38.09 -2.28
N ASP E 157 5.79 -37.59 -1.28
CA ASP E 157 4.84 -38.45 -0.58
C ASP E 157 3.64 -38.76 -1.45
N LEU E 158 3.16 -37.79 -2.20
CA LEU E 158 2.06 -38.07 -3.12
C LEU E 158 2.52 -39.03 -4.22
N PHE E 159 3.76 -38.90 -4.63
CA PHE E 159 4.32 -39.79 -5.67
C PHE E 159 4.19 -41.26 -5.26
N GLU E 160 4.41 -41.54 -3.98
CA GLU E 160 4.32 -42.92 -3.46
C GLU E 160 2.90 -43.49 -3.39
N LYS E 161 1.88 -42.65 -3.57
CA LYS E 161 0.48 -43.09 -3.54
C LYS E 161 -0.16 -43.36 -4.91
N LEU E 162 0.59 -43.19 -5.98
CA LEU E 162 0.04 -43.28 -7.35
C LEU E 162 -0.04 -44.70 -7.90
N GLY E 163 0.25 -45.69 -7.07
CA GLY E 163 0.18 -47.10 -7.49
C GLY E 163 1.25 -47.51 -8.48
N ILE E 164 2.33 -46.74 -8.51
CA ILE E 164 3.45 -47.01 -9.42
C ILE E 164 4.26 -48.17 -8.84
N GLN E 165 4.62 -49.15 -9.65
CA GLN E 165 5.43 -50.30 -9.19
C GLN E 165 6.64 -50.55 -10.07
N GLU E 166 7.74 -51.02 -9.45
CA GLU E 166 8.93 -51.48 -10.14
C GLU E 166 8.80 -52.96 -10.31
N LYS E 167 9.15 -53.42 -11.49
CA LYS E 167 9.32 -54.83 -11.76
C LYS E 167 10.19 -55.00 -12.99
N ASN E 168 11.39 -55.57 -12.82
CA ASN E 168 12.22 -55.98 -13.96
C ASN E 168 12.96 -54.82 -14.63
N GLY E 169 13.34 -53.82 -13.83
CA GLY E 169 13.95 -52.57 -14.33
C GLY E 169 13.00 -51.68 -15.11
N LYS E 170 11.70 -51.99 -15.02
CA LYS E 170 10.65 -51.20 -15.66
C LYS E 170 9.68 -50.62 -14.64
N ILE E 171 9.01 -49.55 -15.03
CA ILE E 171 8.13 -48.79 -14.13
C ILE E 171 6.70 -48.86 -14.68
N HIS E 172 5.80 -49.47 -13.92
CA HIS E 172 4.38 -49.58 -14.30
C HIS E 172 3.54 -48.47 -13.66
N VAL E 173 2.78 -47.75 -14.47
CA VAL E 173 2.07 -46.58 -14.01
C VAL E 173 0.57 -46.66 -14.37
N PRO E 174 -0.33 -46.66 -13.36
CA PRO E 174 -1.76 -46.59 -13.66
C PRO E 174 -2.14 -45.25 -14.31
N VAL E 175 -2.86 -45.33 -15.41
CA VAL E 175 -3.40 -44.16 -16.12
C VAL E 175 -4.87 -44.39 -16.52
N VAL E 176 -5.62 -43.29 -16.68
CA VAL E 176 -6.99 -43.44 -17.21
C VAL E 176 -7.05 -43.42 -18.75
N ALA E 177 -6.01 -42.86 -19.37
CA ALA E 177 -5.92 -42.74 -20.83
C ALA E 177 -4.49 -42.62 -21.29
N LYS E 178 -4.27 -43.03 -22.52
CA LYS E 178 -3.01 -42.82 -23.25
C LYS E 178 -3.33 -41.88 -24.42
N ILE E 179 -2.66 -40.75 -24.45
CA ILE E 179 -2.97 -39.64 -25.36
C ILE E 179 -1.89 -39.55 -26.44
N PRO E 180 -2.30 -39.59 -27.71
CA PRO E 180 -1.31 -39.46 -28.76
C PRO E 180 -0.70 -38.08 -28.81
N ALA E 181 0.56 -38.05 -29.25
CA ALA E 181 1.31 -36.80 -29.39
C ALA E 181 0.48 -35.73 -30.09
N HIS E 182 -0.22 -36.11 -31.16
CA HIS E 182 -0.93 -35.13 -31.98
C HIS E 182 -2.09 -34.42 -31.29
N MSE E 183 -2.50 -34.94 -30.14
CA MSE E 183 -3.58 -34.35 -29.36
C MSE E 183 -3.08 -33.27 -28.41
O MSE E 183 -3.87 -32.61 -27.76
CB MSE E 183 -4.32 -35.42 -28.57
CG MSE E 183 -5.09 -36.39 -29.46
SE MSE E 183 -6.49 -35.42 -30.48
CE MSE E 183 -7.44 -34.55 -28.98
N MSE E 184 -1.78 -33.10 -28.34
CA MSE E 184 -1.17 -32.07 -27.51
C MSE E 184 -0.96 -30.75 -28.29
O MSE E 184 -0.50 -30.74 -29.43
CB MSE E 184 0.17 -32.59 -26.93
CG MSE E 184 0.07 -33.90 -26.12
SE MSE E 184 -1.25 -33.84 -24.68
CE MSE E 184 -0.48 -32.37 -23.60
N GLY E 185 -1.34 -29.64 -27.65
CA GLY E 185 -1.36 -28.31 -28.29
C GLY E 185 -0.66 -27.21 -27.47
N SER E 186 -1.46 -26.24 -27.04
CA SER E 186 -0.94 -25.06 -26.39
C SER E 186 0.03 -25.42 -25.23
N GLY E 187 1.21 -24.82 -25.27
CA GLY E 187 2.21 -24.96 -24.22
C GLY E 187 3.42 -25.75 -24.70
N ILE E 188 3.29 -26.48 -25.81
CA ILE E 188 4.47 -27.09 -26.39
C ILE E 188 5.49 -26.00 -26.64
N GLY E 189 6.74 -26.27 -26.29
CA GLY E 189 7.82 -25.31 -26.52
C GLY E 189 8.13 -24.39 -25.36
N ALA E 190 7.36 -24.44 -24.27
CA ALA E 190 7.74 -23.70 -23.07
C ALA E 190 9.14 -24.13 -22.64
N SER E 191 9.87 -23.18 -22.04
CA SER E 191 11.27 -23.42 -21.67
C SER E 191 11.49 -24.63 -20.80
N SER E 192 10.58 -24.82 -19.84
CA SER E 192 10.72 -25.87 -18.86
C SER E 192 9.39 -26.53 -18.47
N SER E 193 9.36 -27.84 -18.60
CA SER E 193 8.26 -28.67 -18.12
C SER E 193 8.03 -28.56 -16.60
N ALA E 194 9.01 -28.05 -15.89
CA ALA E 194 8.87 -27.84 -14.43
C ALA E 194 8.00 -26.64 -14.10
N SER E 195 7.69 -25.79 -15.08
CA SER E 195 7.08 -24.49 -14.75
C SER E 195 5.78 -24.20 -15.47
N THR E 196 5.21 -25.21 -16.11
CA THR E 196 3.96 -25.04 -16.85
C THR E 196 3.22 -26.35 -17.08
N ASP E 197 1.96 -26.20 -17.49
CA ASP E 197 1.18 -27.30 -18.03
C ASP E 197 1.19 -27.18 -19.54
N TYR E 198 0.65 -28.17 -20.24
CA TYR E 198 0.31 -28.02 -21.63
C TYR E 198 -0.98 -28.75 -21.95
N ASP E 199 -1.64 -28.32 -23.05
CA ASP E 199 -3.06 -28.65 -23.27
C ASP E 199 -3.29 -29.89 -24.15
N ILE E 200 -4.20 -30.76 -23.71
CA ILE E 200 -4.78 -31.81 -24.55
C ILE E 200 -5.91 -31.17 -25.32
N MSE E 201 -5.78 -31.07 -26.64
CA MSE E 201 -6.80 -30.35 -27.42
C MSE E 201 -7.94 -31.28 -27.90
O MSE E 201 -8.27 -31.36 -29.08
CB MSE E 201 -6.17 -29.52 -28.57
CG MSE E 201 -5.28 -30.26 -29.51
SE MSE E 201 -4.66 -29.11 -30.96
CE MSE E 201 -3.14 -30.21 -31.64
N ALA E 202 -8.52 -31.97 -26.95
CA ALA E 202 -9.70 -32.82 -27.18
C ALA E 202 -10.94 -31.99 -26.86
N SER E 203 -11.79 -31.80 -27.85
CA SER E 203 -13.04 -31.04 -27.66
C SER E 203 -14.04 -31.77 -26.80
N ASN E 204 -14.02 -33.09 -26.89
CA ASN E 204 -14.85 -34.02 -26.11
C ASN E 204 -13.98 -35.17 -25.60
N PRO E 205 -14.36 -35.77 -24.45
CA PRO E 205 -13.58 -36.88 -23.91
C PRO E 205 -13.49 -38.06 -24.81
N GLU E 206 -14.55 -38.29 -25.59
CA GLU E 206 -14.64 -39.40 -26.53
C GLU E 206 -13.54 -39.31 -27.60
N ASP E 207 -13.09 -38.09 -27.88
CA ASP E 207 -11.92 -37.84 -28.75
C ASP E 207 -10.60 -38.48 -28.26
N LEU E 208 -10.58 -38.83 -26.97
CA LEU E 208 -9.48 -39.57 -26.34
C LEU E 208 -9.86 -41.03 -26.01
N GLY E 209 -10.98 -41.51 -26.52
CA GLY E 209 -11.39 -42.91 -26.32
C GLY E 209 -11.91 -43.27 -24.96
N VAL E 210 -12.30 -42.25 -24.22
CA VAL E 210 -12.84 -42.41 -22.87
C VAL E 210 -14.19 -41.67 -22.70
N ALA E 211 -15.04 -42.19 -21.83
CA ALA E 211 -16.34 -41.57 -21.57
C ALA E 211 -16.17 -40.21 -20.89
N ASP E 212 -15.12 -40.10 -20.08
CA ASP E 212 -14.88 -38.89 -19.30
C ASP E 212 -13.42 -38.70 -19.00
N LEU E 213 -13.03 -37.45 -18.85
CA LEU E 213 -11.67 -37.14 -18.36
C LEU E 213 -11.87 -36.18 -17.19
N LYS E 214 -11.33 -36.53 -16.04
CA LYS E 214 -11.56 -35.75 -14.83
C LYS E 214 -10.31 -34.92 -14.43
N LEU E 215 -10.58 -33.80 -13.81
CA LEU E 215 -9.54 -33.01 -13.14
C LEU E 215 -8.93 -33.90 -12.06
N GLY E 216 -7.61 -33.98 -12.08
CA GLY E 216 -6.84 -34.85 -11.17
C GLY E 216 -6.44 -36.18 -11.79
N ASP E 217 -6.93 -36.48 -12.99
CA ASP E 217 -6.66 -37.75 -13.65
C ASP E 217 -5.19 -37.89 -14.03
N ILE E 218 -4.68 -39.11 -13.85
CA ILE E 218 -3.33 -39.47 -14.30
C ILE E 218 -3.42 -40.00 -15.71
N VAL E 219 -2.64 -39.41 -16.60
CA VAL E 219 -2.65 -39.75 -18.04
C VAL E 219 -1.25 -39.99 -18.58
N ALA E 220 -1.17 -40.72 -19.69
CA ALA E 220 0.09 -40.93 -20.41
C ALA E 220 0.03 -40.13 -21.70
N ILE E 221 1.14 -39.49 -22.05
CA ILE E 221 1.27 -38.80 -23.33
C ILE E 221 2.28 -39.62 -24.13
N GLN E 222 1.81 -40.18 -25.24
CA GLN E 222 2.66 -41.02 -26.09
C GLN E 222 3.55 -40.15 -27.02
N ASP E 223 4.81 -40.52 -27.08
CA ASP E 223 5.78 -39.97 -28.06
C ASP E 223 6.20 -38.55 -27.81
N HIS E 224 6.07 -38.12 -26.55
CA HIS E 224 6.54 -36.82 -26.10
C HIS E 224 7.58 -36.98 -25.01
N ASP E 225 8.69 -36.29 -25.22
CA ASP E 225 9.76 -36.15 -24.22
C ASP E 225 9.64 -34.77 -23.57
N ASN E 226 9.57 -34.75 -22.23
CA ASN E 226 9.41 -33.54 -21.43
C ASN E 226 10.58 -33.30 -20.42
N SER E 227 11.76 -33.77 -20.78
CA SER E 227 12.91 -33.76 -19.88
C SER E 227 13.39 -32.39 -19.52
N TYR E 228 13.33 -31.51 -20.54
CA TYR E 228 13.74 -30.12 -20.41
C TYR E 228 12.59 -29.20 -20.83
N GLY E 229 12.57 -28.73 -22.07
CA GLY E 229 11.43 -28.01 -22.57
C GLY E 229 10.24 -28.89 -22.82
N VAL E 230 9.08 -28.26 -23.11
CA VAL E 230 7.81 -28.99 -23.19
C VAL E 230 7.53 -29.51 -24.56
N GLY E 231 7.11 -30.78 -24.63
CA GLY E 231 6.40 -31.38 -25.78
C GLY E 231 7.25 -31.79 -26.99
N LYS E 232 8.48 -32.20 -26.73
CA LYS E 232 9.33 -32.66 -27.80
C LYS E 232 8.80 -33.97 -28.36
N TYR E 233 8.40 -33.96 -29.63
CA TYR E 233 7.98 -35.17 -30.28
C TYR E 233 9.20 -36.04 -30.45
N ARG E 234 9.13 -37.24 -29.90
CA ARG E 234 10.13 -38.26 -30.17
C ARG E 234 9.43 -39.61 -30.08
N LYS E 235 9.51 -40.37 -31.16
CA LYS E 235 8.88 -41.67 -31.22
C LYS E 235 9.51 -42.62 -30.20
N GLY E 236 8.66 -43.17 -29.35
CA GLY E 236 9.07 -44.06 -28.30
C GLY E 236 9.21 -43.41 -26.94
N ALA E 237 9.21 -42.08 -26.87
CA ALA E 237 9.19 -41.42 -25.56
C ALA E 237 7.81 -41.65 -24.98
N VAL E 238 7.71 -41.52 -23.66
CA VAL E 238 6.44 -41.46 -22.97
C VAL E 238 6.54 -40.49 -21.78
N SER E 239 5.48 -39.73 -21.58
CA SER E 239 5.39 -38.86 -20.41
C SER E 239 4.12 -39.21 -19.62
N ILE E 240 4.16 -39.04 -18.30
CA ILE E 240 3.03 -39.21 -17.41
C ILE E 240 2.70 -37.82 -16.88
N GLY E 241 1.42 -37.50 -16.81
CA GLY E 241 1.00 -36.23 -16.27
C GLY E 241 -0.35 -36.27 -15.56
N VAL E 242 -0.68 -35.12 -14.99
CA VAL E 242 -1.90 -34.91 -14.19
C VAL E 242 -2.80 -33.83 -14.84
N VAL E 243 -4.06 -34.13 -15.00
CA VAL E 243 -5.00 -33.18 -15.56
C VAL E 243 -5.32 -32.09 -14.56
N VAL E 244 -5.09 -30.83 -14.96
CA VAL E 244 -5.11 -29.70 -13.98
C VAL E 244 -6.15 -28.61 -14.22
N HIS E 245 -6.68 -28.48 -15.42
CA HIS E 245 -7.79 -27.51 -15.67
C HIS E 245 -8.82 -28.02 -16.68
N SER E 246 -9.93 -27.30 -16.78
CA SER E 246 -11.08 -27.78 -17.54
C SER E 246 -10.94 -27.60 -19.06
N ALA E 247 -11.86 -28.20 -19.79
CA ALA E 247 -11.94 -28.09 -21.26
C ALA E 247 -11.98 -26.62 -21.70
N CYS E 248 -11.62 -26.41 -22.95
CA CYS E 248 -11.43 -25.09 -23.50
C CYS E 248 -12.14 -25.01 -24.84
N VAL E 249 -12.56 -23.80 -25.22
CA VAL E 249 -13.39 -23.61 -26.43
C VAL E 249 -12.58 -23.21 -27.69
N SER E 250 -11.36 -22.72 -27.51
CA SER E 250 -10.54 -22.16 -28.61
C SER E 250 -9.58 -23.17 -29.23
N ALA E 251 -9.25 -22.97 -30.50
CA ALA E 251 -8.37 -23.91 -31.21
C ALA E 251 -7.06 -24.08 -30.46
N GLY E 252 -6.65 -25.32 -30.30
CA GLY E 252 -5.36 -25.65 -29.74
C GLY E 252 -5.31 -25.72 -28.23
N HIS E 253 -6.46 -25.53 -27.60
CA HIS E 253 -6.57 -25.58 -26.14
C HIS E 253 -7.46 -26.73 -25.71
N GLY E 254 -7.38 -27.08 -24.44
CA GLY E 254 -8.16 -28.18 -23.86
C GLY E 254 -7.68 -28.46 -22.45
N PRO E 255 -8.13 -29.56 -21.83
CA PRO E 255 -7.65 -29.75 -20.47
C PRO E 255 -6.14 -29.75 -20.34
N GLY E 256 -5.65 -29.07 -19.31
CA GLY E 256 -4.20 -28.94 -19.15
C GLY E 256 -3.60 -30.10 -18.43
N VAL E 257 -2.36 -30.39 -18.77
CA VAL E 257 -1.59 -31.47 -18.19
C VAL E 257 -0.26 -30.96 -17.63
N VAL E 258 0.00 -31.28 -16.36
CA VAL E 258 1.32 -31.07 -15.75
C VAL E 258 2.07 -32.39 -15.72
N VAL E 259 3.25 -32.42 -16.30
CA VAL E 259 4.07 -33.65 -16.40
C VAL E 259 4.78 -33.95 -15.07
N ILE E 260 4.67 -35.19 -14.65
CA ILE E 260 5.33 -35.64 -13.41
C ILE E 260 6.42 -36.70 -13.67
N MSE E 261 6.42 -37.28 -14.86
CA MSE E 261 7.42 -38.28 -15.25
C MSE E 261 7.62 -38.35 -16.77
O MSE E 261 6.69 -38.16 -17.54
CB MSE E 261 6.95 -39.67 -14.75
CG MSE E 261 8.01 -40.72 -14.72
SE MSE E 261 7.20 -42.55 -14.28
CE MSE E 261 7.03 -42.27 -12.37
N THR E 262 8.85 -38.63 -17.18
CA THR E 262 9.17 -38.71 -18.61
C THR E 262 10.38 -39.59 -18.80
N GLY E 263 10.33 -40.36 -19.87
CA GLY E 263 11.41 -41.27 -20.22
C GLY E 263 11.06 -42.03 -21.47
N ASP E 264 11.67 -43.21 -21.62
CA ASP E 264 11.46 -44.09 -22.78
C ASP E 264 10.37 -45.16 -22.50
N GLU E 265 9.68 -45.57 -23.56
CA GLU E 265 8.69 -46.64 -23.50
C GLU E 265 9.27 -48.00 -23.05
N SER E 266 10.57 -48.20 -23.24
CA SER E 266 11.24 -49.40 -22.73
C SER E 266 11.36 -49.44 -21.19
N LYS E 267 11.14 -48.29 -20.53
CA LYS E 267 11.29 -48.21 -19.06
C LYS E 267 9.97 -47.85 -18.35
N ILE E 268 9.12 -47.09 -19.02
CA ILE E 268 7.83 -46.64 -18.43
C ILE E 268 6.69 -47.33 -19.19
N LEU E 269 5.86 -48.05 -18.45
CA LEU E 269 4.76 -48.85 -18.98
C LEU E 269 3.43 -48.32 -18.40
N PRO E 270 2.77 -47.40 -19.12
CA PRO E 270 1.46 -46.96 -18.65
C PRO E 270 0.47 -48.11 -18.79
N GLU E 271 -0.37 -48.26 -17.78
CA GLU E 271 -1.37 -49.31 -17.77
C GLU E 271 -2.75 -48.73 -17.50
N GLU E 272 -3.66 -48.93 -18.44
CA GLU E 272 -4.94 -48.24 -18.45
C GLU E 272 -5.88 -48.88 -17.45
N VAL E 273 -6.38 -48.06 -16.54
CA VAL E 273 -7.30 -48.53 -15.52
C VAL E 273 -8.56 -47.67 -15.57
N GLU E 274 -9.56 -48.10 -14.81
CA GLU E 274 -10.83 -47.39 -14.71
C GLU E 274 -10.64 -46.01 -14.02
N ARG E 275 -9.87 -46.02 -12.94
CA ARG E 275 -9.69 -44.83 -12.13
C ARG E 275 -8.25 -44.62 -11.67
N ALA E 276 -7.72 -43.43 -11.91
CA ALA E 276 -6.40 -43.01 -11.42
C ALA E 276 -6.51 -41.51 -11.27
N ASN E 277 -6.78 -41.06 -10.06
CA ASN E 277 -7.06 -39.63 -9.82
C ASN E 277 -6.49 -39.17 -8.49
N ILE E 278 -5.79 -38.05 -8.51
CA ILE E 278 -5.09 -37.60 -7.29
C ILE E 278 -6.03 -37.20 -6.15
N SER E 279 -7.31 -36.92 -6.47
CA SER E 279 -8.30 -36.56 -5.43
C SER E 279 -8.51 -37.72 -4.45
N ASP E 280 -8.28 -38.94 -4.90
CA ASP E 280 -8.35 -40.08 -4.00
C ASP E 280 -7.27 -40.09 -2.93
N TYR E 281 -6.21 -39.30 -3.11
CA TYR E 281 -5.05 -39.36 -2.23
C TYR E 281 -4.54 -38.06 -1.67
N LEU E 282 -5.13 -36.92 -1.90
CA LEU E 282 -4.40 -35.74 -1.43
C LEU E 282 -4.20 -35.81 0.11
N VAL E 283 -5.13 -36.42 0.83
CA VAL E 283 -5.25 -36.13 2.27
C VAL E 283 -6.39 -36.90 2.89
S SO4 F . 3.00 8.99 -2.95
O1 SO4 F . 3.93 10.11 -2.71
O2 SO4 F . 3.21 8.50 -4.31
O3 SO4 F . 3.26 7.92 -1.99
O4 SO4 F . 1.62 9.46 -2.85
S SO4 G . -1.40 -0.16 14.46
O1 SO4 G . -1.31 0.37 13.09
O2 SO4 G . -2.37 -1.25 14.45
O3 SO4 G . -0.07 -0.67 14.77
O4 SO4 G . -1.85 0.89 15.38
S SO4 H . 31.05 34.72 30.55
O1 SO4 H . 32.34 34.67 31.26
O2 SO4 H . 30.97 33.59 29.62
O3 SO4 H . 29.96 34.70 31.55
O4 SO4 H . 30.95 35.97 29.78
CL CL I . 35.76 33.83 13.35
CL CL J . 17.45 10.78 22.80
CL CL K . 15.59 44.16 21.32
K K L . 18.38 7.78 15.43
S SO4 M . -3.59 5.87 -7.41
O1 SO4 M . -2.29 5.41 -7.87
O2 SO4 M . -4.44 4.69 -7.27
O3 SO4 M . -3.40 6.54 -6.12
O4 SO4 M . -4.19 6.80 -8.38
S SO4 N . -8.73 0.94 12.00
O1 SO4 N . -8.25 2.02 12.85
O2 SO4 N . -7.94 0.90 10.77
O3 SO4 N . -8.56 -0.33 12.71
O4 SO4 N . -10.15 1.13 11.69
S SO4 O . -28.98 8.37 5.87
O1 SO4 O . -27.87 9.31 5.74
O2 SO4 O . -29.91 8.52 4.73
O3 SO4 O . -28.46 6.99 5.95
O4 SO4 O . -29.73 8.69 7.09
S SO4 P . -43.52 24.64 -8.03
O1 SO4 P . -42.34 25.45 -8.35
O2 SO4 P . -43.14 23.39 -7.37
O3 SO4 P . -44.35 25.46 -7.15
O4 SO4 P . -44.31 24.28 -9.21
CL CL Q . -16.88 47.91 -5.18
CL CL R . -13.38 23.72 14.17
K K S . -6.67 22.16 10.06
S SO4 T . -1.49 -2.05 -9.38
O1 SO4 T . -0.17 -1.49 -9.62
O2 SO4 T . -1.36 -3.51 -9.41
O3 SO4 T . -1.98 -1.60 -8.07
O4 SO4 T . -2.42 -1.60 -10.42
S SO4 U . -11.49 -5.48 8.40
O1 SO4 U . -11.17 -4.22 7.70
O2 SO4 U . -11.30 -6.68 7.57
O3 SO4 U . -10.61 -5.53 9.55
O4 SO4 U . -12.90 -5.46 8.83
CL CL V . -30.49 -0.48 -3.69
CL CL W . -36.32 -20.82 -29.85
CL CL X . -38.43 2.88 -33.50
K K Y . -24.27 4.44 -5.25
S SO4 Z . 8.97 2.72 -2.96
O1 SO4 Z . 10.08 3.68 -3.06
O2 SO4 Z . 9.51 1.38 -2.71
O3 SO4 Z . 8.05 3.10 -1.88
O4 SO4 Z . 8.21 2.68 -4.20
S SO4 AA . 0.82 -7.98 12.33
O1 SO4 AA . 1.39 -6.71 11.88
O2 SO4 AA . -0.53 -7.69 12.80
O3 SO4 AA . 1.59 -8.53 13.45
O4 SO4 AA . 0.74 -8.90 11.20
S SO4 BA . 47.69 -26.11 12.97
O1 SO4 BA . 48.75 -25.14 12.70
O2 SO4 BA . 48.27 -27.45 13.10
O3 SO4 BA . 47.07 -25.76 14.25
O4 SO4 BA . 46.73 -26.10 11.88
CL CL CA . 47.04 -19.77 -4.02
CL CL DA . 19.58 -21.38 10.41
K K EA . 16.24 -19.11 3.37
S SO4 FA . 6.05 -3.57 -6.86
O1 SO4 FA . 6.07 -2.25 -7.51
O2 SO4 FA . 7.28 -3.75 -6.08
O3 SO4 FA . 4.89 -3.63 -5.96
O4 SO4 FA . 5.99 -4.58 -7.92
S SO4 GA . -5.31 -11.18 8.60
O1 SO4 GA . -5.30 -10.50 7.29
O2 SO4 GA . -6.37 -12.19 8.66
O3 SO4 GA . -4.05 -11.88 8.85
O4 SO4 GA . -5.53 -10.15 9.61
CL CL HA . -10.16 -28.42 -5.90
CL CL IA . 20.71 -34.92 -6.75
K K JA . -10.17 -21.11 -9.42
#